data_6ZBN
#
_entry.id   6ZBN
#
_cell.length_a   77.062
_cell.length_b   75.472
_cell.length_c   127.555
_cell.angle_alpha   90.000
_cell.angle_beta   95.040
_cell.angle_gamma   90.000
#
_symmetry.space_group_name_H-M   'P 1 21 1'
#
loop_
_entity.id
_entity.type
_entity.pdbx_description
1 polymer 'Egl nine homolog 1'
2 non-polymer '~{tert}-butyl 6-[5-oxidanyl-4-(1,2,3-triazol-1-yl)pyrazol-1-yl]pyridine-3-carboxylate'
3 non-polymer 'MANGANESE (II) ION'
4 non-polymer GLYCEROL
5 water water
#
_entity_poly.entity_id   1
_entity_poly.type   'polypeptide(L)'
_entity_poly.pdbx_seq_one_letter_code
;PNGQTKPLPALKLALEYIVPCMNKHGICVVDDFLGKETGQQIGDEVRALHDTGKFTDGQLVSQKSDSSKDIRGDKITWIE
GKEPGCETIGLLMSSMDDLIRHCNGKLGSYKINGRTKAMVACYPGNGTGYVRHVDNPNGDGRCVTCIYYLNKDWDAKVSG
GILRIFPEGKAQFADIEPKFDRLLFFWSDRRNPHEVQPAYATRYAITVWYFDADERARAKVKYLTGE
;
_entity_poly.pdbx_strand_id   A,B,C,D,E,F
#
loop_
_chem_comp.id
_chem_comp.type
_chem_comp.name
_chem_comp.formula
GOL non-polymer GLYCEROL 'C3 H8 O3'
MN non-polymer 'MANGANESE (II) ION' 'Mn 2'
QEE non-polymer '~{tert}-butyl 6-[5-oxidanyl-4-(1,2,3-triazol-1-yl)pyrazol-1-yl]pyridine-3-carboxylate' 'C15 H16 N6 O3'
#
# COMPACT_ATOMS: atom_id res chain seq x y z
N PRO A 9 -21.22 15.10 -36.64
CA PRO A 9 -21.69 16.27 -35.89
C PRO A 9 -21.44 16.14 -34.39
N ALA A 10 -21.00 17.24 -33.76
CA ALA A 10 -20.68 17.21 -32.34
C ALA A 10 -21.90 16.93 -31.49
N LEU A 11 -23.07 17.41 -31.90
CA LEU A 11 -24.27 17.25 -31.07
C LEU A 11 -24.62 15.79 -30.90
N LYS A 12 -24.73 15.05 -32.01
CA LYS A 12 -25.04 13.62 -31.92
C LYS A 12 -24.00 12.89 -31.08
N LEU A 13 -22.72 13.13 -31.36
CA LEU A 13 -21.66 12.42 -30.65
C LEU A 13 -21.71 12.70 -29.15
N ALA A 14 -22.06 13.94 -28.78
CA ALA A 14 -22.06 14.30 -27.37
C ALA A 14 -23.21 13.62 -26.62
N LEU A 15 -24.41 13.64 -27.19
CA LEU A 15 -25.58 13.15 -26.47
C LEU A 15 -25.74 11.65 -26.61
N GLU A 16 -25.39 11.08 -27.77
CA GLU A 16 -25.59 9.66 -28.01
C GLU A 16 -24.42 8.80 -27.56
N TYR A 17 -23.29 9.39 -27.17
CA TYR A 17 -22.13 8.58 -26.79
C TYR A 17 -21.40 9.16 -25.58
N ILE A 18 -20.86 10.37 -25.72
CA ILE A 18 -19.97 10.89 -24.69
C ILE A 18 -20.68 10.98 -23.34
N VAL A 19 -21.86 11.58 -23.33
CA VAL A 19 -22.61 11.77 -22.09
C VAL A 19 -22.95 10.41 -21.47
N PRO A 20 -23.63 9.51 -22.18
CA PRO A 20 -23.95 8.21 -21.57
C PRO A 20 -22.72 7.41 -21.20
N CYS A 21 -21.69 7.41 -22.04
CA CYS A 21 -20.49 6.65 -21.74
C CYS A 21 -19.78 7.19 -20.49
N MET A 22 -19.65 8.51 -20.39
CA MET A 22 -18.97 9.08 -19.24
C MET A 22 -19.72 8.78 -17.94
N ASN A 23 -21.05 8.93 -17.95
CA ASN A 23 -21.82 8.68 -16.74
C ASN A 23 -21.79 7.21 -16.34
N LYS A 24 -21.66 6.30 -17.31
CA LYS A 24 -21.66 4.88 -17.03
C LYS A 24 -20.27 4.37 -16.65
N HIS A 25 -19.25 4.73 -17.43
CA HIS A 25 -17.91 4.18 -17.25
C HIS A 25 -16.88 5.20 -16.80
N GLY A 26 -17.11 6.49 -17.04
CA GLY A 26 -16.13 7.50 -16.72
C GLY A 26 -14.91 7.53 -17.61
N ILE A 27 -14.88 6.70 -18.64
CA ILE A 27 -13.79 6.66 -19.61
C ILE A 27 -14.43 6.52 -21.00
N CYS A 28 -14.03 7.38 -21.93
N CYS A 28 -14.04 7.38 -21.93
CA CYS A 28 -14.65 7.48 -23.24
CA CYS A 28 -14.66 7.37 -23.24
C CYS A 28 -13.59 7.73 -24.30
C CYS A 28 -13.63 7.74 -24.31
N VAL A 29 -13.68 7.01 -25.41
CA VAL A 29 -12.74 7.13 -26.51
C VAL A 29 -13.49 7.52 -27.77
N VAL A 30 -12.93 8.48 -28.51
CA VAL A 30 -13.47 8.90 -29.80
C VAL A 30 -12.34 8.77 -30.82
N ASP A 31 -12.48 7.84 -31.75
CA ASP A 31 -11.48 7.61 -32.79
C ASP A 31 -11.75 8.50 -34.00
N ASP A 32 -10.69 8.79 -34.74
CA ASP A 32 -10.77 9.60 -35.95
C ASP A 32 -11.48 10.93 -35.66
N PHE A 33 -10.94 11.63 -34.66
CA PHE A 33 -11.59 12.82 -34.15
C PHE A 33 -11.60 13.95 -35.16
N LEU A 34 -10.45 14.21 -35.80
CA LEU A 34 -10.31 15.33 -36.71
C LEU A 34 -9.94 14.93 -38.14
N GLY A 35 -9.65 13.67 -38.40
CA GLY A 35 -9.24 13.24 -39.72
C GLY A 35 -7.72 13.27 -39.89
N LYS A 36 -7.25 12.52 -40.88
CA LYS A 36 -5.82 12.35 -41.06
C LYS A 36 -5.14 13.67 -41.44
N GLU A 37 -5.74 14.42 -42.36
CA GLU A 37 -5.11 15.65 -42.83
C GLU A 37 -4.89 16.62 -41.67
N THR A 38 -5.92 16.87 -40.87
CA THR A 38 -5.78 17.77 -39.73
C THR A 38 -4.86 17.18 -38.67
N GLY A 39 -4.89 15.85 -38.49
CA GLY A 39 -4.01 15.23 -37.52
C GLY A 39 -2.55 15.45 -37.85
N GLN A 40 -2.17 15.20 -39.11
CA GLN A 40 -0.80 15.43 -39.52
C GLN A 40 -0.40 16.89 -39.33
N GLN A 41 -1.29 17.81 -39.66
CA GLN A 41 -0.99 19.23 -39.48
C GLN A 41 -0.69 19.55 -38.03
N ILE A 42 -1.48 19.00 -37.10
CA ILE A 42 -1.23 19.22 -35.68
C ILE A 42 0.14 18.66 -35.30
N GLY A 43 0.48 17.49 -35.85
CA GLY A 43 1.80 16.94 -35.59
C GLY A 43 2.91 17.86 -36.05
N ASP A 44 2.75 18.47 -37.23
CA ASP A 44 3.76 19.39 -37.72
C ASP A 44 3.94 20.57 -36.76
N GLU A 45 2.84 21.11 -36.24
CA GLU A 45 2.94 22.24 -35.32
C GLU A 45 3.54 21.80 -33.99
N VAL A 46 3.19 20.61 -33.51
CA VAL A 46 3.73 20.14 -32.24
C VAL A 46 5.22 19.85 -32.36
N ARG A 47 5.63 19.21 -33.46
CA ARG A 47 7.05 18.92 -33.65
C ARG A 47 7.86 20.20 -33.80
N ALA A 48 7.36 21.15 -34.60
CA ALA A 48 8.04 22.43 -34.73
C ALA A 48 8.09 23.20 -33.41
N LEU A 49 7.21 22.87 -32.47
CA LEU A 49 7.17 23.57 -31.20
C LEU A 49 8.22 23.04 -30.23
N HIS A 50 8.48 21.73 -30.25
CA HIS A 50 9.45 21.11 -29.36
C HIS A 50 10.80 20.89 -30.02
N ASP A 51 10.97 21.28 -31.28
CA ASP A 51 12.26 21.12 -31.95
C ASP A 51 13.19 22.27 -31.57
N GLY A 73 13.15 12.86 -18.56
CA GLY A 73 12.00 13.72 -18.37
C GLY A 73 11.35 14.13 -19.68
N ASP A 74 10.18 14.74 -19.59
CA ASP A 74 9.42 15.17 -20.76
C ASP A 74 9.49 16.68 -20.88
N LYS A 75 9.09 17.17 -22.06
CA LYS A 75 9.04 18.59 -22.36
C LYS A 75 7.58 19.01 -22.41
N ILE A 76 7.25 20.13 -21.75
CA ILE A 76 5.88 20.60 -21.63
C ILE A 76 5.80 22.04 -22.11
N THR A 77 4.73 22.35 -22.84
CA THR A 77 4.43 23.71 -23.28
C THR A 77 2.93 23.90 -23.26
N TRP A 78 2.48 25.05 -22.74
CA TRP A 78 1.06 25.35 -22.63
C TRP A 78 0.66 26.32 -23.73
N ILE A 79 -0.26 25.88 -24.58
CA ILE A 79 -0.65 26.62 -25.78
C ILE A 79 -2.07 27.12 -25.62
N GLU A 80 -2.27 28.41 -25.88
CA GLU A 80 -3.60 29.00 -25.78
C GLU A 80 -4.43 28.76 -27.03
N GLY A 81 -3.78 28.56 -28.17
CA GLY A 81 -4.45 28.21 -29.42
C GLY A 81 -4.30 29.23 -30.52
N LYS A 82 -3.92 30.46 -30.20
CA LYS A 82 -3.81 31.53 -31.18
C LYS A 82 -2.37 31.96 -31.43
N GLU A 83 -1.40 31.27 -30.85
CA GLU A 83 0.00 31.62 -31.08
C GLU A 83 0.39 31.38 -32.53
N PRO A 84 1.42 32.05 -33.02
CA PRO A 84 1.91 31.77 -34.38
C PRO A 84 2.33 30.32 -34.52
N GLY A 85 1.85 29.68 -35.60
CA GLY A 85 2.16 28.30 -35.87
C GLY A 85 1.42 27.30 -35.02
N CYS A 86 0.47 27.74 -34.19
CA CYS A 86 -0.34 26.86 -33.36
C CYS A 86 -1.81 26.92 -33.74
N GLU A 87 -2.11 27.33 -34.98
CA GLU A 87 -3.50 27.57 -35.36
C GLU A 87 -4.32 26.29 -35.35
N THR A 88 -3.73 25.18 -35.81
CA THR A 88 -4.49 23.93 -35.86
C THR A 88 -4.63 23.32 -34.48
N ILE A 89 -3.66 23.54 -33.60
CA ILE A 89 -3.85 23.19 -32.19
C ILE A 89 -5.07 23.92 -31.64
N GLY A 90 -5.25 25.18 -32.05
CA GLY A 90 -6.43 25.91 -31.65
C GLY A 90 -7.70 25.29 -32.20
N LEU A 91 -7.66 24.78 -33.42
CA LEU A 91 -8.81 24.07 -33.98
C LEU A 91 -9.13 22.82 -33.17
N LEU A 92 -8.09 22.08 -32.77
CA LEU A 92 -8.31 20.93 -31.88
C LEU A 92 -9.00 21.37 -30.60
N MET A 93 -8.51 22.43 -29.98
CA MET A 93 -9.09 22.90 -28.73
C MET A 93 -10.52 23.38 -28.94
N SER A 94 -10.79 24.04 -30.06
CA SER A 94 -12.15 24.48 -30.35
C SER A 94 -13.07 23.29 -30.62
N SER A 95 -12.55 22.23 -31.22
CA SER A 95 -13.36 21.04 -31.44
C SER A 95 -13.71 20.35 -30.13
N MET A 96 -12.74 20.28 -29.20
CA MET A 96 -13.03 19.73 -27.88
C MET A 96 -14.09 20.56 -27.17
N ASP A 97 -13.92 21.88 -27.15
CA ASP A 97 -14.91 22.76 -26.58
C ASP A 97 -16.29 22.51 -27.19
N ASP A 98 -16.34 22.32 -28.51
CA ASP A 98 -17.61 22.07 -29.18
C ASP A 98 -18.33 20.88 -28.55
N LEU A 99 -17.61 19.79 -28.32
CA LEU A 99 -18.22 18.60 -27.73
C LEU A 99 -18.65 18.87 -26.28
N ILE A 100 -17.74 19.39 -25.46
CA ILE A 100 -18.07 19.64 -24.07
C ILE A 100 -19.27 20.58 -23.96
N ARG A 101 -19.35 21.59 -24.83
CA ARG A 101 -20.50 22.48 -24.82
C ARG A 101 -21.80 21.71 -24.93
N HIS A 102 -21.92 20.83 -25.93
CA HIS A 102 -23.13 20.05 -26.11
C HIS A 102 -23.39 19.08 -24.97
N CYS A 103 -22.40 18.80 -24.12
CA CYS A 103 -22.57 18.02 -22.92
C CYS A 103 -23.01 18.87 -21.73
N ASN A 104 -23.48 20.09 -21.97
CA ASN A 104 -23.75 21.04 -20.90
C ASN A 104 -24.74 20.47 -19.90
N GLY A 105 -24.30 20.34 -18.65
CA GLY A 105 -25.17 19.93 -17.56
C GLY A 105 -25.52 18.46 -17.51
N LYS A 106 -24.94 17.65 -18.39
CA LYS A 106 -25.26 16.22 -18.44
C LYS A 106 -24.09 15.34 -18.04
N LEU A 107 -22.93 15.93 -17.72
CA LEU A 107 -21.78 15.17 -17.22
C LEU A 107 -21.84 15.17 -15.70
N GLY A 108 -22.52 14.18 -15.15
CA GLY A 108 -22.72 14.15 -13.70
C GLY A 108 -23.46 15.38 -13.23
N SER A 109 -22.96 15.97 -12.15
CA SER A 109 -23.50 17.22 -11.63
C SER A 109 -22.57 18.40 -11.90
N TYR A 110 -21.59 18.24 -12.78
CA TYR A 110 -20.61 19.28 -13.02
C TYR A 110 -21.21 20.40 -13.89
N LYS A 111 -20.75 21.62 -13.64
CA LYS A 111 -21.04 22.78 -14.47
C LYS A 111 -19.72 23.25 -15.06
N ILE A 112 -19.42 22.82 -16.28
CA ILE A 112 -18.14 23.11 -16.91
C ILE A 112 -18.20 24.52 -17.50
N ASN A 113 -17.39 25.43 -16.94
CA ASN A 113 -17.39 26.82 -17.37
C ASN A 113 -16.02 27.31 -17.84
N GLY A 114 -15.06 26.40 -17.99
CA GLY A 114 -13.74 26.79 -18.46
C GLY A 114 -12.82 25.59 -18.54
N ARG A 115 -11.58 25.87 -18.94
CA ARG A 115 -10.56 24.84 -19.07
C ARG A 115 -9.19 25.50 -19.01
N THR A 116 -8.16 24.66 -18.90
CA THR A 116 -6.78 25.09 -18.96
C THR A 116 -6.37 25.36 -20.39
N LYS A 117 -5.15 25.88 -20.56
CA LYS A 117 -4.50 25.84 -21.85
C LYS A 117 -4.23 24.39 -22.25
N ALA A 118 -3.76 24.20 -23.48
CA ALA A 118 -3.43 22.88 -23.99
C ALA A 118 -2.02 22.50 -23.56
N MET A 119 -1.88 21.42 -22.79
CA MET A 119 -0.56 20.91 -22.42
C MET A 119 -0.03 20.11 -23.61
N VAL A 120 0.88 20.71 -24.36
CA VAL A 120 1.49 20.07 -25.52
C VAL A 120 2.76 19.39 -25.02
N ALA A 121 2.70 18.08 -24.86
CA ALA A 121 3.77 17.31 -24.21
C ALA A 121 4.53 16.49 -25.23
N CYS A 122 5.85 16.42 -25.04
CA CYS A 122 6.73 15.53 -25.80
C CYS A 122 7.27 14.49 -24.83
N TYR A 123 6.99 13.21 -25.13
CA TYR A 123 7.38 12.12 -24.24
C TYR A 123 8.53 11.34 -24.87
N PRO A 124 9.66 11.17 -24.18
CA PRO A 124 10.81 10.49 -24.81
C PRO A 124 10.64 8.98 -24.85
N GLY A 125 11.14 8.38 -25.94
CA GLY A 125 11.06 6.95 -26.12
C GLY A 125 12.30 6.23 -25.63
N ASN A 126 12.66 6.47 -24.36
CA ASN A 126 13.86 5.91 -23.76
C ASN A 126 13.53 4.82 -22.75
N GLY A 127 12.40 4.15 -22.92
CA GLY A 127 12.01 3.10 -22.01
C GLY A 127 11.57 3.58 -20.65
N THR A 128 10.99 4.77 -20.56
CA THR A 128 10.51 5.33 -19.30
C THR A 128 8.99 5.36 -19.33
N GLY A 129 8.39 4.93 -18.22
CA GLY A 129 6.96 5.05 -18.02
C GLY A 129 6.62 6.11 -16.98
N TYR A 130 5.33 6.22 -16.68
CA TYR A 130 4.83 7.20 -15.73
C TYR A 130 4.10 6.50 -14.59
N VAL A 131 4.48 6.85 -13.37
CA VAL A 131 3.92 6.18 -12.19
C VAL A 131 2.43 6.44 -12.09
N ARG A 132 1.72 5.47 -11.50
CA ARG A 132 0.27 5.60 -11.31
C ARG A 132 -0.04 6.84 -10.47
N HIS A 133 -1.03 7.61 -10.91
CA HIS A 133 -1.35 8.86 -10.26
C HIS A 133 -2.80 9.24 -10.58
N VAL A 134 -3.29 10.22 -9.82
CA VAL A 134 -4.59 10.84 -10.06
C VAL A 134 -4.35 12.29 -10.46
N ASP A 135 -4.96 12.70 -11.57
CA ASP A 135 -4.71 14.04 -12.08
C ASP A 135 -5.09 15.11 -11.06
N ASN A 136 -6.31 15.04 -10.52
CA ASN A 136 -6.80 16.00 -9.53
C ASN A 136 -7.21 15.24 -8.27
N PRO A 137 -6.28 15.06 -7.32
CA PRO A 137 -6.60 14.28 -6.13
C PRO A 137 -7.17 15.09 -4.97
N ASN A 138 -7.01 16.42 -5.00
CA ASN A 138 -7.38 17.26 -3.86
C ASN A 138 -8.29 18.42 -4.28
N GLY A 139 -9.10 18.21 -5.31
CA GLY A 139 -10.12 19.17 -5.70
C GLY A 139 -9.62 20.51 -6.17
N ASP A 140 -8.75 20.52 -7.19
CA ASP A 140 -8.19 21.75 -7.74
C ASP A 140 -9.08 22.38 -8.80
N GLY A 141 -10.27 21.82 -9.04
CA GLY A 141 -11.23 22.36 -9.97
C GLY A 141 -11.42 21.56 -11.24
N ARG A 142 -10.46 20.70 -11.57
CA ARG A 142 -10.52 19.96 -12.83
C ARG A 142 -11.36 18.69 -12.67
N CYS A 143 -12.34 18.51 -13.57
CA CYS A 143 -13.25 17.39 -13.49
C CYS A 143 -13.19 16.45 -14.68
N VAL A 144 -12.71 16.89 -15.85
CA VAL A 144 -12.65 16.05 -17.04
C VAL A 144 -11.29 16.22 -17.69
N THR A 145 -10.58 15.10 -17.86
CA THR A 145 -9.31 15.08 -18.58
C THR A 145 -9.57 14.74 -20.04
N CYS A 146 -8.94 15.50 -20.94
CA CYS A 146 -9.09 15.29 -22.38
CA CYS A 146 -9.10 15.29 -22.38
C CYS A 146 -7.71 15.21 -23.00
N ILE A 147 -7.41 14.06 -23.63
CA ILE A 147 -6.11 13.81 -24.24
C ILE A 147 -6.30 13.51 -25.71
N TYR A 148 -5.47 14.12 -26.56
CA TYR A 148 -5.47 13.88 -27.99
C TYR A 148 -4.09 13.36 -28.41
N TYR A 149 -4.08 12.24 -29.13
CA TYR A 149 -2.85 11.59 -29.56
C TYR A 149 -2.64 11.84 -31.05
N LEU A 150 -1.42 12.23 -31.41
CA LEU A 150 -1.14 12.79 -32.73
C LEU A 150 0.09 12.15 -33.37
N ASN A 151 0.35 10.87 -33.08
CA ASN A 151 1.51 10.17 -33.61
C ASN A 151 1.03 9.22 -34.71
N LYS A 152 1.26 9.62 -35.96
CA LYS A 152 0.73 8.88 -37.10
C LYS A 152 1.35 7.49 -37.18
N ASP A 153 0.52 6.50 -37.50
CA ASP A 153 0.95 5.12 -37.68
C ASP A 153 1.57 4.52 -36.43
N TRP A 154 1.24 5.06 -35.26
CA TRP A 154 1.78 4.53 -34.01
C TRP A 154 1.18 3.16 -33.75
N ASP A 155 2.06 2.17 -33.57
CA ASP A 155 1.66 0.79 -33.28
C ASP A 155 2.07 0.49 -31.84
N ALA A 156 1.11 0.62 -30.92
CA ALA A 156 1.42 0.43 -29.49
C ALA A 156 1.98 -0.96 -29.22
N LYS A 157 1.64 -1.94 -30.06
CA LYS A 157 2.17 -3.28 -29.89
C LYS A 157 3.68 -3.32 -30.08
N VAL A 158 4.25 -2.35 -30.79
CA VAL A 158 5.67 -2.33 -31.10
C VAL A 158 6.39 -1.24 -30.33
N SER A 159 5.78 -0.07 -30.19
CA SER A 159 6.43 1.09 -29.59
C SER A 159 5.99 1.38 -28.16
N GLY A 160 4.95 0.71 -27.67
CA GLY A 160 4.54 0.88 -26.29
C GLY A 160 3.75 2.17 -26.08
N GLY A 161 3.87 2.71 -24.87
CA GLY A 161 3.19 3.94 -24.52
C GLY A 161 1.73 3.77 -24.16
N ILE A 162 1.31 2.58 -23.77
CA ILE A 162 -0.09 2.31 -23.51
C ILE A 162 -0.50 2.93 -22.18
N LEU A 163 -1.66 3.58 -22.17
CA LEU A 163 -2.24 4.14 -20.96
C LEU A 163 -3.12 3.08 -20.28
N ARG A 164 -2.90 2.88 -18.99
CA ARG A 164 -3.66 1.92 -18.20
C ARG A 164 -4.41 2.64 -17.10
N ILE A 165 -5.74 2.54 -17.12
CA ILE A 165 -6.61 3.25 -16.20
C ILE A 165 -7.29 2.24 -15.29
N PHE A 166 -7.31 2.55 -14.00
CA PHE A 166 -7.93 1.67 -13.00
C PHE A 166 -9.18 2.33 -12.43
N PRO A 167 -10.31 2.28 -13.11
CA PRO A 167 -11.52 2.92 -12.58
C PRO A 167 -11.85 2.40 -11.19
N GLU A 168 -12.00 3.33 -10.25
CA GLU A 168 -12.15 2.96 -8.84
C GLU A 168 -13.33 2.03 -8.65
N GLY A 169 -13.12 1.00 -7.83
CA GLY A 169 -14.17 0.08 -7.44
C GLY A 169 -14.54 -0.95 -8.48
N LYS A 170 -14.01 -0.86 -9.69
CA LYS A 170 -14.34 -1.81 -10.75
C LYS A 170 -13.45 -3.04 -10.67
N ALA A 171 -13.98 -4.16 -11.13
CA ALA A 171 -13.20 -5.39 -11.18
C ALA A 171 -12.25 -5.44 -12.38
N GLN A 172 -12.37 -4.49 -13.31
CA GLN A 172 -11.54 -4.45 -14.50
C GLN A 172 -10.72 -3.17 -14.53
N PHE A 173 -9.67 -3.19 -15.35
CA PHE A 173 -8.94 -2.00 -15.75
C PHE A 173 -8.84 -1.99 -17.26
N ALA A 174 -8.51 -0.83 -17.82
CA ALA A 174 -8.54 -0.61 -19.26
C ALA A 174 -7.19 -0.12 -19.74
N ASP A 175 -6.71 -0.71 -20.84
CA ASP A 175 -5.51 -0.26 -21.52
C ASP A 175 -5.94 0.53 -22.76
N ILE A 176 -5.57 1.79 -22.82
CA ILE A 176 -5.94 2.69 -23.92
C ILE A 176 -4.69 2.92 -24.77
N GLU A 177 -4.76 2.48 -26.02
CA GLU A 177 -3.63 2.70 -26.92
C GLU A 177 -3.63 4.14 -27.42
N PRO A 178 -2.46 4.79 -27.47
CA PRO A 178 -2.43 6.18 -27.98
C PRO A 178 -2.56 6.24 -29.50
N LYS A 179 -3.69 5.78 -30.01
CA LYS A 179 -3.88 5.69 -31.45
C LYS A 179 -3.89 7.07 -32.09
N PHE A 180 -3.46 7.12 -33.35
CA PHE A 180 -3.43 8.38 -34.08
C PHE A 180 -4.84 8.93 -34.25
N ASP A 181 -5.00 10.22 -33.96
CA ASP A 181 -6.27 10.94 -34.12
C ASP A 181 -7.31 10.48 -33.09
N ARG A 182 -6.87 9.87 -31.99
CA ARG A 182 -7.77 9.39 -30.95
C ARG A 182 -7.95 10.43 -29.86
N LEU A 183 -9.18 10.59 -29.40
CA LEU A 183 -9.53 11.51 -28.33
C LEU A 183 -10.04 10.72 -27.14
N LEU A 184 -9.55 11.04 -25.95
CA LEU A 184 -9.84 10.31 -24.73
C LEU A 184 -10.40 11.24 -23.69
N PHE A 185 -11.55 10.87 -23.10
CA PHE A 185 -12.13 11.57 -21.97
C PHE A 185 -12.11 10.65 -20.76
N PHE A 186 -11.86 11.22 -19.57
CA PHE A 186 -12.11 10.48 -18.34
C PHE A 186 -12.14 11.46 -17.18
N TRP A 187 -12.86 11.08 -16.11
CA TRP A 187 -12.91 11.89 -14.91
C TRP A 187 -11.51 12.13 -14.36
N SER A 188 -11.25 13.37 -13.94
CA SER A 188 -9.92 13.75 -13.46
C SER A 188 -9.68 13.40 -12.00
N ASP A 189 -10.73 13.08 -11.23
CA ASP A 189 -10.60 12.94 -9.79
C ASP A 189 -10.15 11.51 -9.45
N ARG A 190 -10.27 11.11 -8.18
CA ARG A 190 -9.74 9.83 -7.73
C ARG A 190 -10.44 8.63 -8.35
N ARG A 191 -11.48 8.85 -9.17
CA ARG A 191 -12.14 7.72 -9.81
C ARG A 191 -11.25 7.02 -10.83
N ASN A 192 -10.25 7.71 -11.38
CA ASN A 192 -9.45 7.19 -12.49
C ASN A 192 -7.96 7.36 -12.22
N PRO A 193 -7.40 6.58 -11.29
CA PRO A 193 -5.95 6.45 -11.25
C PRO A 193 -5.45 5.80 -12.55
N HIS A 194 -4.31 6.27 -13.05
CA HIS A 194 -3.80 5.74 -14.30
C HIS A 194 -2.29 5.81 -14.33
N GLU A 195 -1.71 4.92 -15.12
CA GLU A 195 -0.26 4.84 -15.34
C GLU A 195 -0.02 4.67 -16.83
N VAL A 196 1.21 4.99 -17.26
CA VAL A 196 1.59 4.94 -18.67
C VAL A 196 2.78 4.00 -18.81
N GLN A 197 2.68 3.05 -19.72
CA GLN A 197 3.74 2.08 -19.94
CA GLN A 197 3.74 2.08 -19.94
C GLN A 197 4.89 2.71 -20.73
N PRO A 198 6.09 2.16 -20.60
CA PRO A 198 7.24 2.74 -21.31
C PRO A 198 7.04 2.74 -22.82
N ALA A 199 7.71 3.68 -23.47
CA ALA A 199 7.74 3.77 -24.93
C ALA A 199 9.18 3.73 -25.41
N TYR A 200 9.36 3.34 -26.66
CA TYR A 200 10.68 3.20 -27.26
C TYR A 200 10.82 4.05 -28.52
N ALA A 201 9.94 5.03 -28.69
CA ALA A 201 10.04 6.01 -29.76
C ALA A 201 9.35 7.28 -29.28
N THR A 202 9.92 8.43 -29.64
CA THR A 202 9.36 9.70 -29.20
C THR A 202 7.90 9.81 -29.62
N ARG A 203 7.09 10.39 -28.74
CA ARG A 203 5.67 10.58 -29.05
C ARG A 203 5.17 11.84 -28.36
N TYR A 204 4.04 12.33 -28.85
CA TYR A 204 3.46 13.60 -28.40
C TYR A 204 1.98 13.40 -28.09
N ALA A 205 1.51 14.13 -27.08
CA ALA A 205 0.09 14.14 -26.76
C ALA A 205 -0.28 15.51 -26.22
N ILE A 206 -1.52 15.91 -26.47
CA ILE A 206 -2.05 17.19 -26.01
C ILE A 206 -3.17 16.90 -25.01
N THR A 207 -3.02 17.43 -23.80
CA THR A 207 -3.99 17.23 -22.74
C THR A 207 -4.63 18.56 -22.39
N VAL A 208 -5.94 18.54 -22.14
CA VAL A 208 -6.70 19.69 -21.69
C VAL A 208 -7.62 19.25 -20.57
N TRP A 209 -7.69 20.06 -19.52
CA TRP A 209 -8.56 19.80 -18.38
C TRP A 209 -9.67 20.86 -18.34
N TYR A 210 -10.91 20.41 -18.20
CA TYR A 210 -12.04 21.30 -18.03
C TYR A 210 -12.37 21.41 -16.54
N PHE A 211 -12.78 22.61 -16.13
CA PHE A 211 -13.04 22.91 -14.72
C PHE A 211 -14.52 22.74 -14.39
N ASP A 212 -14.79 22.45 -13.12
CA ASP A 212 -16.13 22.57 -12.56
C ASP A 212 -16.25 23.95 -11.93
N ALA A 213 -17.39 24.60 -12.19
CA ALA A 213 -17.58 25.97 -11.72
C ALA A 213 -17.42 26.08 -10.21
N ASP A 214 -18.17 25.25 -9.47
CA ASP A 214 -18.14 25.34 -8.01
C ASP A 214 -16.77 24.94 -7.47
N GLU A 215 -16.26 23.79 -7.89
CA GLU A 215 -14.98 23.32 -7.37
C GLU A 215 -13.88 24.34 -7.65
N ARG A 216 -13.73 24.74 -8.90
CA ARG A 216 -12.69 25.71 -9.26
C ARG A 216 -12.84 27.01 -8.46
N ALA A 217 -14.08 27.42 -8.18
CA ALA A 217 -14.28 28.64 -7.42
C ALA A 217 -13.73 28.50 -6.00
N ARG A 218 -14.05 27.38 -5.34
CA ARG A 218 -13.55 27.16 -3.98
CA ARG A 218 -13.55 27.16 -3.98
C ARG A 218 -12.04 27.09 -3.94
N ALA A 219 -11.41 26.56 -5.00
CA ALA A 219 -9.95 26.48 -5.03
C ALA A 219 -9.30 27.83 -5.24
N LYS A 220 -10.01 28.79 -5.82
CA LYS A 220 -9.45 30.12 -6.05
C LYS A 220 -9.51 31.01 -4.82
N VAL A 221 -10.32 30.66 -3.83
CA VAL A 221 -10.52 31.54 -2.68
C VAL A 221 -9.25 31.72 -1.88
N LYS A 222 -8.37 30.71 -1.89
CA LYS A 222 -7.19 30.75 -1.02
C LYS A 222 -6.17 31.78 -1.49
N TYR A 223 -6.14 32.09 -2.78
CA TYR A 223 -5.12 32.97 -3.32
C TYR A 223 -5.51 34.44 -3.13
N LEU A 224 -4.50 35.27 -2.91
CA LEU A 224 -4.73 36.72 -2.84
C LEU A 224 -5.19 37.24 -4.19
N THR A 225 -4.42 36.97 -5.25
CA THR A 225 -4.80 37.32 -6.62
C THR A 225 -4.21 36.25 -7.53
N GLY A 226 -5.04 35.32 -7.98
CA GLY A 226 -4.59 34.24 -8.84
C GLY A 226 -5.73 33.36 -9.33
N PRO B 9 11.14 -23.76 36.72
CA PRO B 9 12.49 -23.57 36.16
C PRO B 9 12.46 -23.20 34.68
N ALA B 10 13.63 -22.92 34.11
CA ALA B 10 13.70 -22.55 32.70
C ALA B 10 13.30 -23.72 31.80
N LEU B 11 13.68 -24.94 32.16
CA LEU B 11 13.33 -26.09 31.35
C LEU B 11 11.82 -26.25 31.25
N LYS B 12 11.11 -26.09 32.37
CA LYS B 12 9.65 -26.17 32.33
C LYS B 12 9.04 -25.03 31.52
N LEU B 13 9.54 -23.81 31.73
CA LEU B 13 8.98 -22.66 31.02
C LEU B 13 9.18 -22.80 29.50
N ALA B 14 10.32 -23.35 29.08
CA ALA B 14 10.63 -23.42 27.66
C ALA B 14 9.75 -24.44 26.95
N LEU B 15 9.68 -25.66 27.48
CA LEU B 15 8.98 -26.74 26.80
C LEU B 15 7.47 -26.71 26.98
N GLU B 16 6.98 -26.08 28.05
CA GLU B 16 5.55 -26.08 28.35
C GLU B 16 4.85 -24.79 27.92
N TYR B 17 5.60 -23.74 27.55
CA TYR B 17 4.98 -22.48 27.21
C TYR B 17 5.59 -21.86 25.96
N ILE B 18 6.92 -21.78 25.90
CA ILE B 18 7.56 -21.04 24.82
C ILE B 18 7.44 -21.79 23.50
N VAL B 19 7.88 -23.05 23.47
CA VAL B 19 7.93 -23.79 22.21
C VAL B 19 6.53 -24.07 21.66
N PRO B 20 5.50 -24.31 22.50
CA PRO B 20 4.16 -24.42 21.90
C PRO B 20 3.60 -23.07 21.45
N CYS B 21 3.81 -22.01 22.24
CA CYS B 21 3.27 -20.71 21.88
C CYS B 21 3.90 -20.17 20.61
N MET B 22 5.24 -20.23 20.52
CA MET B 22 5.93 -19.71 19.33
C MET B 22 5.45 -20.42 18.07
N ASN B 23 5.30 -21.75 18.13
CA ASN B 23 4.93 -22.50 16.94
C ASN B 23 3.49 -22.28 16.53
N LYS B 24 2.64 -21.75 17.42
CA LYS B 24 1.24 -21.49 17.10
C LYS B 24 0.96 -20.02 16.84
N HIS B 25 1.45 -19.13 17.70
CA HIS B 25 1.17 -17.70 17.57
C HIS B 25 2.35 -16.89 17.07
N GLY B 26 3.57 -17.38 17.19
CA GLY B 26 4.74 -16.63 16.81
C GLY B 26 5.04 -15.42 17.67
N ILE B 27 4.27 -15.21 18.75
CA ILE B 27 4.50 -14.13 19.70
C ILE B 27 4.29 -14.68 21.09
N CYS B 28 5.30 -14.52 21.96
CA CYS B 28 5.22 -15.08 23.29
CA CYS B 28 5.28 -15.12 23.30
C CYS B 28 5.86 -14.12 24.28
N VAL B 29 5.12 -13.83 25.36
CA VAL B 29 5.56 -12.90 26.39
C VAL B 29 5.83 -13.68 27.67
N VAL B 30 6.81 -13.18 28.45
CA VAL B 30 7.15 -13.77 29.73
C VAL B 30 7.32 -12.64 30.73
N ASP B 31 6.46 -12.62 31.74
CA ASP B 31 6.52 -11.62 32.79
C ASP B 31 7.33 -12.14 33.98
N ASP B 32 7.87 -11.20 34.75
CA ASP B 32 8.66 -11.51 35.94
C ASP B 32 9.78 -12.48 35.59
N PHE B 33 10.61 -12.07 34.63
CA PHE B 33 11.62 -12.96 34.09
C PHE B 33 12.82 -13.09 35.02
N LEU B 34 13.26 -11.98 35.62
CA LEU B 34 14.44 -11.99 36.49
C LEU B 34 14.18 -11.44 37.88
N GLY B 35 13.02 -10.83 38.13
CA GLY B 35 12.74 -10.24 39.42
C GLY B 35 13.19 -8.79 39.50
N LYS B 36 12.54 -8.04 40.40
CA LYS B 36 12.82 -6.63 40.52
C LYS B 36 14.26 -6.38 40.95
N GLU B 37 14.84 -7.27 41.75
CA GLU B 37 16.22 -7.10 42.19
C GLU B 37 17.16 -7.02 40.99
N THR B 38 17.16 -8.05 40.15
CA THR B 38 18.02 -8.04 38.98
C THR B 38 17.53 -7.02 37.95
N GLY B 39 16.22 -6.89 37.80
CA GLY B 39 15.68 -5.96 36.81
C GLY B 39 16.17 -4.53 37.03
N GLN B 40 16.02 -4.03 38.26
CA GLN B 40 16.46 -2.67 38.54
C GLN B 40 17.97 -2.52 38.37
N GLN B 41 18.74 -3.53 38.79
CA GLN B 41 20.18 -3.47 38.62
C GLN B 41 20.54 -3.32 37.14
N ILE B 42 19.91 -4.12 36.28
CA ILE B 42 20.12 -3.97 34.84
C ILE B 42 19.73 -2.56 34.41
N GLY B 43 18.67 -2.01 35.00
CA GLY B 43 18.25 -0.66 34.65
C GLY B 43 19.33 0.38 34.94
N ASP B 44 19.99 0.25 36.10
CA ASP B 44 21.04 1.21 36.44
C ASP B 44 22.21 1.12 35.47
N GLU B 45 22.51 -0.07 34.96
CA GLU B 45 23.66 -0.23 34.08
C GLU B 45 23.38 0.35 32.70
N VAL B 46 22.17 0.14 32.17
CA VAL B 46 21.85 0.67 30.85
C VAL B 46 21.82 2.19 30.90
N ARG B 47 21.32 2.77 31.99
CA ARG B 47 21.31 4.22 32.11
C ARG B 47 22.72 4.79 32.09
N ALA B 48 23.62 4.18 32.85
CA ALA B 48 25.02 4.64 32.84
C ALA B 48 25.59 4.63 31.43
N LEU B 49 25.23 3.63 30.63
CA LEU B 49 25.72 3.55 29.26
C LEU B 49 25.29 4.78 28.45
N HIS B 50 23.98 5.05 28.43
CA HIS B 50 23.41 6.10 27.59
C HIS B 50 23.25 7.42 28.32
N ASP B 51 23.55 7.48 29.61
CA ASP B 51 23.44 8.74 30.34
C ASP B 51 24.42 9.76 29.78
N THR B 52 23.97 11.02 29.73
CA THR B 52 24.83 12.16 29.40
C THR B 52 24.71 13.16 30.55
N GLY B 53 25.24 12.78 31.71
CA GLY B 53 25.01 13.52 32.93
C GLY B 53 26.07 14.51 33.30
N LYS B 54 26.77 15.07 32.31
CA LYS B 54 27.66 16.20 32.53
C LYS B 54 27.01 17.53 32.18
N PHE B 55 26.09 17.54 31.21
CA PHE B 55 25.34 18.75 30.91
C PHE B 55 24.21 18.96 31.92
N THR B 56 23.39 17.93 32.13
CA THR B 56 22.30 18.00 33.10
C THR B 56 22.84 18.08 34.52
N GLY B 73 17.77 9.16 15.89
CA GLY B 73 16.77 9.61 16.84
C GLY B 73 16.87 8.90 18.17
N ASP B 74 17.62 7.80 18.21
CA ASP B 74 17.81 7.02 19.42
C ASP B 74 19.30 6.76 19.62
N LYS B 75 19.63 6.21 20.78
CA LYS B 75 21.00 5.88 21.15
C LYS B 75 21.12 4.38 21.33
N ILE B 76 22.07 3.78 20.62
CA ILE B 76 22.26 2.33 20.59
C ILE B 76 23.68 2.01 21.01
N THR B 77 23.83 0.98 21.83
CA THR B 77 25.14 0.49 22.25
C THR B 77 25.09 -1.03 22.31
N TRP B 78 26.01 -1.68 21.61
CA TRP B 78 26.07 -3.14 21.56
C TRP B 78 26.97 -3.65 22.68
N ILE B 79 26.46 -4.62 23.43
CA ILE B 79 27.13 -5.11 24.64
C ILE B 79 27.34 -6.61 24.49
N GLU B 80 28.55 -7.07 24.81
CA GLU B 80 28.84 -8.50 24.80
C GLU B 80 28.42 -9.17 26.11
N GLY B 81 28.40 -8.42 27.21
CA GLY B 81 28.03 -8.93 28.51
C GLY B 81 29.16 -8.94 29.52
N LYS B 82 30.41 -8.86 29.05
CA LYS B 82 31.57 -8.89 29.92
C LYS B 82 32.18 -7.50 30.15
N GLU B 83 31.57 -6.45 29.61
CA GLU B 83 32.14 -5.12 29.76
C GLU B 83 32.01 -4.65 31.22
N PRO B 84 32.99 -3.90 31.72
CA PRO B 84 32.87 -3.37 33.08
C PRO B 84 31.59 -2.57 33.27
N GLY B 85 30.85 -2.91 34.33
CA GLY B 85 29.59 -2.27 34.61
C GLY B 85 28.40 -2.81 33.85
N CYS B 86 28.59 -3.86 33.04
CA CYS B 86 27.52 -4.48 32.28
C CYS B 86 27.38 -5.96 32.61
N GLU B 87 27.80 -6.35 33.82
CA GLU B 87 27.78 -7.76 34.18
C GLU B 87 26.36 -8.31 34.24
N THR B 88 25.47 -7.63 34.97
CA THR B 88 24.10 -8.11 35.09
C THR B 88 23.39 -8.10 33.75
N ILE B 89 23.80 -7.23 32.83
CA ILE B 89 23.31 -7.31 31.45
C ILE B 89 23.76 -8.63 30.82
N GLY B 90 25.00 -9.03 31.08
CA GLY B 90 25.45 -10.34 30.65
C GLY B 90 24.68 -11.47 31.30
N LEU B 91 24.21 -11.26 32.53
CA LEU B 91 23.34 -12.24 33.18
C LEU B 91 22.05 -12.39 32.40
N LEU B 92 21.47 -11.28 31.93
CA LEU B 92 20.26 -11.36 31.12
C LEU B 92 20.49 -12.20 29.88
N MET B 93 21.58 -11.93 29.16
CA MET B 93 21.89 -12.69 27.95
C MET B 93 22.03 -14.18 28.28
N SER B 94 22.77 -14.49 29.35
CA SER B 94 22.95 -15.88 29.74
C SER B 94 21.61 -16.54 30.07
N SER B 95 20.75 -15.83 30.80
CA SER B 95 19.43 -16.36 31.10
C SER B 95 18.61 -16.55 29.82
N MET B 96 18.73 -15.61 28.88
CA MET B 96 18.04 -15.75 27.61
C MET B 96 18.58 -16.94 26.83
N ASP B 97 19.91 -17.10 26.80
CA ASP B 97 20.49 -18.24 26.11
C ASP B 97 20.02 -19.55 26.70
N ASP B 98 19.89 -19.61 28.04
CA ASP B 98 19.42 -20.83 28.68
C ASP B 98 18.05 -21.24 28.16
N LEU B 99 17.12 -20.28 28.10
CA LEU B 99 15.79 -20.59 27.58
C LEU B 99 15.87 -21.12 26.16
N ILE B 100 16.60 -20.43 25.29
CA ILE B 100 16.69 -20.85 23.89
C ILE B 100 17.26 -22.25 23.78
N ARG B 101 18.31 -22.55 24.56
CA ARG B 101 18.90 -23.88 24.51
C ARG B 101 17.92 -24.94 25.02
N HIS B 102 16.98 -24.56 25.88
CA HIS B 102 15.93 -25.48 26.32
C HIS B 102 14.86 -25.68 25.25
N CYS B 103 14.87 -24.89 24.18
CA CYS B 103 13.98 -25.07 23.05
C CYS B 103 14.70 -25.72 21.87
N ASN B 104 15.80 -26.42 22.12
CA ASN B 104 16.67 -26.90 21.05
C ASN B 104 15.89 -27.73 20.03
N GLY B 105 15.91 -27.26 18.79
CA GLY B 105 15.32 -27.99 17.68
C GLY B 105 13.81 -28.08 17.68
N LYS B 106 13.13 -27.43 18.61
CA LYS B 106 11.67 -27.48 18.69
C LYS B 106 10.99 -26.18 18.26
N LEU B 107 11.75 -25.12 18.02
CA LEU B 107 11.19 -23.87 17.49
C LEU B 107 11.14 -24.00 15.97
N GLY B 108 10.00 -24.43 15.46
CA GLY B 108 9.90 -24.70 14.03
C GLY B 108 10.93 -25.73 13.62
N SER B 109 11.58 -25.46 12.48
CA SER B 109 12.67 -26.30 11.99
C SER B 109 14.02 -25.60 12.09
N TYR B 110 14.10 -24.51 12.84
CA TYR B 110 15.34 -23.76 12.95
C TYR B 110 16.37 -24.51 13.79
N LYS B 111 17.64 -24.24 13.52
CA LYS B 111 18.76 -24.74 14.31
C LYS B 111 19.48 -23.52 14.87
N ILE B 112 19.08 -23.08 16.06
CA ILE B 112 19.69 -21.90 16.66
C ILE B 112 21.09 -22.25 17.16
N ASN B 113 22.09 -21.55 16.63
CA ASN B 113 23.47 -21.81 16.99
C ASN B 113 24.23 -20.57 17.42
N GLY B 114 23.57 -19.42 17.54
CA GLY B 114 24.26 -18.22 17.94
C GLY B 114 23.30 -17.05 18.03
N ARG B 115 23.86 -15.88 18.30
CA ARG B 115 23.07 -14.67 18.46
C ARG B 115 23.98 -13.47 18.31
N THR B 116 23.36 -12.30 18.16
CA THR B 116 24.07 -11.03 18.11
C THR B 116 24.49 -10.63 19.53
N LYS B 117 25.24 -9.54 19.62
CA LYS B 117 25.39 -8.85 20.89
C LYS B 117 24.05 -8.31 21.35
N ALA B 118 24.01 -7.74 22.55
CA ALA B 118 22.80 -7.16 23.10
C ALA B 118 22.69 -5.72 22.63
N MET B 119 21.57 -5.40 21.97
CA MET B 119 21.31 -4.03 21.53
C MET B 119 20.69 -3.27 22.70
N VAL B 120 21.51 -2.52 23.42
CA VAL B 120 21.05 -1.71 24.54
C VAL B 120 20.61 -0.38 23.99
N ALA B 121 19.30 -0.15 23.95
CA ALA B 121 18.71 1.01 23.28
C ALA B 121 18.11 1.97 24.28
N CYS B 122 18.33 3.26 24.05
CA CYS B 122 17.67 4.33 24.79
C CYS B 122 16.73 5.05 23.85
N TYR B 123 15.43 4.98 24.14
CA TYR B 123 14.42 5.57 23.27
C TYR B 123 13.90 6.85 23.90
N PRO B 124 14.04 8.00 23.26
CA PRO B 124 13.59 9.25 23.89
C PRO B 124 12.07 9.33 23.93
N GLY B 125 11.57 9.96 24.99
CA GLY B 125 10.15 10.18 25.14
C GLY B 125 9.72 11.52 24.61
N ASN B 126 10.10 11.82 23.37
CA ASN B 126 9.79 13.10 22.73
C ASN B 126 8.65 12.96 21.73
N GLY B 127 7.67 12.12 22.03
CA GLY B 127 6.53 11.94 21.14
C GLY B 127 6.90 11.41 19.78
N THR B 128 7.86 10.48 19.73
CA THR B 128 8.30 9.89 18.48
C THR B 128 8.04 8.39 18.52
N GLY B 129 7.46 7.86 17.43
CA GLY B 129 7.30 6.45 17.24
C GLY B 129 8.28 5.88 16.23
N TYR B 130 8.06 4.61 15.90
CA TYR B 130 8.93 3.90 14.96
C TYR B 130 8.08 3.28 13.87
N VAL B 131 8.46 3.54 12.61
CA VAL B 131 7.66 3.11 11.48
C VAL B 131 7.54 1.58 11.46
N ARG B 132 6.42 1.10 10.95
CA ARG B 132 6.21 -0.33 10.77
C ARG B 132 7.33 -0.93 9.94
N HIS B 133 7.84 -2.08 10.39
CA HIS B 133 9.00 -2.69 9.74
C HIS B 133 9.07 -4.17 10.09
N VAL B 134 9.94 -4.88 9.38
CA VAL B 134 10.26 -6.27 9.64
C VAL B 134 11.74 -6.36 9.98
N ASP B 135 12.05 -7.01 11.10
CA ASP B 135 13.44 -7.06 11.56
C ASP B 135 14.34 -7.70 10.50
N ASN B 136 13.93 -8.85 9.97
CA ASN B 136 14.72 -9.60 8.99
C ASN B 136 13.85 -9.88 7.77
N PRO B 137 13.81 -8.96 6.81
CA PRO B 137 12.96 -9.16 5.62
C PRO B 137 13.61 -9.90 4.47
N ASN B 138 14.93 -10.14 4.51
CA ASN B 138 15.64 -10.72 3.38
C ASN B 138 16.57 -11.85 3.82
N GLY B 139 16.19 -12.58 4.86
CA GLY B 139 16.92 -13.75 5.30
C GLY B 139 18.37 -13.49 5.65
N ASP B 140 18.61 -12.62 6.63
CA ASP B 140 19.97 -12.27 7.05
C ASP B 140 20.48 -13.18 8.17
N GLY B 141 19.77 -14.25 8.50
CA GLY B 141 20.19 -15.22 9.49
C GLY B 141 19.39 -15.19 10.77
N ARG B 142 18.74 -14.07 11.10
CA ARG B 142 18.04 -13.93 12.37
C ARG B 142 16.64 -14.50 12.28
N CYS B 143 16.31 -15.42 13.20
CA CYS B 143 15.03 -16.11 13.19
C CYS B 143 14.16 -15.81 14.40
N VAL B 144 14.73 -15.35 15.51
CA VAL B 144 13.97 -15.08 16.73
C VAL B 144 14.42 -13.75 17.33
N THR B 145 13.48 -12.84 17.54
CA THR B 145 13.73 -11.57 18.20
C THR B 145 13.38 -11.71 19.68
N CYS B 146 14.28 -11.24 20.54
CA CYS B 146 14.08 -11.28 21.99
CA CYS B 146 14.08 -11.28 21.99
C CYS B 146 14.29 -9.88 22.54
N ILE B 147 13.27 -9.34 23.20
CA ILE B 147 13.31 -7.99 23.77
C ILE B 147 13.07 -8.10 25.27
N TYR B 148 13.80 -7.29 26.04
CA TYR B 148 13.65 -7.23 27.48
C TYR B 148 13.52 -5.77 27.90
N TYR B 149 12.46 -5.47 28.65
CA TYR B 149 12.13 -4.10 29.02
C TYR B 149 12.53 -3.84 30.46
N LEU B 150 13.03 -2.63 30.73
CA LEU B 150 13.67 -2.28 31.99
C LEU B 150 12.97 -1.18 32.75
N ASN B 151 11.92 -0.58 32.21
CA ASN B 151 11.33 0.63 32.76
C ASN B 151 10.47 0.28 33.96
N LYS B 152 11.03 0.47 35.16
CA LYS B 152 10.31 0.12 36.38
C LYS B 152 9.07 1.00 36.55
N ASP B 153 7.96 0.38 36.94
CA ASP B 153 6.70 1.08 37.13
C ASP B 153 6.34 1.91 35.89
N TRP B 154 6.36 1.24 34.73
CA TRP B 154 6.01 1.89 33.48
C TRP B 154 4.53 1.65 33.19
N ASP B 155 3.76 2.74 33.09
CA ASP B 155 2.34 2.69 32.77
C ASP B 155 2.18 3.16 31.33
N ALA B 156 2.10 2.20 30.41
CA ALA B 156 2.03 2.54 28.99
C ALA B 156 0.80 3.38 28.66
N LYS B 157 -0.27 3.25 29.45
CA LYS B 157 -1.48 3.99 29.14
C LYS B 157 -1.31 5.49 29.33
N VAL B 158 -0.29 5.92 30.08
CA VAL B 158 0.00 7.33 30.25
C VAL B 158 1.31 7.74 29.58
N SER B 159 2.25 6.81 29.40
CA SER B 159 3.56 7.12 28.84
C SER B 159 3.76 6.63 27.41
N GLY B 160 2.95 5.70 26.94
CA GLY B 160 3.06 5.22 25.58
C GLY B 160 4.15 4.17 25.42
N GLY B 161 4.72 4.11 24.22
CA GLY B 161 5.77 3.16 23.92
C GLY B 161 5.29 1.75 23.65
N ILE B 162 4.02 1.58 23.32
CA ILE B 162 3.46 0.24 23.12
C ILE B 162 3.92 -0.32 21.78
N LEU B 163 4.22 -1.60 21.76
CA LEU B 163 4.63 -2.31 20.55
C LEU B 163 3.42 -2.99 19.95
N ARG B 164 3.16 -2.71 18.67
CA ARG B 164 2.03 -3.30 17.94
C ARG B 164 2.56 -4.21 16.85
N ILE B 165 2.19 -5.48 16.91
CA ILE B 165 2.64 -6.51 15.97
C ILE B 165 1.43 -6.97 15.15
N PHE B 166 1.66 -7.19 13.86
CA PHE B 166 0.61 -7.60 12.92
C PHE B 166 0.97 -8.98 12.37
N PRO B 167 0.68 -10.05 13.11
CA PRO B 167 0.95 -11.39 12.59
C PRO B 167 0.34 -11.58 11.21
N GLU B 168 1.16 -12.07 10.29
CA GLU B 168 0.75 -12.15 8.89
C GLU B 168 -0.43 -13.11 8.74
N GLY B 169 -1.39 -12.71 7.90
CA GLY B 169 -2.54 -13.54 7.59
C GLY B 169 -3.56 -13.67 8.70
N LYS B 170 -3.35 -13.03 9.85
CA LYS B 170 -4.28 -13.12 10.96
C LYS B 170 -5.23 -11.93 10.96
N ALA B 171 -6.44 -12.16 11.46
CA ALA B 171 -7.44 -11.10 11.55
C ALA B 171 -7.26 -10.21 12.77
N GLN B 172 -6.22 -10.43 13.57
CA GLN B 172 -5.99 -9.67 14.78
C GLN B 172 -4.53 -9.24 14.86
N PHE B 173 -4.30 -8.09 15.48
CA PHE B 173 -2.96 -7.62 15.80
C PHE B 173 -2.84 -7.47 17.30
N ALA B 174 -1.61 -7.57 17.80
CA ALA B 174 -1.34 -7.61 19.23
C ALA B 174 -0.57 -6.37 19.66
N ASP B 175 -1.00 -5.77 20.76
CA ASP B 175 -0.29 -4.68 21.41
C ASP B 175 0.41 -5.22 22.65
N ILE B 176 1.72 -5.03 22.72
CA ILE B 176 2.54 -5.52 23.83
C ILE B 176 3.03 -4.31 24.62
N GLU B 177 2.65 -4.25 25.89
CA GLU B 177 3.13 -3.17 26.73
C GLU B 177 4.56 -3.45 27.17
N PRO B 178 5.44 -2.44 27.16
CA PRO B 178 6.83 -2.65 27.62
C PRO B 178 6.93 -2.71 29.14
N LYS B 179 6.21 -3.65 29.73
CA LYS B 179 6.18 -3.77 31.18
C LYS B 179 7.58 -4.07 31.74
N PHE B 180 7.80 -3.66 32.98
CA PHE B 180 9.08 -3.89 33.63
C PHE B 180 9.36 -5.38 33.76
N ASP B 181 10.59 -5.77 33.45
CA ASP B 181 11.03 -7.16 33.61
C ASP B 181 10.25 -8.12 32.73
N ARG B 182 9.80 -7.63 31.57
CA ARG B 182 9.08 -8.46 30.61
C ARG B 182 10.02 -8.91 29.50
N LEU B 183 9.91 -10.17 29.10
CA LEU B 183 10.70 -10.75 28.03
C LEU B 183 9.77 -11.18 26.90
N LEU B 184 10.04 -10.68 25.69
CA LEU B 184 9.20 -10.89 24.53
C LEU B 184 9.93 -11.72 23.49
N PHE B 185 9.22 -12.68 22.89
CA PHE B 185 9.73 -13.50 21.81
C PHE B 185 8.81 -13.37 20.60
N PHE B 186 9.39 -13.33 19.41
CA PHE B 186 8.60 -13.42 18.18
C PHE B 186 9.53 -13.62 17.00
N TRP B 187 9.01 -14.29 15.96
CA TRP B 187 9.79 -14.53 14.76
C TRP B 187 10.24 -13.22 14.14
N SER B 188 11.48 -13.20 13.65
CA SER B 188 12.08 -11.98 13.13
C SER B 188 11.74 -11.72 11.67
N ASP B 189 11.23 -12.72 10.95
CA ASP B 189 11.01 -12.57 9.52
C ASP B 189 9.69 -11.87 9.22
N ARG B 190 9.19 -11.99 7.99
CA ARG B 190 8.03 -11.22 7.57
C ARG B 190 6.74 -11.65 8.27
N ARG B 191 6.78 -12.68 9.11
CA ARG B 191 5.57 -13.09 9.81
C ARG B 191 5.11 -12.07 10.84
N ASN B 192 6.01 -11.19 11.30
CA ASN B 192 5.72 -10.27 12.39
C ASN B 192 6.17 -8.85 12.05
N PRO B 193 5.48 -8.19 11.13
CA PRO B 193 5.65 -6.74 11.01
C PRO B 193 5.18 -6.06 12.28
N HIS B 194 5.89 -5.02 12.70
CA HIS B 194 5.56 -4.37 13.96
C HIS B 194 5.96 -2.90 13.91
N GLU B 195 5.22 -2.10 14.65
CA GLU B 195 5.49 -0.68 14.83
C GLU B 195 5.47 -0.38 16.32
N VAL B 196 6.07 0.75 16.68
CA VAL B 196 6.15 1.18 18.07
C VAL B 196 5.47 2.54 18.18
N GLN B 197 4.48 2.64 19.06
CA GLN B 197 3.76 3.89 19.23
C GLN B 197 4.62 4.91 19.95
N PRO B 198 4.34 6.20 19.76
CA PRO B 198 5.14 7.24 20.42
C PRO B 198 5.08 7.10 21.93
N ALA B 199 6.12 7.61 22.60
CA ALA B 199 6.20 7.61 24.05
C ALA B 199 6.51 9.01 24.54
N TYR B 200 6.17 9.27 25.80
CA TYR B 200 6.33 10.59 26.39
C TYR B 200 7.21 10.54 27.63
N ALA B 201 8.07 9.53 27.73
CA ALA B 201 9.05 9.43 28.80
C ALA B 201 10.15 8.50 28.32
N THR B 202 11.40 8.91 28.49
CA THR B 202 12.54 8.11 28.04
C THR B 202 12.43 6.69 28.60
N ARG B 203 12.66 5.71 27.73
CA ARG B 203 12.60 4.31 28.12
C ARG B 203 13.76 3.55 27.50
N TYR B 204 14.04 2.38 28.07
CA TYR B 204 15.17 1.56 27.67
C TYR B 204 14.70 0.13 27.42
N ALA B 205 15.30 -0.51 26.41
CA ALA B 205 14.99 -1.90 26.10
C ALA B 205 16.25 -2.55 25.54
N ILE B 206 16.37 -3.85 25.79
CA ILE B 206 17.50 -4.65 25.32
C ILE B 206 16.97 -5.69 24.35
N THR B 207 17.54 -5.73 23.16
CA THR B 207 17.11 -6.66 22.11
C THR B 207 18.28 -7.56 21.72
N VAL B 208 17.98 -8.85 21.56
CA VAL B 208 18.95 -9.84 21.08
C VAL B 208 18.27 -10.66 19.99
N TRP B 209 19.01 -10.95 18.94
CA TRP B 209 18.55 -11.77 17.83
C TRP B 209 19.34 -13.07 17.79
N TYR B 210 18.63 -14.18 17.66
CA TYR B 210 19.24 -15.50 17.58
C TYR B 210 19.27 -15.97 16.13
N PHE B 211 20.41 -16.53 15.73
CA PHE B 211 20.64 -16.93 14.35
C PHE B 211 20.14 -18.35 14.09
N ASP B 212 19.70 -18.59 12.86
CA ASP B 212 19.50 -19.95 12.37
C ASP B 212 20.75 -20.38 11.64
N ALA B 213 21.25 -21.57 11.97
CA ALA B 213 22.53 -22.03 11.44
C ALA B 213 22.57 -21.94 9.92
N ASP B 214 21.63 -22.62 9.25
CA ASP B 214 21.65 -22.68 7.80
C ASP B 214 21.46 -21.29 7.19
N GLU B 215 20.42 -20.58 7.63
CA GLU B 215 20.16 -19.26 7.06
C GLU B 215 21.34 -18.33 7.25
N ARG B 216 21.93 -18.33 8.46
CA ARG B 216 23.07 -17.44 8.71
C ARG B 216 24.27 -17.84 7.89
N ALA B 217 24.48 -19.15 7.68
CA ALA B 217 25.60 -19.60 6.87
C ALA B 217 25.47 -19.13 5.43
N ARG B 218 24.26 -19.20 4.85
CA ARG B 218 24.06 -18.71 3.50
C ARG B 218 24.31 -17.21 3.39
N ALA B 219 24.06 -16.46 4.47
CA ALA B 219 24.25 -15.02 4.43
C ALA B 219 25.73 -14.64 4.47
N LYS B 220 26.57 -15.45 5.11
CA LYS B 220 27.99 -15.16 5.21
C LYS B 220 28.75 -15.49 3.93
N VAL B 221 28.18 -16.34 3.06
CA VAL B 221 28.92 -16.82 1.90
C VAL B 221 29.28 -15.67 0.96
N LYS B 222 28.45 -14.63 0.90
CA LYS B 222 28.70 -13.55 -0.04
C LYS B 222 29.85 -12.64 0.37
N TYR B 223 30.31 -12.71 1.61
CA TYR B 223 31.39 -11.84 2.08
C TYR B 223 32.74 -12.50 1.84
N LEU B 224 33.72 -11.68 1.49
CA LEU B 224 35.06 -12.18 1.26
C LEU B 224 35.72 -12.59 2.58
N THR B 225 36.64 -13.55 2.48
CA THR B 225 37.30 -14.07 3.67
C THR B 225 38.03 -12.98 4.45
N GLY B 226 38.30 -11.83 3.82
CA GLY B 226 38.95 -10.73 4.50
C GLY B 226 38.00 -9.98 5.42
N GLN C 4 37.93 2.64 -28.70
CA GLN C 4 37.84 1.40 -29.48
C GLN C 4 38.15 0.19 -28.60
N THR C 5 39.38 0.12 -28.12
CA THR C 5 39.79 -1.00 -27.27
C THR C 5 38.89 -1.09 -26.05
N LYS C 6 38.28 -2.25 -25.86
CA LYS C 6 37.41 -2.49 -24.71
C LYS C 6 38.13 -3.31 -23.65
N PRO C 7 37.96 -3.02 -22.35
CA PRO C 7 37.17 -1.91 -21.80
C PRO C 7 37.82 -0.55 -22.01
N LEU C 8 37.08 0.53 -21.74
CA LEU C 8 37.56 1.87 -21.95
C LEU C 8 38.33 2.38 -20.74
N PRO C 9 39.11 3.45 -20.90
CA PRO C 9 39.73 4.09 -19.72
C PRO C 9 38.70 4.41 -18.64
N ALA C 10 38.89 3.82 -17.46
CA ALA C 10 37.87 3.92 -16.42
C ALA C 10 37.72 5.33 -15.89
N LEU C 11 38.84 6.03 -15.69
CA LEU C 11 38.78 7.35 -15.08
C LEU C 11 37.91 8.31 -15.89
N LYS C 12 38.08 8.31 -17.21
CA LYS C 12 37.26 9.17 -18.06
C LYS C 12 35.78 8.85 -17.89
N LEU C 13 35.43 7.56 -17.90
CA LEU C 13 34.02 7.17 -17.82
C LEU C 13 33.43 7.48 -16.45
N ALA C 14 34.24 7.43 -15.40
CA ALA C 14 33.73 7.68 -14.05
C ALA C 14 33.47 9.16 -13.81
N LEU C 15 34.37 10.03 -14.26
CA LEU C 15 34.24 11.45 -13.98
C LEU C 15 33.13 12.09 -14.81
N GLU C 16 33.01 11.70 -16.07
CA GLU C 16 32.11 12.39 -17.00
C GLU C 16 30.71 11.77 -17.05
N TYR C 17 30.53 10.54 -16.58
CA TYR C 17 29.25 9.87 -16.74
C TYR C 17 28.75 9.26 -15.44
N ILE C 18 29.48 8.28 -14.90
CA ILE C 18 28.96 7.50 -13.78
C ILE C 18 28.66 8.38 -12.58
N VAL C 19 29.62 9.20 -12.17
CA VAL C 19 29.46 10.04 -10.98
C VAL C 19 28.31 11.01 -11.18
N PRO C 20 28.32 11.86 -12.20
CA PRO C 20 27.20 12.81 -12.36
C PRO C 20 25.86 12.11 -12.57
N CYS C 21 25.84 11.04 -13.36
CA CYS C 21 24.58 10.32 -13.59
C CYS C 21 24.08 9.68 -12.31
N MET C 22 24.98 9.12 -11.49
CA MET C 22 24.56 8.50 -10.25
C MET C 22 23.98 9.52 -9.29
N ASN C 23 24.66 10.67 -9.14
CA ASN C 23 24.21 11.66 -8.17
C ASN C 23 22.88 12.29 -8.57
N LYS C 24 22.59 12.36 -9.87
CA LYS C 24 21.37 12.99 -10.36
C LYS C 24 20.21 12.02 -10.44
N HIS C 25 20.44 10.83 -11.00
CA HIS C 25 19.38 9.86 -11.25
C HIS C 25 19.45 8.61 -10.38
N GLY C 26 20.65 8.22 -9.92
CA GLY C 26 20.78 7.00 -9.15
C GLY C 26 20.63 5.74 -9.96
N ILE C 27 20.60 5.83 -11.28
CA ILE C 27 20.53 4.68 -12.19
C ILE C 27 21.38 5.02 -13.40
N CYS C 28 22.37 4.19 -13.71
CA CYS C 28 23.29 4.48 -14.79
CA CYS C 28 23.32 4.47 -14.77
C CYS C 28 23.61 3.19 -15.55
N VAL C 29 23.59 3.30 -16.87
CA VAL C 29 23.79 2.16 -17.76
C VAL C 29 25.04 2.41 -18.59
N VAL C 30 25.86 1.37 -18.71
CA VAL C 30 27.07 1.39 -19.52
C VAL C 30 26.98 0.21 -20.49
N ASP C 31 26.90 0.50 -21.78
CA ASP C 31 26.81 -0.53 -22.81
C ASP C 31 28.19 -0.88 -23.35
N ASP C 32 28.30 -2.08 -23.90
CA ASP C 32 29.55 -2.59 -24.44
C ASP C 32 30.69 -2.40 -23.44
N PHE C 33 30.48 -2.95 -22.24
CA PHE C 33 31.41 -2.72 -21.14
C PHE C 33 32.75 -3.41 -21.37
N LEU C 34 32.71 -4.69 -21.80
CA LEU C 34 33.92 -5.47 -21.98
C LEU C 34 34.18 -5.90 -23.42
N GLY C 35 33.20 -5.84 -24.31
CA GLY C 35 33.36 -6.25 -25.68
C GLY C 35 32.81 -7.65 -25.93
N LYS C 36 32.50 -7.92 -27.19
CA LYS C 36 31.88 -9.19 -27.56
C LYS C 36 32.74 -10.37 -27.14
N GLU C 37 34.05 -10.30 -27.42
CA GLU C 37 34.93 -11.44 -27.15
C GLU C 37 34.94 -11.78 -25.67
N THR C 38 35.31 -10.81 -24.83
CA THR C 38 35.32 -11.05 -23.38
C THR C 38 33.94 -11.39 -22.86
N GLY C 39 32.91 -10.69 -23.37
CA GLY C 39 31.56 -10.99 -22.93
C GLY C 39 31.14 -12.42 -23.24
N GLN C 40 31.57 -12.94 -24.38
CA GLN C 40 31.27 -14.33 -24.72
C GLN C 40 32.02 -15.31 -23.83
N GLN C 41 33.27 -14.97 -23.49
CA GLN C 41 34.05 -15.84 -22.59
C GLN C 41 33.38 -15.93 -21.22
N ILE C 42 32.85 -14.81 -20.72
CA ILE C 42 32.14 -14.85 -19.45
C ILE C 42 30.91 -15.74 -19.55
N GLY C 43 30.20 -15.66 -20.68
CA GLY C 43 29.05 -16.53 -20.87
C GLY C 43 29.41 -18.00 -20.74
N ASP C 44 30.50 -18.41 -21.41
CA ASP C 44 30.93 -19.80 -21.32
C ASP C 44 31.24 -20.18 -19.88
N GLU C 45 31.91 -19.30 -19.14
CA GLU C 45 32.27 -19.62 -17.76
C GLU C 45 31.03 -19.75 -16.88
N VAL C 46 30.11 -18.77 -16.98
CA VAL C 46 28.89 -18.83 -16.18
C VAL C 46 28.07 -20.06 -16.55
N ARG C 47 27.95 -20.34 -17.86
CA ARG C 47 27.17 -21.50 -18.28
C ARG C 47 27.79 -22.78 -17.74
N ALA C 48 29.11 -22.95 -17.90
CA ALA C 48 29.78 -24.09 -17.32
C ALA C 48 29.65 -24.13 -15.81
N LEU C 49 29.43 -22.98 -15.18
CA LEU C 49 29.28 -22.95 -13.73
C LEU C 49 27.95 -23.52 -13.28
N HIS C 50 26.90 -23.36 -14.10
CA HIS C 50 25.56 -23.83 -13.77
C HIS C 50 25.14 -25.04 -14.58
N ASP C 51 25.97 -25.51 -15.52
CA ASP C 51 25.61 -26.66 -16.34
C ASP C 51 25.55 -27.92 -15.48
N THR C 52 24.48 -28.70 -15.69
CA THR C 52 24.30 -29.96 -14.98
C THR C 52 23.92 -31.08 -15.94
N GLY C 73 13.63 -20.26 -7.37
CA GLY C 73 13.71 -21.08 -8.56
C GLY C 73 15.00 -20.89 -9.34
N ASP C 74 15.79 -19.90 -8.94
CA ASP C 74 17.05 -19.58 -9.61
C ASP C 74 18.22 -20.26 -8.91
N LYS C 75 19.34 -20.31 -9.62
CA LYS C 75 20.58 -20.89 -9.11
C LYS C 75 21.56 -19.76 -8.84
N ILE C 76 22.17 -19.78 -7.66
CA ILE C 76 23.08 -18.73 -7.22
C ILE C 76 24.40 -19.37 -6.81
N THR C 77 25.50 -18.86 -7.36
CA THR C 77 26.85 -19.26 -6.95
C THR C 77 27.64 -17.98 -6.72
N TRP C 78 28.23 -17.85 -5.53
CA TRP C 78 29.05 -16.70 -5.20
C TRP C 78 30.48 -16.97 -5.64
N ILE C 79 31.00 -16.12 -6.52
CA ILE C 79 32.30 -16.33 -7.16
C ILE C 79 33.26 -15.25 -6.68
N GLU C 80 34.44 -15.68 -6.22
CA GLU C 80 35.45 -14.76 -5.74
C GLU C 80 36.28 -14.16 -6.87
N GLY C 81 36.44 -14.89 -7.97
CA GLY C 81 37.10 -14.40 -9.16
C GLY C 81 38.36 -15.15 -9.55
N LYS C 82 38.93 -15.95 -8.64
CA LYS C 82 40.15 -16.70 -8.90
C LYS C 82 39.94 -18.20 -8.89
N GLU C 83 38.69 -18.67 -8.82
CA GLU C 83 38.44 -20.09 -8.85
C GLU C 83 38.78 -20.67 -10.23
N PRO C 84 39.04 -21.97 -10.31
CA PRO C 84 39.35 -22.57 -11.61
C PRO C 84 38.23 -22.33 -12.61
N GLY C 85 38.62 -21.94 -13.82
CA GLY C 85 37.67 -21.69 -14.87
C GLY C 85 36.83 -20.44 -14.71
N CYS C 86 37.22 -19.54 -13.79
CA CYS C 86 36.47 -18.31 -13.55
C CYS C 86 37.36 -17.07 -13.71
N GLU C 87 38.44 -17.18 -14.48
CA GLU C 87 39.35 -16.04 -14.62
C GLU C 87 38.66 -14.86 -15.31
N THR C 88 37.86 -15.13 -16.34
CA THR C 88 37.20 -14.04 -17.06
C THR C 88 36.18 -13.34 -16.17
N ILE C 89 35.43 -14.10 -15.37
CA ILE C 89 34.55 -13.48 -14.38
C ILE C 89 35.36 -12.61 -13.44
N GLY C 90 36.58 -13.03 -13.12
CA GLY C 90 37.45 -12.20 -12.30
C GLY C 90 37.86 -10.92 -13.01
N LEU C 91 38.08 -10.99 -14.32
CA LEU C 91 38.37 -9.78 -15.09
C LEU C 91 37.19 -8.81 -15.05
N LEU C 92 35.97 -9.33 -15.20
CA LEU C 92 34.79 -8.49 -15.05
C LEU C 92 34.79 -7.80 -13.70
N MET C 93 35.03 -8.56 -12.63
CA MET C 93 35.03 -7.98 -11.28
C MET C 93 36.13 -6.95 -11.13
N SER C 94 37.29 -7.18 -11.76
CA SER C 94 38.38 -6.20 -11.69
C SER C 94 38.02 -4.94 -12.47
N SER C 95 37.31 -5.09 -13.59
CA SER C 95 36.88 -3.93 -14.35
C SER C 95 35.85 -3.11 -13.57
N MET C 96 34.89 -3.79 -12.93
CA MET C 96 33.95 -3.09 -12.07
C MET C 96 34.66 -2.30 -10.98
N ASP C 97 35.64 -2.93 -10.33
CA ASP C 97 36.38 -2.25 -9.27
C ASP C 97 37.12 -1.03 -9.81
N ASP C 98 37.64 -1.12 -11.04
CA ASP C 98 38.37 0.00 -11.62
C ASP C 98 37.47 1.23 -11.72
N LEU C 99 36.26 1.07 -12.26
CA LEU C 99 35.36 2.20 -12.40
C LEU C 99 35.07 2.84 -11.06
N ILE C 100 34.64 2.03 -10.08
CA ILE C 100 34.21 2.59 -8.81
C ILE C 100 35.38 3.17 -8.03
N ARG C 101 36.57 2.60 -8.19
CA ARG C 101 37.73 3.18 -7.54
C ARG C 101 38.00 4.60 -8.05
N HIS C 102 37.69 4.86 -9.32
CA HIS C 102 37.93 6.16 -9.92
C HIS C 102 36.80 7.16 -9.62
N CYS C 103 35.76 6.74 -8.93
CA CYS C 103 34.75 7.69 -8.49
C CYS C 103 35.23 8.53 -7.31
N ASN C 104 36.29 8.09 -6.62
CA ASN C 104 36.98 8.90 -5.62
C ASN C 104 36.01 9.40 -4.55
N GLY C 105 35.18 8.49 -4.05
CA GLY C 105 34.23 8.85 -3.02
C GLY C 105 33.29 9.97 -3.38
N LYS C 106 33.08 10.21 -4.67
CA LYS C 106 32.16 11.24 -5.13
C LYS C 106 30.77 10.69 -5.43
N LEU C 107 30.53 9.40 -5.22
CA LEU C 107 29.19 8.83 -5.32
C LEU C 107 28.45 9.20 -4.04
N GLY C 108 27.69 10.29 -4.08
CA GLY C 108 27.05 10.77 -2.87
C GLY C 108 28.08 11.10 -1.81
N SER C 109 27.76 10.79 -0.56
CA SER C 109 28.68 10.93 0.55
C SER C 109 29.32 9.60 0.94
N TYR C 110 29.30 8.62 0.03
CA TYR C 110 29.79 7.28 0.34
C TYR C 110 31.30 7.21 0.18
N LYS C 111 31.92 6.35 0.99
CA LYS C 111 33.34 6.03 0.92
C LYS C 111 33.42 4.53 0.64
N ILE C 112 33.42 4.16 -0.64
CA ILE C 112 33.39 2.75 -1.01
C ILE C 112 34.76 2.14 -0.75
N ASN C 113 34.80 1.08 0.06
CA ASN C 113 36.04 0.43 0.44
C ASN C 113 36.02 -1.08 0.24
N GLY C 114 34.91 -1.65 -0.19
CA GLY C 114 34.84 -3.09 -0.38
C GLY C 114 33.59 -3.46 -1.14
N ARG C 115 33.44 -4.76 -1.37
CA ARG C 115 32.30 -5.28 -2.10
C ARG C 115 32.10 -6.75 -1.73
N THR C 116 30.93 -7.26 -2.08
CA THR C 116 30.62 -8.67 -1.92
C THR C 116 31.35 -9.48 -2.98
N LYS C 117 31.21 -10.80 -2.90
CA LYS C 117 31.57 -11.66 -4.02
C LYS C 117 30.62 -11.42 -5.18
N ALA C 118 30.93 -12.03 -6.32
CA ALA C 118 30.08 -11.93 -7.48
C ALA C 118 28.94 -12.94 -7.38
N MET C 119 27.70 -12.46 -7.41
CA MET C 119 26.53 -13.34 -7.40
C MET C 119 26.27 -13.75 -8.84
N VAL C 120 26.71 -14.95 -9.21
CA VAL C 120 26.52 -15.49 -10.55
C VAL C 120 25.20 -16.24 -10.53
N ALA C 121 24.16 -15.64 -11.12
CA ALA C 121 22.80 -16.15 -11.02
C ALA C 121 22.36 -16.75 -12.35
N CYS C 122 21.56 -17.81 -12.26
CA CYS C 122 20.90 -18.41 -13.41
C CYS C 122 19.40 -18.31 -13.20
N TYR C 123 18.73 -17.56 -14.08
CA TYR C 123 17.31 -17.30 -13.94
C TYR C 123 16.53 -18.14 -14.95
N PRO C 124 15.58 -18.96 -14.51
CA PRO C 124 14.88 -19.83 -15.47
C PRO C 124 13.89 -19.06 -16.31
N GLY C 125 13.68 -19.55 -17.53
CA GLY C 125 12.72 -18.92 -18.43
C GLY C 125 11.37 -19.60 -18.39
N ASN C 126 10.83 -19.81 -17.19
CA ASN C 126 9.55 -20.46 -17.00
C ASN C 126 8.43 -19.46 -16.76
N GLY C 127 8.54 -18.26 -17.30
CA GLY C 127 7.51 -17.25 -17.10
C GLY C 127 7.38 -16.82 -15.66
N THR C 128 8.49 -16.67 -14.95
CA THR C 128 8.49 -16.23 -13.57
C THR C 128 9.22 -14.89 -13.47
N GLY C 129 8.58 -13.92 -12.83
CA GLY C 129 9.21 -12.66 -12.50
C GLY C 129 9.68 -12.64 -11.06
N TYR C 130 10.22 -11.49 -10.66
CA TYR C 130 10.74 -11.29 -9.32
C TYR C 130 10.01 -10.11 -8.67
N VAL C 131 9.44 -10.37 -7.49
CA VAL C 131 8.61 -9.37 -6.82
C VAL C 131 9.42 -8.09 -6.56
N ARG C 132 8.71 -6.96 -6.54
CA ARG C 132 9.34 -5.67 -6.28
C ARG C 132 9.97 -5.69 -4.89
N HIS C 133 11.20 -5.16 -4.80
CA HIS C 133 11.96 -5.24 -3.57
C HIS C 133 13.03 -4.17 -3.56
N VAL C 134 13.56 -3.90 -2.38
CA VAL C 134 14.74 -3.05 -2.18
C VAL C 134 15.90 -3.94 -1.80
N ASP C 135 17.04 -3.76 -2.49
CA ASP C 135 18.20 -4.61 -2.24
C ASP C 135 18.66 -4.52 -0.79
N ASN C 136 18.90 -3.30 -0.30
CA ASN C 136 19.38 -3.05 1.07
C ASN C 136 18.39 -2.13 1.77
N PRO C 137 17.36 -2.69 2.44
CA PRO C 137 16.33 -1.83 3.04
C PRO C 137 16.67 -1.33 4.44
N ASN C 138 17.58 -2.02 5.14
CA ASN C 138 17.88 -1.71 6.54
C ASN C 138 19.37 -1.46 6.75
N GLY C 139 20.04 -0.86 5.76
CA GLY C 139 21.43 -0.45 5.91
C GLY C 139 22.38 -1.54 6.33
N ASP C 140 22.54 -2.56 5.49
CA ASP C 140 23.45 -3.66 5.79
C ASP C 140 24.87 -3.41 5.29
N GLY C 141 25.14 -2.22 4.75
CA GLY C 141 26.46 -1.84 4.26
C GLY C 141 26.51 -1.58 2.77
N ARG C 142 25.64 -2.22 2.00
CA ARG C 142 25.66 -2.10 0.55
C ARG C 142 25.02 -0.79 0.12
N CYS C 143 25.75 -0.01 -0.70
CA CYS C 143 25.27 1.27 -1.17
C CYS C 143 25.08 1.33 -2.68
N VAL C 144 25.82 0.54 -3.46
CA VAL C 144 25.72 0.56 -4.91
C VAL C 144 25.54 -0.86 -5.42
N THR C 145 24.52 -1.06 -6.26
CA THR C 145 24.27 -2.35 -6.91
C THR C 145 24.85 -2.31 -8.33
N CYS C 146 25.56 -3.37 -8.70
CA CYS C 146 26.19 -3.49 -10.00
CA CYS C 146 26.19 -3.49 -10.00
C CYS C 146 25.76 -4.80 -10.64
N ILE C 147 25.16 -4.73 -11.82
CA ILE C 147 24.65 -5.89 -12.53
C ILE C 147 25.23 -5.91 -13.94
N TYR C 148 25.77 -7.06 -14.34
CA TYR C 148 26.31 -7.28 -15.67
C TYR C 148 25.51 -8.38 -16.34
N TYR C 149 25.04 -8.12 -17.57
CA TYR C 149 24.23 -9.05 -18.34
C TYR C 149 25.06 -9.67 -19.44
N LEU C 150 24.89 -10.98 -19.66
CA LEU C 150 25.81 -11.75 -20.49
C LEU C 150 25.10 -12.72 -21.42
N ASN C 151 23.89 -12.37 -21.87
CA ASN C 151 23.13 -13.22 -22.77
C ASN C 151 23.21 -12.63 -24.18
N LYS C 152 24.06 -13.23 -25.02
CA LYS C 152 24.28 -12.69 -26.35
C LYS C 152 22.99 -12.73 -27.16
N ASP C 153 22.77 -11.68 -27.95
CA ASP C 153 21.62 -11.59 -28.86
C ASP C 153 20.30 -11.68 -28.12
N TRP C 154 20.27 -11.28 -26.86
CA TRP C 154 19.03 -11.31 -26.08
C TRP C 154 18.11 -10.18 -26.54
N ASP C 155 16.89 -10.54 -26.93
CA ASP C 155 15.89 -9.59 -27.39
C ASP C 155 14.78 -9.54 -26.34
N ALA C 156 14.84 -8.52 -25.46
CA ALA C 156 13.90 -8.45 -24.36
C ALA C 156 12.46 -8.35 -24.84
N LYS C 157 12.25 -7.80 -26.04
CA LYS C 157 10.89 -7.61 -26.54
C LYS C 157 10.25 -8.91 -26.99
N VAL C 158 11.00 -10.00 -27.07
CA VAL C 158 10.43 -11.32 -27.34
C VAL C 158 10.75 -12.34 -26.26
N SER C 159 11.80 -12.13 -25.46
CA SER C 159 12.19 -13.08 -24.42
C SER C 159 11.93 -12.58 -23.01
N GLY C 160 11.69 -11.29 -22.82
CA GLY C 160 11.32 -10.78 -21.51
C GLY C 160 12.52 -10.48 -20.63
N GLY C 161 12.30 -10.54 -19.32
CA GLY C 161 13.35 -10.32 -18.35
C GLY C 161 13.69 -8.87 -18.09
N ILE C 162 12.82 -7.94 -18.50
CA ILE C 162 13.12 -6.52 -18.33
C ILE C 162 13.13 -6.17 -16.85
N LEU C 163 14.06 -5.29 -16.47
CA LEU C 163 14.16 -4.77 -15.12
C LEU C 163 13.45 -3.41 -15.04
N ARG C 164 12.51 -3.30 -14.11
CA ARG C 164 11.75 -2.07 -13.91
C ARG C 164 12.11 -1.49 -12.54
N ILE C 165 12.66 -0.27 -12.55
CA ILE C 165 13.06 0.42 -11.33
C ILE C 165 12.13 1.61 -11.13
N PHE C 166 11.74 1.85 -9.87
CA PHE C 166 10.82 2.92 -9.50
C PHE C 166 11.55 3.91 -8.60
N PRO C 167 12.35 4.80 -9.15
CA PRO C 167 13.07 5.77 -8.32
C PRO C 167 12.11 6.52 -7.40
N GLU C 168 12.47 6.59 -6.12
CA GLU C 168 11.57 7.15 -5.12
C GLU C 168 11.35 8.64 -5.38
N GLY C 169 10.08 9.07 -5.29
CA GLY C 169 9.73 10.45 -5.42
C GLY C 169 9.63 10.97 -6.84
N LYS C 170 10.03 10.18 -7.83
CA LYS C 170 9.96 10.63 -9.21
C LYS C 170 8.60 10.29 -9.82
N ALA C 171 8.26 11.00 -10.89
CA ALA C 171 7.01 10.79 -11.60
C ALA C 171 7.10 9.70 -12.66
N GLN C 172 8.29 9.17 -12.90
CA GLN C 172 8.50 8.15 -13.93
C GLN C 172 9.21 6.95 -13.33
N PHE C 173 9.09 5.82 -14.04
CA PHE C 173 9.87 4.63 -13.75
C PHE C 173 10.62 4.22 -15.02
N ALA C 174 11.63 3.37 -14.85
CA ALA C 174 12.54 3.05 -15.94
C ALA C 174 12.60 1.55 -16.16
N ASP C 175 12.39 1.13 -17.41
CA ASP C 175 12.61 -0.25 -17.81
C ASP C 175 14.02 -0.40 -18.38
N ILE C 176 14.77 -1.36 -17.86
CA ILE C 176 16.14 -1.62 -18.29
C ILE C 176 16.17 -2.99 -18.94
N GLU C 177 16.50 -3.04 -20.22
CA GLU C 177 16.61 -4.31 -20.92
C GLU C 177 17.93 -4.99 -20.52
N PRO C 178 17.92 -6.29 -20.22
CA PRO C 178 19.18 -6.98 -19.86
C PRO C 178 20.02 -7.31 -21.09
N LYS C 179 20.58 -6.27 -21.70
CA LYS C 179 21.28 -6.42 -22.97
C LYS C 179 22.67 -7.00 -22.77
N PHE C 180 23.13 -7.75 -23.77
CA PHE C 180 24.43 -8.39 -23.71
C PHE C 180 25.53 -7.35 -23.50
N ASP C 181 26.43 -7.63 -22.56
CA ASP C 181 27.60 -6.81 -22.28
C ASP C 181 27.24 -5.45 -21.67
N ARG C 182 26.09 -5.36 -21.02
CA ARG C 182 25.63 -4.11 -20.40
C ARG C 182 25.90 -4.15 -18.90
N LEU C 183 26.40 -3.03 -18.39
CA LEU C 183 26.65 -2.84 -16.97
C LEU C 183 25.69 -1.81 -16.40
N LEU C 184 25.05 -2.14 -15.28
CA LEU C 184 24.03 -1.31 -14.66
C LEU C 184 24.43 -0.98 -13.23
N PHE C 185 24.44 0.30 -12.91
CA PHE C 185 24.63 0.80 -11.54
C PHE C 185 23.32 1.38 -11.03
N PHE C 186 23.07 1.24 -9.73
CA PHE C 186 22.01 2.00 -9.09
C PHE C 186 22.13 1.87 -7.58
N TRP C 187 21.62 2.87 -6.87
CA TRP C 187 21.65 2.87 -5.42
C TRP C 187 20.92 1.64 -4.89
N SER C 188 21.51 0.99 -3.88
CA SER C 188 20.96 -0.25 -3.34
C SER C 188 19.85 -0.01 -2.33
N ASP C 189 19.71 1.20 -1.80
CA ASP C 189 18.79 1.43 -0.69
C ASP C 189 17.37 1.70 -1.18
N ARG C 190 16.52 2.26 -0.31
CA ARG C 190 15.11 2.44 -0.61
C ARG C 190 14.86 3.35 -1.80
N ARG C 191 15.87 4.10 -2.25
CA ARG C 191 15.67 5.00 -3.39
C ARG C 191 15.33 4.27 -4.67
N ASN C 192 15.70 2.99 -4.79
CA ASN C 192 15.52 2.23 -6.03
C ASN C 192 14.86 0.89 -5.75
N PRO C 193 13.56 0.88 -5.48
CA PRO C 193 12.81 -0.38 -5.53
C PRO C 193 12.68 -0.82 -6.99
N HIS C 194 12.69 -2.13 -7.19
CA HIS C 194 12.71 -2.66 -8.55
C HIS C 194 12.12 -4.05 -8.58
N GLU C 195 11.54 -4.38 -9.73
CA GLU C 195 11.00 -5.70 -10.02
C GLU C 195 11.58 -6.17 -11.34
N VAL C 196 11.40 -7.45 -11.64
CA VAL C 196 11.87 -8.04 -12.89
C VAL C 196 10.72 -8.76 -13.55
N GLN C 197 10.56 -8.54 -14.86
CA GLN C 197 9.45 -9.14 -15.58
C GLN C 197 9.76 -10.59 -15.95
N PRO C 198 8.73 -11.40 -16.13
CA PRO C 198 8.96 -12.81 -16.49
C PRO C 198 9.81 -12.95 -17.74
N ALA C 199 10.54 -14.06 -17.80
CA ALA C 199 11.35 -14.41 -18.95
C ALA C 199 10.92 -15.78 -19.48
N TYR C 200 11.16 -15.99 -20.78
CA TYR C 200 10.77 -17.23 -21.44
C TYR C 200 11.96 -17.95 -22.05
N ALA C 201 13.17 -17.65 -21.56
CA ALA C 201 14.36 -18.38 -21.92
C ALA C 201 15.37 -18.18 -20.79
N THR C 202 16.16 -19.21 -20.52
CA THR C 202 17.17 -19.11 -19.48
C THR C 202 18.06 -17.89 -19.74
N ARG C 203 18.39 -17.17 -18.67
CA ARG C 203 19.29 -16.03 -18.77
C ARG C 203 20.16 -15.96 -17.53
N TYR C 204 21.28 -15.27 -17.65
CA TYR C 204 22.28 -15.17 -16.60
C TYR C 204 22.61 -13.70 -16.36
N ALA C 205 22.96 -13.39 -15.12
CA ALA C 205 23.43 -12.06 -14.76
C ALA C 205 24.32 -12.19 -13.54
N ILE C 206 25.32 -11.30 -13.46
CA ILE C 206 26.27 -11.27 -12.36
C ILE C 206 26.08 -9.97 -11.60
N THR C 207 25.87 -10.05 -10.30
CA THR C 207 25.65 -8.89 -9.46
C THR C 207 26.72 -8.80 -8.38
N VAL C 208 27.23 -7.60 -8.17
CA VAL C 208 28.11 -7.30 -7.05
C VAL C 208 27.60 -6.04 -6.36
N TRP C 209 27.64 -6.02 -5.04
CA TRP C 209 27.24 -4.87 -4.26
C TRP C 209 28.48 -4.28 -3.58
N TYR C 210 28.64 -2.96 -3.67
CA TYR C 210 29.76 -2.27 -3.07
C TYR C 210 29.33 -1.67 -1.74
N PHE C 211 30.24 -1.72 -0.76
CA PHE C 211 29.95 -1.32 0.59
C PHE C 211 30.31 0.14 0.84
N ASP C 212 29.63 0.74 1.80
CA ASP C 212 30.03 2.02 2.37
C ASP C 212 30.75 1.75 3.69
N ALA C 213 31.96 2.31 3.83
CA ALA C 213 32.79 1.99 4.98
C ALA C 213 32.03 2.16 6.30
N ASP C 214 31.40 3.32 6.49
CA ASP C 214 30.73 3.59 7.76
C ASP C 214 29.54 2.65 7.95
N GLU C 215 28.65 2.58 6.96
CA GLU C 215 27.47 1.74 7.09
C GLU C 215 27.86 0.28 7.31
N ARG C 216 28.81 -0.23 6.51
CA ARG C 216 29.28 -1.59 6.69
C ARG C 216 29.81 -1.80 8.11
N ALA C 217 30.65 -0.88 8.58
CA ALA C 217 31.23 -1.02 9.91
C ALA C 217 30.15 -1.06 10.98
N ARG C 218 29.19 -0.14 10.90
CA ARG C 218 28.12 -0.10 11.90
C ARG C 218 27.30 -1.38 11.88
N ALA C 219 27.21 -2.04 10.72
CA ALA C 219 26.44 -3.28 10.62
C ALA C 219 27.17 -4.48 11.19
N LYS C 220 28.51 -4.41 11.31
CA LYS C 220 29.29 -5.55 11.79
C LYS C 220 29.42 -5.59 13.30
N VAL C 221 29.32 -4.45 13.98
CA VAL C 221 29.58 -4.43 15.42
C VAL C 221 28.64 -5.36 16.16
N LYS C 222 27.43 -5.57 15.63
CA LYS C 222 26.44 -6.40 16.31
C LYS C 222 26.85 -7.87 16.41
N TYR C 223 27.86 -8.29 15.64
CA TYR C 223 28.27 -9.68 15.61
C TYR C 223 29.43 -9.93 16.58
N LEU C 224 29.41 -11.10 17.21
CA LEU C 224 30.50 -11.50 18.08
C LEU C 224 31.74 -11.83 17.25
N THR C 225 32.86 -11.97 17.93
CA THR C 225 34.13 -12.30 17.27
C THR C 225 34.04 -13.64 16.56
N PRO D 7 13.94 32.66 23.64
CA PRO D 7 13.64 34.09 23.57
C PRO D 7 14.52 34.84 22.57
N LEU D 8 14.04 35.01 21.34
CA LEU D 8 14.82 35.61 20.28
C LEU D 8 13.95 36.55 19.47
N PRO D 9 14.52 37.59 18.88
CA PRO D 9 13.79 38.39 17.89
C PRO D 9 13.63 37.62 16.59
N ALA D 10 12.80 38.18 15.70
CA ALA D 10 12.44 37.47 14.49
C ALA D 10 13.67 37.06 13.69
N LEU D 11 14.59 38.00 13.46
CA LEU D 11 15.73 37.73 12.59
C LEU D 11 16.61 36.61 13.16
N LYS D 12 16.97 36.71 14.44
CA LYS D 12 17.81 35.68 15.04
C LYS D 12 17.09 34.33 15.07
N LEU D 13 15.80 34.33 15.40
CA LEU D 13 15.05 33.08 15.46
C LEU D 13 15.07 32.38 14.11
N ALA D 14 14.97 33.14 13.02
CA ALA D 14 14.95 32.54 11.69
C ALA D 14 16.31 31.96 11.34
N LEU D 15 17.38 32.75 11.47
CA LEU D 15 18.69 32.31 11.03
C LEU D 15 19.29 31.28 11.98
N GLU D 16 19.02 31.39 13.27
CA GLU D 16 19.66 30.53 14.26
C GLU D 16 18.84 29.29 14.61
N TYR D 17 17.62 29.16 14.10
CA TYR D 17 16.80 28.00 14.46
C TYR D 17 16.01 27.46 13.27
N ILE D 18 15.07 28.25 12.74
CA ILE D 18 14.20 27.75 11.68
C ILE D 18 15.01 27.23 10.50
N VAL D 19 15.95 28.03 10.01
CA VAL D 19 16.73 27.67 8.84
C VAL D 19 17.47 26.35 9.09
N PRO D 20 18.35 26.28 10.10
CA PRO D 20 19.06 25.02 10.33
C PRO D 20 18.14 23.85 10.65
N CYS D 21 17.09 24.09 11.45
CA CYS D 21 16.18 23.01 11.81
C CYS D 21 15.40 22.52 10.59
N MET D 22 14.85 23.45 9.80
CA MET D 22 14.10 23.07 8.61
C MET D 22 14.95 22.25 7.66
N ASN D 23 16.18 22.71 7.41
CA ASN D 23 17.06 22.00 6.46
C ASN D 23 17.47 20.64 6.99
N LYS D 24 17.54 20.46 8.31
CA LYS D 24 17.99 19.21 8.89
C LYS D 24 16.86 18.19 9.05
N HIS D 25 15.68 18.63 9.49
CA HIS D 25 14.57 17.73 9.75
C HIS D 25 13.32 18.01 8.93
N GLY D 26 13.16 19.21 8.39
CA GLY D 26 11.94 19.53 7.68
C GLY D 26 10.72 19.65 8.54
N ILE D 27 10.88 19.67 9.87
CA ILE D 27 9.78 19.85 10.81
C ILE D 27 10.32 20.68 11.98
N CYS D 28 9.80 21.89 12.16
N CYS D 28 9.79 21.89 12.15
CA CYS D 28 10.29 22.77 13.20
CA CYS D 28 10.26 22.84 13.15
C CYS D 28 9.12 23.35 13.99
C CYS D 28 9.09 23.31 13.99
N VAL D 29 9.29 23.38 15.30
CA VAL D 29 8.25 23.77 16.25
C VAL D 29 8.79 24.89 17.12
N VAL D 30 8.00 25.95 17.27
CA VAL D 30 8.31 27.05 18.18
C VAL D 30 7.13 27.22 19.11
N ASP D 31 7.41 27.33 20.40
CA ASP D 31 6.38 27.46 21.43
C ASP D 31 6.32 28.90 21.92
N ASP D 32 5.11 29.30 22.34
CA ASP D 32 4.87 30.66 22.84
C ASP D 32 5.25 31.68 21.77
N PHE D 33 4.74 31.47 20.56
CA PHE D 33 5.12 32.31 19.43
C PHE D 33 4.71 33.77 19.65
N LEU D 34 3.47 33.99 20.14
CA LEU D 34 2.95 35.33 20.32
C LEU D 34 2.61 35.66 21.78
N GLY D 35 2.73 34.71 22.70
CA GLY D 35 2.42 34.95 24.08
C GLY D 35 0.95 34.74 24.41
N LYS D 36 0.69 34.45 25.68
CA LYS D 36 -0.67 34.16 26.12
C LYS D 36 -1.61 35.33 25.85
N GLU D 37 -1.12 36.57 25.96
CA GLU D 37 -1.97 37.73 25.76
C GLU D 37 -2.53 37.75 24.33
N THR D 38 -1.63 37.75 23.33
CA THR D 38 -2.09 37.77 21.95
C THR D 38 -2.74 36.46 21.56
N GLY D 39 -2.33 35.35 22.17
CA GLY D 39 -2.93 34.07 21.84
C GLY D 39 -4.42 34.04 22.09
N GLN D 40 -4.84 34.42 23.30
CA GLN D 40 -6.26 34.46 23.61
C GLN D 40 -6.98 35.46 22.72
N GLN D 41 -6.33 36.60 22.42
CA GLN D 41 -6.94 37.57 21.52
C GLN D 41 -7.23 36.95 20.16
N ILE D 42 -6.31 36.13 19.66
CA ILE D 42 -6.57 35.40 18.42
C ILE D 42 -7.69 34.40 18.61
N GLY D 43 -7.74 33.77 19.79
CA GLY D 43 -8.81 32.81 20.05
C GLY D 43 -10.18 33.43 20.01
N ASP D 44 -10.31 34.65 20.56
CA ASP D 44 -11.60 35.33 20.53
C ASP D 44 -11.99 35.71 19.10
N GLU D 45 -11.02 36.18 18.31
CA GLU D 45 -11.33 36.56 16.93
C GLU D 45 -11.72 35.35 16.11
N VAL D 46 -11.05 34.21 16.31
CA VAL D 46 -11.37 33.01 15.55
C VAL D 46 -12.74 32.46 15.97
N ARG D 47 -12.98 32.35 17.28
CA ARG D 47 -14.29 31.92 17.75
C ARG D 47 -15.40 32.87 17.33
N ALA D 48 -15.05 34.11 16.98
CA ALA D 48 -16.07 35.08 16.58
C ALA D 48 -16.58 34.80 15.17
N LEU D 49 -15.68 34.54 14.23
CA LEU D 49 -16.04 34.44 12.83
C LEU D 49 -16.52 33.05 12.42
N HIS D 50 -16.65 32.12 13.37
CA HIS D 50 -17.08 30.76 13.06
C HIS D 50 -18.43 30.42 13.67
N ASP D 51 -18.53 30.39 15.00
CA ASP D 51 -19.76 29.98 15.68
C ASP D 51 -20.78 31.11 15.78
N THR D 52 -20.55 32.24 15.12
CA THR D 52 -21.52 33.33 15.08
C THR D 52 -21.50 33.94 13.67
N GLY D 53 -21.78 33.11 12.67
CA GLY D 53 -21.77 33.53 11.30
C GLY D 53 -21.79 32.37 10.32
N GLY D 73 -17.19 18.48 6.87
CA GLY D 73 -16.92 17.96 8.20
C GLY D 73 -16.33 19.01 9.13
N ASP D 74 -15.82 20.09 8.55
CA ASP D 74 -15.24 21.19 9.32
C ASP D 74 -15.65 22.50 8.67
N LYS D 75 -15.40 23.60 9.38
CA LYS D 75 -15.74 24.94 8.92
C LYS D 75 -14.46 25.68 8.56
N ILE D 76 -14.36 26.12 7.30
CA ILE D 76 -13.17 26.79 6.78
C ILE D 76 -13.53 28.22 6.41
N THR D 77 -12.67 29.16 6.81
CA THR D 77 -12.83 30.56 6.44
C THR D 77 -11.45 31.13 6.13
N TRP D 78 -11.26 31.57 4.89
CA TRP D 78 -9.98 32.11 4.45
C TRP D 78 -9.91 33.59 4.79
N ILE D 79 -8.94 33.95 5.63
CA ILE D 79 -8.78 35.31 6.13
C ILE D 79 -7.54 35.92 5.49
N GLU D 80 -7.69 37.11 4.90
CA GLU D 80 -6.59 37.81 4.28
C GLU D 80 -5.75 38.61 5.28
N GLY D 81 -6.26 38.82 6.49
CA GLY D 81 -5.53 39.54 7.51
C GLY D 81 -6.19 40.84 7.92
N LYS D 82 -6.46 41.72 6.95
CA LYS D 82 -7.02 43.03 7.23
C LYS D 82 -8.54 43.01 7.02
N GLU D 83 -9.21 42.35 7.96
N GLU D 83 -9.21 42.35 7.96
CA GLU D 83 -10.67 42.28 7.98
CA GLU D 83 -10.66 42.25 7.99
C GLU D 83 -11.19 42.65 9.36
C GLU D 83 -11.17 42.67 9.36
N PRO D 84 -12.38 43.24 9.43
CA PRO D 84 -12.90 43.67 10.74
C PRO D 84 -13.04 42.50 11.70
N GLY D 85 -12.43 42.64 12.87
CA GLY D 85 -12.37 41.55 13.83
C GLY D 85 -11.26 40.56 13.57
N CYS D 86 -10.38 40.83 12.60
CA CYS D 86 -9.27 39.94 12.28
C CYS D 86 -7.93 40.67 12.37
N GLU D 87 -7.88 41.81 13.06
CA GLU D 87 -6.64 42.57 13.15
C GLU D 87 -5.54 41.75 13.82
N THR D 88 -5.89 41.00 14.87
CA THR D 88 -4.87 40.20 15.55
C THR D 88 -4.41 39.03 14.69
N ILE D 89 -5.32 38.44 13.92
CA ILE D 89 -4.92 37.39 12.99
C ILE D 89 -3.96 37.94 11.95
N GLY D 90 -4.20 39.17 11.49
CA GLY D 90 -3.28 39.81 10.56
C GLY D 90 -1.90 39.98 11.16
N LEU D 91 -1.84 40.30 12.47
CA LEU D 91 -0.56 40.39 13.14
C LEU D 91 0.19 39.06 13.09
N LEU D 92 -0.50 37.97 13.45
CA LEU D 92 0.09 36.65 13.35
C LEU D 92 0.63 36.39 11.95
N MET D 93 -0.19 36.68 10.94
CA MET D 93 0.26 36.48 9.56
C MET D 93 1.48 37.33 9.25
N SER D 94 1.50 38.57 9.73
CA SER D 94 2.69 39.40 9.55
C SER D 94 3.88 38.83 10.30
N SER D 95 3.65 38.31 11.51
CA SER D 95 4.72 37.67 12.26
C SER D 95 5.30 36.51 11.48
N MET D 96 4.44 35.65 10.92
CA MET D 96 4.92 34.57 10.06
C MET D 96 5.75 35.12 8.91
N ASP D 97 5.23 36.14 8.22
CA ASP D 97 5.93 36.69 7.07
C ASP D 97 7.33 37.17 7.44
N ASP D 98 7.49 37.75 8.63
CA ASP D 98 8.80 38.25 9.03
C ASP D 98 9.80 37.11 9.18
N LEU D 99 9.36 35.98 9.75
CA LEU D 99 10.26 34.84 9.90
C LEU D 99 10.68 34.29 8.55
N ILE D 100 9.71 33.96 7.68
CA ILE D 100 10.04 33.40 6.38
C ILE D 100 10.90 34.36 5.58
N ARG D 101 10.62 35.66 5.67
CA ARG D 101 11.44 36.63 4.94
C ARG D 101 12.87 36.61 5.44
N HIS D 102 13.07 36.54 6.76
CA HIS D 102 14.41 36.57 7.32
C HIS D 102 15.21 35.32 7.00
N CYS D 103 14.54 34.22 6.62
CA CYS D 103 15.29 33.04 6.20
C CYS D 103 16.18 33.32 5.00
N ASN D 104 15.75 34.21 4.11
CA ASN D 104 16.61 34.80 3.09
C ASN D 104 17.22 33.72 2.18
N GLY D 105 16.34 32.95 1.56
CA GLY D 105 16.78 31.97 0.58
C GLY D 105 17.67 30.88 1.13
N LYS D 106 17.54 30.56 2.42
CA LYS D 106 18.30 29.48 3.04
C LYS D 106 17.45 28.24 3.28
N LEU D 107 16.18 28.25 2.91
CA LEU D 107 15.30 27.08 3.01
C LEU D 107 15.50 26.25 1.74
N GLY D 108 16.44 25.31 1.80
CA GLY D 108 16.78 24.56 0.61
C GLY D 108 17.20 25.49 -0.50
N SER D 109 16.74 25.19 -1.71
CA SER D 109 16.93 26.06 -2.87
C SER D 109 15.68 26.85 -3.22
N TYR D 110 14.73 26.94 -2.28
CA TYR D 110 13.47 27.62 -2.54
C TYR D 110 13.65 29.14 -2.54
N LYS D 111 12.84 29.80 -3.36
CA LYS D 111 12.77 31.25 -3.40
C LYS D 111 11.33 31.63 -3.08
N ILE D 112 11.06 31.94 -1.81
CA ILE D 112 9.71 32.23 -1.36
C ILE D 112 9.36 33.67 -1.73
N ASN D 113 8.29 33.84 -2.50
CA ASN D 113 7.86 35.17 -2.92
C ASN D 113 6.36 35.39 -2.78
N GLY D 114 5.66 34.52 -2.05
CA GLY D 114 4.23 34.68 -1.87
C GLY D 114 3.69 33.60 -0.96
N ARG D 115 2.40 33.74 -0.65
CA ARG D 115 1.73 32.79 0.21
C ARG D 115 0.22 32.89 -0.01
N THR D 116 -0.51 31.97 0.61
CA THR D 116 -1.96 31.95 0.54
C THR D 116 -2.55 32.81 1.66
N LYS D 117 -3.87 32.87 1.72
CA LYS D 117 -4.55 33.45 2.86
C LYS D 117 -4.47 32.50 4.05
N ALA D 118 -4.86 33.00 5.22
CA ALA D 118 -4.87 32.19 6.42
C ALA D 118 -6.11 31.32 6.45
N MET D 119 -5.91 30.00 6.48
CA MET D 119 -7.02 29.05 6.54
C MET D 119 -7.43 28.90 8.00
N VAL D 120 -8.36 29.74 8.43
CA VAL D 120 -8.89 29.71 9.80
C VAL D 120 -9.91 28.57 9.85
N ALA D 121 -9.52 27.46 10.46
CA ALA D 121 -10.33 26.25 10.46
C ALA D 121 -10.91 25.99 11.84
N CYS D 122 -12.11 25.41 11.85
CA CYS D 122 -12.78 24.96 13.07
C CYS D 122 -13.03 23.47 12.93
N TYR D 123 -12.35 22.67 13.76
CA TYR D 123 -12.48 21.22 13.69
C TYR D 123 -13.40 20.73 14.80
N PRO D 124 -14.36 19.86 14.50
CA PRO D 124 -15.30 19.42 15.53
C PRO D 124 -14.71 18.33 16.42
N GLY D 125 -15.15 18.33 17.67
CA GLY D 125 -14.72 17.33 18.63
C GLY D 125 -15.65 16.14 18.68
N ASN D 126 -15.97 15.59 17.50
CA ASN D 126 -16.89 14.46 17.38
C ASN D 126 -16.16 13.14 17.16
N GLY D 127 -14.95 13.00 17.70
CA GLY D 127 -14.21 11.77 17.55
C GLY D 127 -13.87 11.43 16.11
N THR D 128 -13.57 12.44 15.30
CA THR D 128 -13.22 12.25 13.90
C THR D 128 -11.78 12.70 13.67
N GLY D 129 -11.04 11.90 12.91
CA GLY D 129 -9.70 12.23 12.50
C GLY D 129 -9.63 12.55 11.01
N TYR D 130 -8.42 12.87 10.57
CA TYR D 130 -8.15 13.24 9.18
C TYR D 130 -7.20 12.23 8.56
N VAL D 131 -7.55 11.77 7.36
CA VAL D 131 -6.77 10.72 6.69
C VAL D 131 -5.38 11.23 6.35
N ARG D 132 -4.41 10.33 6.35
CA ARG D 132 -3.05 10.69 5.98
C ARG D 132 -3.02 11.27 4.58
N HIS D 133 -2.26 12.35 4.42
CA HIS D 133 -2.25 13.05 3.14
C HIS D 133 -0.97 13.87 3.02
N VAL D 134 -0.68 14.28 1.80
CA VAL D 134 0.38 15.24 1.50
C VAL D 134 -0.29 16.55 1.09
N ASP D 135 0.13 17.66 1.69
CA ASP D 135 -0.48 18.95 1.39
C ASP D 135 -0.35 19.29 -0.09
N ASN D 136 0.88 19.26 -0.61
CA ASN D 136 1.17 19.58 -2.02
C ASN D 136 1.78 18.36 -2.68
N PRO D 137 0.97 17.46 -3.25
CA PRO D 137 1.51 16.23 -3.83
C PRO D 137 1.89 16.30 -5.30
N ASN D 138 1.59 17.40 -6.01
CA ASN D 138 1.83 17.48 -7.45
C ASN D 138 2.34 18.86 -7.83
N GLY D 139 3.15 19.47 -6.96
CA GLY D 139 3.80 20.73 -7.28
C GLY D 139 2.87 21.87 -7.62
N ASP D 140 1.95 22.20 -6.71
CA ASP D 140 1.02 23.29 -6.93
C ASP D 140 1.58 24.64 -6.52
N GLY D 141 2.86 24.69 -6.12
CA GLY D 141 3.53 25.92 -5.76
C GLY D 141 3.86 26.04 -4.29
N ARG D 142 3.18 25.29 -3.43
CA ARG D 142 3.36 25.42 -1.99
C ARG D 142 4.54 24.55 -1.53
N CYS D 143 5.43 25.15 -0.73
CA CYS D 143 6.62 24.45 -0.26
C CYS D 143 6.76 24.42 1.25
N VAL D 144 6.09 25.31 1.99
CA VAL D 144 6.21 25.36 3.44
C VAL D 144 4.83 25.50 4.04
N THR D 145 4.46 24.58 4.93
CA THR D 145 3.20 24.63 5.66
C THR D 145 3.46 25.20 7.05
N CYS D 146 2.67 26.20 7.42
CA CYS D 146 2.78 26.86 8.72
CA CYS D 146 2.79 26.85 8.72
C CYS D 146 1.44 26.78 9.43
N ILE D 147 1.43 26.16 10.62
CA ILE D 147 0.21 25.97 11.40
C ILE D 147 0.38 26.63 12.75
N TYR D 148 -0.66 27.32 13.22
CA TYR D 148 -0.68 27.94 14.53
C TYR D 148 -1.90 27.46 15.28
N TYR D 149 -1.69 26.98 16.51
CA TYR D 149 -2.77 26.46 17.34
C TYR D 149 -3.10 27.47 18.44
N LEU D 150 -4.39 27.58 18.76
CA LEU D 150 -4.89 28.64 19.61
C LEU D 150 -6.01 28.13 20.53
N ASN D 151 -5.76 26.99 21.18
CA ASN D 151 -6.70 26.40 22.12
C ASN D 151 -6.08 26.46 23.51
N LYS D 152 -6.48 27.46 24.30
CA LYS D 152 -5.89 27.65 25.61
C LYS D 152 -6.11 26.42 26.49
N ASP D 153 -5.05 26.01 27.19
CA ASP D 153 -5.11 24.90 28.13
C ASP D 153 -5.61 23.62 27.45
N TRP D 154 -5.21 23.43 26.20
CA TRP D 154 -5.55 22.21 25.46
C TRP D 154 -4.64 21.08 25.92
N ASP D 155 -5.25 19.98 26.36
CA ASP D 155 -4.52 18.80 26.82
C ASP D 155 -4.79 17.67 25.83
N ALA D 156 -3.83 17.41 24.94
CA ALA D 156 -4.03 16.40 23.91
C ALA D 156 -4.25 15.03 24.51
N LYS D 157 -3.65 14.75 25.68
CA LYS D 157 -3.82 13.45 26.33
C LYS D 157 -5.25 13.20 26.78
N VAL D 158 -6.12 14.21 26.74
CA VAL D 158 -7.52 14.06 27.13
C VAL D 158 -8.46 14.44 25.99
N SER D 159 -8.09 15.45 25.20
CA SER D 159 -8.95 15.94 24.13
C SER D 159 -8.62 15.36 22.77
N GLY D 160 -7.35 15.00 22.53
CA GLY D 160 -6.96 14.40 21.27
C GLY D 160 -6.48 15.41 20.25
N GLY D 161 -6.61 15.07 18.96
CA GLY D 161 -6.23 15.97 17.89
C GLY D 161 -4.75 16.06 17.61
N ILE D 162 -3.97 15.05 18.02
CA ILE D 162 -2.53 15.10 17.80
C ILE D 162 -2.23 14.95 16.32
N LEU D 163 -1.24 15.69 15.84
CA LEU D 163 -0.76 15.60 14.46
C LEU D 163 0.38 14.60 14.39
N ARG D 164 0.30 13.67 13.44
CA ARG D 164 1.32 12.65 13.24
C ARG D 164 1.90 12.80 11.85
N ILE D 165 3.20 13.09 11.76
CA ILE D 165 3.91 13.27 10.51
C ILE D 165 4.86 12.09 10.32
N PHE D 166 4.97 11.62 9.08
CA PHE D 166 5.81 10.46 8.73
C PHE D 166 6.89 10.92 7.75
N PRO D 167 7.94 11.58 8.23
CA PRO D 167 9.01 12.03 7.33
C PRO D 167 9.43 10.93 6.37
N GLU D 168 9.44 11.27 5.08
CA GLU D 168 9.67 10.28 4.04
C GLU D 168 11.02 9.60 4.23
N GLY D 169 11.04 8.27 4.19
CA GLY D 169 12.27 7.51 4.25
C GLY D 169 13.01 7.62 5.57
N LYS D 170 12.29 7.59 6.69
CA LYS D 170 12.93 7.63 8.00
C LYS D 170 12.26 6.59 8.90
N ALA D 171 13.05 6.04 9.82
CA ALA D 171 12.59 4.96 10.66
C ALA D 171 11.61 5.41 11.75
N GLN D 172 11.44 6.71 11.95
CA GLN D 172 10.61 7.24 13.02
C GLN D 172 9.58 8.20 12.45
N PHE D 173 8.44 8.27 13.13
CA PHE D 173 7.44 9.30 12.90
C PHE D 173 7.27 10.11 14.18
N ALA D 174 6.66 11.29 14.05
CA ALA D 174 6.59 12.24 15.15
C ALA D 174 5.16 12.66 15.40
N ASP D 175 4.77 12.67 16.67
CA ASP D 175 3.48 13.19 17.11
C ASP D 175 3.65 14.61 17.62
N ILE D 176 3.01 15.57 16.95
CA ILE D 176 3.08 16.98 17.32
C ILE D 176 1.77 17.33 18.02
N GLU D 177 1.86 17.73 19.28
CA GLU D 177 0.65 18.11 20.01
C GLU D 177 0.23 19.53 19.65
N PRO D 178 -1.07 19.79 19.53
CA PRO D 178 -1.52 21.16 19.22
C PRO D 178 -1.61 22.04 20.46
N LYS D 179 -0.45 22.32 21.05
CA LYS D 179 -0.40 23.13 22.26
C LYS D 179 -0.77 24.58 21.96
N PHE D 180 -1.28 25.27 22.98
CA PHE D 180 -1.69 26.65 22.83
C PHE D 180 -0.50 27.53 22.46
N ASP D 181 -0.70 28.39 21.45
CA ASP D 181 0.31 29.35 21.03
C ASP D 181 1.52 28.67 20.42
N ARG D 182 1.34 27.51 19.81
CA ARG D 182 2.43 26.76 19.18
C ARG D 182 2.41 26.99 17.67
N LEU D 183 3.58 27.26 17.11
CA LEU D 183 3.76 27.45 15.68
C LEU D 183 4.54 26.26 15.11
N LEU D 184 4.06 25.71 14.00
CA LEU D 184 4.66 24.55 13.37
C LEU D 184 5.05 24.88 11.94
N PHE D 185 6.19 24.36 11.51
CA PHE D 185 6.64 24.44 10.12
C PHE D 185 6.98 23.05 9.62
N PHE D 186 6.72 22.81 8.33
CA PHE D 186 7.19 21.57 7.71
C PHE D 186 6.98 21.66 6.21
N TRP D 187 7.87 20.99 5.47
CA TRP D 187 7.76 20.95 4.01
C TRP D 187 6.39 20.41 3.61
N SER D 188 5.74 21.11 2.69
CA SER D 188 4.38 20.75 2.28
C SER D 188 4.35 19.59 1.29
N ASP D 189 5.48 19.22 0.70
CA ASP D 189 5.50 18.28 -0.41
C ASP D 189 5.51 16.84 0.12
N ARG D 190 5.87 15.89 -0.76
CA ARG D 190 6.05 14.48 -0.44
C ARG D 190 6.66 14.20 0.93
N ARG D 191 7.63 15.02 1.33
CA ARG D 191 8.49 14.65 2.44
C ARG D 191 7.75 14.49 3.75
N ASN D 192 6.55 15.05 3.89
CA ASN D 192 5.84 15.06 5.17
C ASN D 192 4.38 14.67 4.98
N PRO D 193 4.10 13.39 4.73
CA PRO D 193 2.74 12.90 4.86
C PRO D 193 2.31 12.93 6.31
N HIS D 194 1.05 13.29 6.56
CA HIS D 194 0.60 13.46 7.93
C HIS D 194 -0.89 13.18 8.04
N GLU D 195 -1.28 12.68 9.21
CA GLU D 195 -2.67 12.45 9.58
C GLU D 195 -2.94 13.17 10.89
N VAL D 196 -4.21 13.25 11.27
CA VAL D 196 -4.61 13.89 12.52
C VAL D 196 -5.51 12.93 13.29
N GLN D 197 -5.22 12.76 14.57
CA GLN D 197 -5.98 11.83 15.40
C GLN D 197 -7.31 12.44 15.81
N PRO D 198 -8.28 11.62 16.20
CA PRO D 198 -9.59 12.14 16.58
C PRO D 198 -9.49 13.13 17.73
N ALA D 199 -10.45 14.04 17.77
CA ALA D 199 -10.57 15.01 18.85
C ALA D 199 -11.97 14.95 19.45
N TYR D 200 -12.05 15.15 20.76
CA TYR D 200 -13.30 15.03 21.50
C TYR D 200 -13.79 16.36 22.04
N ALA D 201 -13.19 17.47 21.61
CA ALA D 201 -13.66 18.80 21.95
C ALA D 201 -13.30 19.74 20.81
N THR D 202 -14.15 20.74 20.60
CA THR D 202 -13.94 21.68 19.51
C THR D 202 -12.57 22.32 19.62
N ARG D 203 -11.94 22.55 18.47
CA ARG D 203 -10.63 23.21 18.45
C ARG D 203 -10.47 23.94 17.12
N TYR D 204 -9.53 24.89 17.10
CA TYR D 204 -9.28 25.74 15.96
C TYR D 204 -7.79 25.77 15.67
N ALA D 205 -7.45 25.91 14.38
CA ALA D 205 -6.07 26.05 13.97
C ALA D 205 -6.02 26.89 12.69
N ILE D 206 -4.97 27.69 12.57
CA ILE D 206 -4.77 28.58 11.43
C ILE D 206 -3.56 28.09 10.65
N THR D 207 -3.77 27.83 9.35
CA THR D 207 -2.72 27.33 8.47
C THR D 207 -2.51 28.31 7.32
N VAL D 208 -1.25 28.55 6.98
CA VAL D 208 -0.90 29.33 5.80
C VAL D 208 0.23 28.61 5.08
N TRP D 209 0.21 28.65 3.74
CA TRP D 209 1.20 28.00 2.91
C TRP D 209 1.98 29.05 2.13
N TYR D 210 3.30 28.87 2.07
CA TYR D 210 4.18 29.79 1.36
C TYR D 210 4.60 29.16 0.03
N PHE D 211 4.66 29.99 -1.00
CA PHE D 211 4.92 29.53 -2.35
C PHE D 211 6.42 29.57 -2.67
N ASP D 212 6.82 28.70 -3.57
CA ASP D 212 8.14 28.78 -4.22
C ASP D 212 7.96 29.49 -5.56
N ALA D 213 8.84 30.47 -5.82
CA ALA D 213 8.68 31.31 -7.00
C ALA D 213 8.65 30.49 -8.28
N ASP D 214 9.67 29.66 -8.50
CA ASP D 214 9.74 28.88 -9.73
C ASP D 214 8.57 27.91 -9.84
N GLU D 215 8.26 27.20 -8.75
CA GLU D 215 7.20 26.20 -8.79
C GLU D 215 5.83 26.85 -8.98
N ARG D 216 5.53 27.90 -8.21
CA ARG D 216 4.23 28.54 -8.33
C ARG D 216 4.03 29.10 -9.74
N ALA D 217 5.05 29.78 -10.26
CA ALA D 217 4.95 30.28 -11.63
C ALA D 217 4.67 29.16 -12.61
N ARG D 218 5.34 28.02 -12.44
CA ARG D 218 5.13 26.87 -13.31
C ARG D 218 3.69 26.39 -13.24
N ALA D 219 3.06 26.48 -12.06
CA ALA D 219 1.69 26.03 -11.91
C ALA D 219 0.68 27.01 -12.51
N LYS D 220 0.99 28.31 -12.47
CA LYS D 220 0.06 29.32 -12.98
C LYS D 220 0.03 29.40 -14.50
N VAL D 221 0.99 28.78 -15.20
CA VAL D 221 1.05 28.92 -16.64
C VAL D 221 -0.10 28.21 -17.33
N LYS D 222 -0.65 27.16 -16.70
CA LYS D 222 -1.70 26.39 -17.36
C LYS D 222 -3.02 27.14 -17.44
N TYR D 223 -3.22 28.17 -16.62
CA TYR D 223 -4.48 28.90 -16.61
C TYR D 223 -4.47 29.98 -17.67
N LEU D 224 -5.63 30.18 -18.30
CA LEU D 224 -5.75 31.21 -19.32
C LEU D 224 -5.65 32.60 -18.69
N THR D 225 -4.99 33.50 -19.41
CA THR D 225 -4.77 34.86 -18.92
C THR D 225 -6.07 35.52 -18.49
N PRO E 9 -39.38 6.28 19.14
CA PRO E 9 -40.27 5.77 18.09
C PRO E 9 -39.50 5.27 16.87
N ALA E 10 -39.79 4.03 16.46
CA ALA E 10 -39.01 3.39 15.40
C ALA E 10 -39.17 4.13 14.08
N LEU E 11 -40.41 4.37 13.65
CA LEU E 11 -40.64 4.99 12.35
C LEU E 11 -40.02 6.38 12.28
N LYS E 12 -40.21 7.18 13.32
CA LYS E 12 -39.61 8.51 13.35
C LYS E 12 -38.09 8.41 13.22
N LEU E 13 -37.47 7.53 14.02
CA LEU E 13 -36.02 7.39 13.97
C LEU E 13 -35.55 7.05 12.57
N ALA E 14 -36.30 6.20 11.85
CA ALA E 14 -35.88 5.77 10.52
C ALA E 14 -35.91 6.94 9.53
N LEU E 15 -37.08 7.56 9.36
CA LEU E 15 -37.22 8.60 8.35
C LEU E 15 -36.40 9.84 8.69
N GLU E 16 -36.42 10.26 9.95
CA GLU E 16 -35.86 11.56 10.31
C GLU E 16 -34.34 11.53 10.51
N TYR E 17 -33.74 10.36 10.69
CA TYR E 17 -32.32 10.30 11.01
C TYR E 17 -31.57 9.24 10.21
N ILE E 18 -32.07 8.01 10.20
CA ILE E 18 -31.33 6.91 9.59
C ILE E 18 -31.18 7.12 8.08
N VAL E 19 -32.30 7.16 7.36
CA VAL E 19 -32.23 7.23 5.89
C VAL E 19 -31.47 8.44 5.41
N PRO E 20 -31.63 9.64 5.98
CA PRO E 20 -30.78 10.75 5.53
C PRO E 20 -29.32 10.55 5.91
N CYS E 21 -29.05 10.06 7.12
CA CYS E 21 -27.67 9.85 7.55
C CYS E 21 -26.99 8.76 6.71
N MET E 22 -27.64 7.61 6.57
CA MET E 22 -27.04 6.51 5.83
C MET E 22 -26.74 6.91 4.38
N ASN E 23 -27.62 7.71 3.77
CA ASN E 23 -27.44 8.09 2.38
C ASN E 23 -26.42 9.21 2.20
N LYS E 24 -26.16 10.00 3.25
CA LYS E 24 -25.17 11.07 3.17
C LYS E 24 -23.82 10.70 3.77
N HIS E 25 -23.81 9.85 4.81
CA HIS E 25 -22.58 9.49 5.48
C HIS E 25 -22.28 8.00 5.46
N GLY E 26 -23.28 7.14 5.31
CA GLY E 26 -23.05 5.71 5.36
C GLY E 26 -22.60 5.20 6.70
N ILE E 27 -22.65 6.02 7.75
CA ILE E 27 -22.32 5.62 9.11
C ILE E 27 -23.28 6.34 10.04
N CYS E 28 -24.03 5.58 10.82
CA CYS E 28 -25.06 6.17 11.67
CA CYS E 28 -25.12 6.13 11.64
C CYS E 28 -25.09 5.46 13.01
N VAL E 29 -25.13 6.26 14.07
CA VAL E 29 -25.14 5.76 15.44
C VAL E 29 -26.47 6.12 16.09
N VAL E 30 -26.97 5.21 16.93
CA VAL E 30 -28.21 5.41 17.66
C VAL E 30 -27.96 5.04 19.11
N ASP E 31 -27.84 6.04 19.97
CA ASP E 31 -27.60 5.81 21.40
C ASP E 31 -28.92 5.61 22.14
N ASP E 32 -28.84 4.91 23.26
CA ASP E 32 -30.01 4.61 24.08
C ASP E 32 -31.07 3.89 23.25
N PHE E 33 -30.64 2.84 22.55
CA PHE E 33 -31.53 2.17 21.61
C PHE E 33 -32.68 1.46 22.32
N LEU E 34 -32.39 0.79 23.44
CA LEU E 34 -33.41 0.02 24.15
C LEU E 34 -33.55 0.37 25.63
N GLY E 35 -32.61 1.11 26.21
CA GLY E 35 -32.66 1.45 27.61
C GLY E 35 -31.83 0.51 28.48
N LYS E 36 -31.59 0.95 29.71
CA LYS E 36 -30.73 0.19 30.61
C LYS E 36 -31.35 -1.16 30.94
N GLU E 37 -32.67 -1.21 31.11
CA GLU E 37 -33.33 -2.46 31.48
C GLU E 37 -33.11 -3.54 30.42
N THR E 38 -33.62 -3.30 29.21
CA THR E 38 -33.45 -4.27 28.14
C THR E 38 -31.98 -4.47 27.80
N GLY E 39 -31.20 -3.39 27.81
CA GLY E 39 -29.78 -3.46 27.53
C GLY E 39 -29.04 -4.36 28.50
N GLN E 40 -29.12 -4.05 29.79
CA GLN E 40 -28.49 -4.90 30.79
C GLN E 40 -29.03 -6.32 30.72
N GLN E 41 -30.29 -6.48 30.32
CA GLN E 41 -30.86 -7.81 30.19
C GLN E 41 -30.11 -8.62 29.14
N ILE E 42 -29.78 -7.98 28.01
CA ILE E 42 -29.02 -8.68 26.96
C ILE E 42 -27.70 -9.18 27.51
N GLY E 43 -27.02 -8.36 28.29
CA GLY E 43 -25.72 -8.76 28.82
C GLY E 43 -25.77 -10.07 29.58
N ASP E 44 -26.74 -10.20 30.48
CA ASP E 44 -26.86 -11.42 31.27
C ASP E 44 -27.11 -12.64 30.37
N GLU E 45 -27.78 -12.44 29.23
CA GLU E 45 -28.10 -13.57 28.37
C GLU E 45 -26.86 -14.07 27.63
N VAL E 46 -26.08 -13.16 27.06
CA VAL E 46 -24.91 -13.57 26.30
C VAL E 46 -23.84 -14.16 27.23
N ARG E 47 -23.68 -13.56 28.41
CA ARG E 47 -22.74 -14.11 29.38
C ARG E 47 -23.11 -15.54 29.75
N ALA E 48 -24.41 -15.86 29.74
CA ALA E 48 -24.82 -17.24 29.97
C ALA E 48 -24.49 -18.13 28.79
N LEU E 49 -24.53 -17.58 27.56
CA LEU E 49 -24.21 -18.38 26.38
C LEU E 49 -22.77 -18.86 26.41
N HIS E 50 -21.85 -18.00 26.84
CA HIS E 50 -20.43 -18.31 26.80
C HIS E 50 -19.96 -19.12 28.00
N ASP E 51 -20.88 -19.73 28.75
CA ASP E 51 -20.52 -20.74 29.74
C ASP E 51 -21.16 -22.07 29.36
N THR E 52 -20.94 -22.50 28.12
CA THR E 52 -21.52 -23.74 27.62
C THR E 52 -21.01 -24.94 28.41
N GLY E 73 -8.92 -16.46 18.61
CA GLY E 73 -8.85 -15.28 19.44
C GLY E 73 -10.17 -14.93 20.09
N ASP E 74 -11.22 -14.89 19.29
CA ASP E 74 -12.57 -14.56 19.76
C ASP E 74 -13.49 -15.76 19.61
N LYS E 75 -14.64 -15.68 20.27
CA LYS E 75 -15.64 -16.73 20.25
C LYS E 75 -16.96 -16.13 19.78
N ILE E 76 -17.59 -16.77 18.79
CA ILE E 76 -18.85 -16.30 18.24
C ILE E 76 -19.85 -17.45 18.25
N THR E 77 -21.13 -17.10 18.41
CA THR E 77 -22.22 -18.06 18.33
C THR E 77 -23.37 -17.40 17.59
N TRP E 78 -23.94 -18.12 16.62
CA TRP E 78 -25.02 -17.60 15.79
C TRP E 78 -26.36 -18.10 16.34
N ILE E 79 -27.25 -17.18 16.63
CA ILE E 79 -28.57 -17.49 17.17
C ILE E 79 -29.64 -16.85 16.29
N GLU E 80 -30.77 -17.53 16.13
CA GLU E 80 -31.86 -17.02 15.32
C GLU E 80 -32.82 -16.13 16.10
N GLY E 81 -32.72 -16.11 17.44
CA GLY E 81 -33.57 -15.30 18.29
C GLY E 81 -34.56 -16.10 19.10
N LYS E 82 -35.00 -17.25 18.58
CA LYS E 82 -36.00 -18.05 19.27
C LYS E 82 -35.39 -19.33 19.83
N GLU E 83 -34.37 -19.19 20.68
CA GLU E 83 -33.79 -20.32 21.40
C GLU E 83 -33.85 -20.06 22.90
N PRO E 84 -33.89 -21.12 23.71
CA PRO E 84 -34.01 -20.92 25.17
C PRO E 84 -32.90 -20.04 25.71
N GLY E 85 -33.31 -18.97 26.40
CA GLY E 85 -32.37 -18.07 27.04
C GLY E 85 -31.91 -16.90 26.20
N CYS E 86 -32.44 -16.75 24.98
CA CYS E 86 -32.05 -15.66 24.09
C CYS E 86 -33.24 -14.83 23.65
N GLU E 87 -34.37 -14.94 24.35
CA GLU E 87 -35.58 -14.22 23.94
C GLU E 87 -35.33 -12.70 23.93
N THR E 88 -34.58 -12.19 24.90
CA THR E 88 -34.29 -10.76 24.90
C THR E 88 -33.46 -10.37 23.69
N ILE E 89 -32.54 -11.24 23.27
CA ILE E 89 -31.76 -10.94 22.07
C ILE E 89 -32.65 -10.99 20.84
N GLY E 90 -33.61 -11.93 20.81
CA GLY E 90 -34.58 -11.93 19.73
C GLY E 90 -35.37 -10.64 19.65
N LEU E 91 -35.63 -10.02 20.81
CA LEU E 91 -36.26 -8.71 20.81
C LEU E 91 -35.36 -7.67 20.14
N LEU E 92 -34.05 -7.77 20.36
CA LEU E 92 -33.11 -6.88 19.68
C LEU E 92 -33.15 -7.10 18.18
N MET E 93 -33.07 -8.36 17.74
CA MET E 93 -33.16 -8.64 16.31
C MET E 93 -34.48 -8.14 15.74
N SER E 94 -35.59 -8.50 16.39
CA SER E 94 -36.89 -8.05 15.91
C SER E 94 -36.98 -6.53 15.90
N SER E 95 -36.37 -5.87 16.88
CA SER E 95 -36.38 -4.41 16.91
C SER E 95 -35.55 -3.84 15.77
N MET E 96 -34.37 -4.41 15.51
CA MET E 96 -33.56 -3.97 14.39
C MET E 96 -34.31 -4.13 13.08
N ASP E 97 -35.07 -5.22 12.95
CA ASP E 97 -35.84 -5.44 11.73
C ASP E 97 -36.89 -4.36 11.54
N ASP E 98 -37.53 -3.92 12.62
CA ASP E 98 -38.55 -2.89 12.52
C ASP E 98 -37.98 -1.61 11.91
N LEU E 99 -36.81 -1.18 12.39
CA LEU E 99 -36.18 0.01 11.85
C LEU E 99 -35.89 -0.15 10.36
N ILE E 100 -35.27 -1.27 9.98
CA ILE E 100 -34.89 -1.48 8.59
C ILE E 100 -36.13 -1.48 7.69
N ARG E 101 -37.20 -2.15 8.13
CA ARG E 101 -38.39 -2.21 7.28
C ARG E 101 -39.04 -0.85 7.14
N HIS E 102 -38.94 0.00 8.16
CA HIS E 102 -39.41 1.38 8.03
C HIS E 102 -38.57 2.17 7.03
N CYS E 103 -37.36 1.71 6.73
CA CYS E 103 -36.52 2.30 5.69
C CYS E 103 -36.77 1.67 4.33
N ASN E 104 -38.03 1.40 3.98
CA ASN E 104 -38.35 0.68 2.75
C ASN E 104 -37.86 1.44 1.52
N GLY E 105 -36.85 0.90 0.85
CA GLY E 105 -36.36 1.47 -0.38
C GLY E 105 -35.71 2.83 -0.27
N LYS E 106 -35.50 3.33 0.95
CA LYS E 106 -34.89 4.64 1.16
C LYS E 106 -33.39 4.57 1.41
N LEU E 107 -32.86 3.38 1.72
CA LEU E 107 -31.41 3.21 1.92
C LEU E 107 -30.79 2.90 0.57
N GLY E 108 -30.43 3.96 -0.16
CA GLY E 108 -29.92 3.78 -1.49
C GLY E 108 -30.94 3.08 -2.38
N SER E 109 -30.42 2.35 -3.37
CA SER E 109 -31.25 1.55 -4.26
C SER E 109 -31.24 0.08 -3.87
N TYR E 110 -31.18 -0.21 -2.57
CA TYR E 110 -31.12 -1.58 -2.09
C TYR E 110 -32.51 -2.10 -1.76
N LYS E 111 -32.74 -3.37 -2.05
CA LYS E 111 -34.01 -4.04 -1.79
C LYS E 111 -33.81 -5.01 -0.62
N ILE E 112 -33.90 -4.48 0.59
CA ILE E 112 -33.67 -5.29 1.78
C ILE E 112 -34.83 -6.27 1.94
N ASN E 113 -34.50 -7.56 2.00
CA ASN E 113 -35.52 -8.59 2.17
C ASN E 113 -35.09 -9.73 3.09
N GLY E 114 -33.91 -9.65 3.70
CA GLY E 114 -33.47 -10.71 4.60
C GLY E 114 -32.25 -10.27 5.36
N ARG E 115 -31.78 -11.15 6.24
CA ARG E 115 -30.60 -10.88 7.05
C ARG E 115 -30.04 -12.20 7.57
N THR E 116 -28.81 -12.14 8.05
CA THR E 116 -28.17 -13.29 8.67
C THR E 116 -28.71 -13.49 10.08
N LYS E 117 -28.22 -14.53 10.75
CA LYS E 117 -28.47 -14.68 12.18
C LYS E 117 -27.68 -13.61 12.94
N ALA E 118 -27.86 -13.58 14.25
CA ALA E 118 -27.14 -12.64 15.10
C ALA E 118 -25.80 -13.24 15.50
N MET E 119 -24.71 -12.56 15.16
CA MET E 119 -23.37 -13.00 15.54
C MET E 119 -23.10 -12.47 16.94
N VAL E 120 -23.31 -13.30 17.94
CA VAL E 120 -23.04 -12.96 19.33
C VAL E 120 -21.58 -13.29 19.61
N ALA E 121 -20.73 -12.25 19.68
CA ALA E 121 -19.30 -12.41 19.77
C ALA E 121 -18.79 -11.95 21.13
N CYS E 122 -17.78 -12.65 21.64
CA CYS E 122 -17.08 -12.29 22.86
C CYS E 122 -15.64 -11.97 22.50
N TYR E 123 -15.24 -10.71 22.67
CA TYR E 123 -13.90 -10.27 22.30
C TYR E 123 -13.04 -10.20 23.55
N PRO E 124 -11.92 -10.92 23.63
CA PRO E 124 -11.12 -10.91 24.86
C PRO E 124 -10.46 -9.56 25.09
N GLY E 125 -10.18 -9.30 26.36
CA GLY E 125 -9.48 -8.08 26.74
C GLY E 125 -8.00 -8.29 26.91
N ASN E 126 -7.39 -9.05 25.99
CA ASN E 126 -5.97 -9.35 26.02
C ASN E 126 -5.13 -8.37 25.23
N GLY E 127 -5.68 -7.21 24.89
CA GLY E 127 -4.93 -6.21 24.15
C GLY E 127 -4.75 -6.53 22.69
N THR E 128 -5.67 -7.28 22.09
CA THR E 128 -5.61 -7.64 20.69
C THR E 128 -6.68 -6.89 19.91
N GLY E 129 -6.28 -6.23 18.84
CA GLY E 129 -7.20 -5.55 17.96
C GLY E 129 -7.54 -6.38 16.74
N TYR E 130 -8.23 -5.75 15.79
CA TYR E 130 -8.66 -6.40 14.56
C TYR E 130 -8.22 -5.58 13.37
N VAL E 131 -7.49 -6.22 12.45
CA VAL E 131 -6.90 -5.50 11.33
C VAL E 131 -8.00 -4.92 10.44
N ARG E 132 -7.67 -3.86 9.73
CA ARG E 132 -8.63 -3.20 8.85
C ARG E 132 -9.15 -4.20 7.82
N HIS E 133 -10.44 -4.11 7.51
CA HIS E 133 -11.07 -5.05 6.60
C HIS E 133 -12.38 -4.47 6.10
N VAL E 134 -12.93 -5.10 5.07
CA VAL E 134 -14.25 -4.79 4.53
C VAL E 134 -15.13 -6.02 4.75
N ASP E 135 -16.29 -5.81 5.38
CA ASP E 135 -17.16 -6.94 5.70
C ASP E 135 -17.53 -7.73 4.44
N ASN E 136 -18.00 -7.03 3.40
CA ASN E 136 -18.41 -7.66 2.15
C ASN E 136 -17.61 -7.06 1.01
N PRO E 137 -16.45 -7.63 0.67
CA PRO E 137 -15.61 -7.07 -0.38
C PRO E 137 -15.89 -7.60 -1.79
N ASN E 138 -16.65 -8.70 -1.93
CA ASN E 138 -16.86 -9.32 -3.23
C ASN E 138 -18.34 -9.58 -3.49
N GLY E 139 -19.21 -8.76 -2.90
CA GLY E 139 -20.64 -8.85 -3.15
C GLY E 139 -21.25 -10.20 -2.78
N ASP E 140 -21.23 -10.53 -1.50
CA ASP E 140 -21.82 -11.77 -1.02
C ASP E 140 -23.29 -11.60 -0.62
N GLY E 141 -23.88 -10.44 -0.87
CA GLY E 141 -25.28 -10.16 -0.60
C GLY E 141 -25.51 -9.16 0.50
N ARG E 142 -24.59 -9.04 1.44
CA ARG E 142 -24.74 -8.14 2.57
C ARG E 142 -24.47 -6.71 2.14
N CYS E 143 -25.37 -5.79 2.50
CA CYS E 143 -25.25 -4.39 2.14
C CYS E 143 -25.26 -3.44 3.33
N VAL E 144 -25.78 -3.85 4.48
CA VAL E 144 -25.86 -2.99 5.65
C VAL E 144 -25.40 -3.79 6.87
N THR E 145 -24.45 -3.24 7.62
CA THR E 145 -23.95 -3.86 8.84
C THR E 145 -24.56 -3.15 10.04
N CYS E 146 -25.09 -3.94 10.98
CA CYS E 146 -25.72 -3.41 12.18
CA CYS E 146 -25.73 -3.42 12.18
C CYS E 146 -25.08 -4.06 13.39
N ILE E 147 -24.46 -3.25 14.24
CA ILE E 147 -23.77 -3.72 15.44
C ILE E 147 -24.41 -3.09 16.66
N TYR E 148 -24.54 -3.87 17.72
CA TYR E 148 -25.11 -3.41 18.98
C TYR E 148 -24.16 -3.76 20.11
N TYR E 149 -23.85 -2.77 20.95
CA TYR E 149 -22.96 -2.95 22.08
C TYR E 149 -23.76 -3.08 23.37
N LEU E 150 -23.24 -3.87 24.30
CA LEU E 150 -23.98 -4.22 25.50
C LEU E 150 -23.01 -4.43 26.67
N ASN E 151 -22.18 -3.43 26.94
CA ASN E 151 -21.20 -3.49 28.03
C ASN E 151 -21.53 -2.38 29.04
N LYS E 152 -21.98 -2.79 30.22
CA LYS E 152 -22.43 -1.83 31.21
C LYS E 152 -21.31 -0.88 31.60
N ASP E 153 -21.54 0.42 31.45
CA ASP E 153 -20.60 1.45 31.87
C ASP E 153 -19.21 1.20 31.30
N TRP E 154 -19.16 0.79 30.04
CA TRP E 154 -17.89 0.56 29.36
C TRP E 154 -17.29 1.90 28.96
N ASP E 155 -16.23 2.32 29.65
CA ASP E 155 -15.53 3.55 29.34
C ASP E 155 -14.46 3.24 28.30
N ALA E 156 -14.71 3.64 27.05
CA ALA E 156 -13.77 3.34 25.97
C ALA E 156 -12.40 3.97 26.23
N LYS E 157 -12.38 5.15 26.83
CA LYS E 157 -11.11 5.82 27.12
C LYS E 157 -10.29 5.09 28.17
N VAL E 158 -10.86 4.11 28.87
CA VAL E 158 -10.17 3.35 29.89
C VAL E 158 -9.87 1.93 29.40
N SER E 159 -10.89 1.24 28.86
CA SER E 159 -10.73 -0.15 28.46
C SER E 159 -10.37 -0.30 26.99
N GLY E 160 -10.79 0.63 26.14
CA GLY E 160 -10.46 0.58 24.73
C GLY E 160 -11.55 -0.07 23.90
N GLY E 161 -11.16 -0.71 22.79
CA GLY E 161 -12.12 -1.35 21.92
C GLY E 161 -12.82 -0.44 20.95
N ILE E 162 -12.24 0.73 20.66
CA ILE E 162 -12.89 1.69 19.78
C ILE E 162 -12.85 1.19 18.34
N LEU E 163 -13.95 1.43 17.63
CA LEU E 163 -14.05 1.09 16.21
C LEU E 163 -13.68 2.31 15.38
N ARG E 164 -12.81 2.12 14.39
CA ARG E 164 -12.36 3.18 13.51
C ARG E 164 -12.76 2.83 12.08
N ILE E 165 -13.58 3.69 11.47
CA ILE E 165 -14.08 3.48 10.12
C ILE E 165 -13.47 4.53 9.21
N PHE E 166 -13.12 4.12 7.98
CA PHE E 166 -12.48 4.98 6.99
C PHE E 166 -13.38 5.09 5.77
N PRO E 167 -14.44 5.90 5.83
CA PRO E 167 -15.34 6.02 4.67
C PRO E 167 -14.58 6.46 3.43
N GLU E 168 -14.73 5.70 2.35
CA GLU E 168 -13.94 5.93 1.15
C GLU E 168 -14.19 7.32 0.59
N GLY E 169 -13.12 7.93 0.06
CA GLY E 169 -13.22 9.24 -0.55
C GLY E 169 -13.28 10.40 0.40
N LYS E 170 -13.56 10.17 1.68
CA LYS E 170 -13.69 11.25 2.64
C LYS E 170 -12.33 11.65 3.20
N ALA E 171 -12.19 12.94 3.49
CA ALA E 171 -10.96 13.45 4.10
C ALA E 171 -10.83 13.09 5.57
N GLN E 172 -11.88 12.54 6.17
CA GLN E 172 -11.91 12.24 7.60
C GLN E 172 -12.21 10.76 7.83
N PHE E 173 -11.84 10.29 9.02
CA PHE E 173 -12.27 8.99 9.51
C PHE E 173 -12.88 9.18 10.90
N ALA E 174 -13.71 8.23 11.31
CA ALA E 174 -14.50 8.34 12.52
C ALA E 174 -14.17 7.20 13.48
N ASP E 175 -13.98 7.55 14.76
CA ASP E 175 -13.83 6.58 15.84
C ASP E 175 -15.18 6.42 16.54
N ILE E 176 -15.68 5.20 16.56
CA ILE E 176 -16.98 4.88 17.14
C ILE E 176 -16.73 4.13 18.45
N GLU E 177 -16.95 4.79 19.57
CA GLU E 177 -16.79 4.12 20.85
C GLU E 177 -17.88 3.07 21.03
N PRO E 178 -17.55 1.89 21.58
CA PRO E 178 -18.60 0.88 21.82
C PRO E 178 -19.44 1.21 23.05
N LYS E 179 -20.19 2.30 22.95
CA LYS E 179 -20.98 2.78 24.08
C LYS E 179 -22.08 1.76 24.42
N PHE E 180 -22.47 1.75 25.69
CA PHE E 180 -23.50 0.83 26.14
C PHE E 180 -24.83 1.15 25.45
N ASP E 181 -25.55 0.10 25.06
CA ASP E 181 -26.86 0.24 24.42
C ASP E 181 -26.79 1.15 23.20
N ARG E 182 -25.71 1.01 22.43
CA ARG E 182 -25.52 1.77 21.21
C ARG E 182 -25.72 0.88 19.99
N LEU E 183 -26.42 1.40 19.00
CA LEU E 183 -26.66 0.69 17.74
C LEU E 183 -25.95 1.45 16.61
N LEU E 184 -25.18 0.72 15.83
CA LEU E 184 -24.38 1.30 14.75
C LEU E 184 -24.82 0.73 13.42
N PHE E 185 -24.97 1.60 12.42
CA PHE E 185 -25.27 1.22 11.06
C PHE E 185 -24.16 1.72 10.13
N PHE E 186 -23.84 0.93 9.11
CA PHE E 186 -22.92 1.39 8.07
C PHE E 186 -22.91 0.39 6.93
N TRP E 187 -22.67 0.89 5.72
CA TRP E 187 -22.59 0.03 4.56
C TRP E 187 -21.50 -1.01 4.74
N SER E 188 -21.79 -2.24 4.33
CA SER E 188 -20.88 -3.36 4.52
C SER E 188 -19.83 -3.50 3.43
N ASP E 189 -19.93 -2.72 2.35
CA ASP E 189 -19.13 -2.95 1.15
C ASP E 189 -17.86 -2.10 1.21
N ARG E 190 -17.19 -1.93 0.05
CA ARG E 190 -16.00 -1.12 -0.10
C ARG E 190 -15.99 0.14 0.75
N ARG E 191 -17.13 0.80 0.84
CA ARG E 191 -17.15 2.17 1.32
C ARG E 191 -16.66 2.31 2.75
N ASN E 192 -16.79 1.26 3.57
CA ASN E 192 -16.45 1.35 4.99
C ASN E 192 -15.47 0.27 5.40
N PRO E 193 -14.20 0.41 5.07
CA PRO E 193 -13.17 -0.41 5.73
C PRO E 193 -12.96 0.08 7.15
N HIS E 194 -12.86 -0.86 8.09
CA HIS E 194 -12.80 -0.51 9.49
C HIS E 194 -11.86 -1.44 10.24
N GLU E 195 -11.27 -0.90 11.30
CA GLU E 195 -10.42 -1.66 12.22
C GLU E 195 -10.90 -1.40 13.64
N VAL E 196 -10.51 -2.30 14.55
CA VAL E 196 -10.94 -2.24 15.94
C VAL E 196 -9.70 -2.15 16.82
N GLN E 197 -9.62 -1.09 17.62
CA GLN E 197 -8.49 -0.92 18.51
C GLN E 197 -8.56 -1.94 19.65
N PRO E 198 -7.43 -2.36 20.18
CA PRO E 198 -7.43 -3.39 21.22
C PRO E 198 -8.08 -2.89 22.51
N ALA E 199 -8.52 -3.86 23.32
CA ALA E 199 -9.13 -3.59 24.61
C ALA E 199 -8.38 -4.37 25.68
N TYR E 200 -8.63 -4.01 26.94
CA TYR E 200 -7.98 -4.63 28.08
C TYR E 200 -8.97 -5.30 29.02
N ALA E 201 -10.22 -5.43 28.61
CA ALA E 201 -11.24 -6.11 29.41
C ALA E 201 -12.22 -6.80 28.48
N THR E 202 -12.66 -8.00 28.86
CA THR E 202 -13.59 -8.75 28.04
C THR E 202 -14.83 -7.92 27.74
N ARG E 203 -15.27 -7.94 26.48
CA ARG E 203 -16.47 -7.23 26.08
C ARG E 203 -17.21 -8.06 25.03
N TYR E 204 -18.45 -7.68 24.78
CA TYR E 204 -19.34 -8.41 23.89
C TYR E 204 -19.99 -7.44 22.91
N ALA E 205 -20.37 -7.98 21.75
CA ALA E 205 -21.09 -7.20 20.76
C ALA E 205 -21.82 -8.17 19.84
N ILE E 206 -22.98 -7.73 19.36
CA ILE E 206 -23.83 -8.52 18.48
C ILE E 206 -23.94 -7.78 17.16
N THR E 207 -23.79 -8.52 16.05
CA THR E 207 -23.82 -7.95 14.72
C THR E 207 -24.80 -8.73 13.85
N VAL E 208 -25.53 -8.02 13.00
CA VAL E 208 -26.38 -8.63 11.99
C VAL E 208 -26.14 -7.88 10.67
N TRP E 209 -26.17 -8.63 9.58
CA TRP E 209 -26.01 -8.07 8.24
C TRP E 209 -27.29 -8.28 7.46
N TYR E 210 -27.79 -7.20 6.86
CA TYR E 210 -29.01 -7.25 6.06
C TYR E 210 -28.65 -7.38 4.58
N PHE E 211 -29.36 -8.28 3.89
CA PHE E 211 -29.05 -8.61 2.51
C PHE E 211 -29.71 -7.64 1.55
N ASP E 212 -29.07 -7.48 0.39
CA ASP E 212 -29.71 -6.86 -0.77
C ASP E 212 -30.33 -7.97 -1.61
N ALA E 213 -31.63 -7.84 -1.89
CA ALA E 213 -32.36 -8.92 -2.55
C ALA E 213 -31.64 -9.39 -3.81
N ASP E 214 -31.30 -8.45 -4.70
CA ASP E 214 -30.69 -8.83 -5.96
C ASP E 214 -29.29 -9.40 -5.77
N GLU E 215 -28.46 -8.73 -4.98
CA GLU E 215 -27.08 -9.18 -4.81
C GLU E 215 -27.04 -10.57 -4.17
N ARG E 216 -27.80 -10.77 -3.09
CA ARG E 216 -27.81 -12.07 -2.43
C ARG E 216 -28.29 -13.16 -3.38
N ALA E 217 -29.25 -12.84 -4.24
CA ALA E 217 -29.75 -13.84 -5.17
C ALA E 217 -28.67 -14.26 -6.17
N ARG E 218 -27.88 -13.30 -6.66
CA ARG E 218 -26.83 -13.63 -7.61
C ARG E 218 -25.75 -14.50 -6.97
N ALA E 219 -25.55 -14.37 -5.66
CA ALA E 219 -24.51 -15.15 -4.99
C ALA E 219 -24.90 -16.60 -4.79
N LYS E 220 -26.20 -16.89 -4.60
CA LYS E 220 -26.63 -18.26 -4.37
C LYS E 220 -26.61 -19.10 -5.65
N VAL E 221 -26.56 -18.47 -6.82
CA VAL E 221 -26.63 -19.22 -8.06
C VAL E 221 -25.45 -20.19 -8.19
N LYS E 222 -24.29 -19.81 -7.66
CA LYS E 222 -23.09 -20.63 -7.84
C LYS E 222 -23.18 -21.94 -7.06
N TYR E 223 -24.01 -22.02 -6.03
CA TYR E 223 -24.14 -23.23 -5.24
C TYR E 223 -25.18 -24.16 -5.84
N LEU E 224 -24.85 -25.45 -5.86
CA LEU E 224 -25.76 -26.44 -6.41
C LEU E 224 -27.10 -26.41 -5.66
N THR E 225 -28.14 -26.94 -6.32
CA THR E 225 -29.47 -26.91 -5.74
C THR E 225 -29.50 -27.59 -4.37
N GLY E 226 -28.70 -28.64 -4.20
CA GLY E 226 -28.65 -29.36 -2.94
C GLY E 226 -27.87 -28.61 -1.87
N LEU F 8 -1.56 -39.67 -19.00
CA LEU F 8 -2.14 -38.74 -18.04
C LEU F 8 -3.21 -39.41 -17.18
N PRO F 9 -2.84 -40.48 -16.48
CA PRO F 9 -3.81 -41.16 -15.62
C PRO F 9 -4.17 -40.33 -14.41
N ALA F 10 -5.42 -40.49 -13.96
CA ALA F 10 -5.94 -39.66 -12.88
C ALA F 10 -5.17 -39.88 -11.59
N LEU F 11 -4.97 -41.13 -11.20
CA LEU F 11 -4.39 -41.43 -9.90
C LEU F 11 -2.95 -40.92 -9.81
N LYS F 12 -2.08 -41.37 -10.71
CA LYS F 12 -0.69 -40.96 -10.66
C LYS F 12 -0.55 -39.46 -10.82
N LEU F 13 -1.24 -38.89 -11.81
CA LEU F 13 -1.20 -37.44 -12.00
C LEU F 13 -1.51 -36.70 -10.70
N ALA F 14 -2.38 -37.26 -9.86
CA ALA F 14 -2.77 -36.59 -8.63
C ALA F 14 -1.66 -36.66 -7.58
N LEU F 15 -1.12 -37.86 -7.34
CA LEU F 15 -0.14 -38.05 -6.27
C LEU F 15 1.29 -37.86 -6.73
N GLU F 16 1.57 -37.98 -8.02
CA GLU F 16 2.93 -37.78 -8.53
C GLU F 16 3.19 -36.35 -8.99
N TYR F 17 2.15 -35.50 -9.06
CA TYR F 17 2.33 -34.15 -9.57
C TYR F 17 1.51 -33.14 -8.78
N ILE F 18 0.18 -33.27 -8.80
CA ILE F 18 -0.69 -32.24 -8.24
C ILE F 18 -0.43 -32.08 -6.74
N VAL F 19 -0.56 -33.17 -5.99
CA VAL F 19 -0.43 -33.13 -4.53
C VAL F 19 0.89 -32.46 -4.14
N PRO F 20 2.05 -33.00 -4.56
CA PRO F 20 3.31 -32.34 -4.15
C PRO F 20 3.43 -30.92 -4.66
N CYS F 21 3.05 -30.67 -5.91
CA CYS F 21 3.13 -29.31 -6.45
C CYS F 21 2.27 -28.35 -5.64
N MET F 22 1.02 -28.73 -5.36
CA MET F 22 0.13 -27.86 -4.60
C MET F 22 0.69 -27.58 -3.21
N ASN F 23 1.22 -28.60 -2.55
CA ASN F 23 1.73 -28.42 -1.19
C ASN F 23 3.03 -27.63 -1.19
N LYS F 24 3.79 -27.67 -2.27
CA LYS F 24 5.07 -26.98 -2.34
C LYS F 24 4.94 -25.58 -2.93
N HIS F 25 4.12 -25.41 -3.96
CA HIS F 25 4.00 -24.14 -4.67
C HIS F 25 2.62 -23.51 -4.54
N GLY F 26 1.57 -24.30 -4.37
CA GLY F 26 0.22 -23.77 -4.37
C GLY F 26 -0.29 -23.34 -5.73
N ILE F 27 0.49 -23.54 -6.79
CA ILE F 27 0.10 -23.23 -8.15
C ILE F 27 0.52 -24.41 -9.02
N CYS F 28 -0.42 -25.01 -9.74
CA CYS F 28 -0.15 -26.23 -10.49
CA CYS F 28 -0.17 -26.24 -10.48
C CYS F 28 -0.89 -26.19 -11.82
N VAL F 29 -0.16 -26.45 -12.90
CA VAL F 29 -0.69 -26.42 -14.25
C VAL F 29 -0.67 -27.83 -14.82
N VAL F 30 -1.68 -28.15 -15.63
CA VAL F 30 -1.79 -29.45 -16.29
C VAL F 30 -2.16 -29.20 -17.73
N ASP F 31 -1.21 -29.41 -18.64
CA ASP F 31 -1.45 -29.21 -20.07
C ASP F 31 -2.00 -30.49 -20.70
N ASP F 32 -2.70 -30.30 -21.82
CA ASP F 32 -3.32 -31.41 -22.55
C ASP F 32 -4.17 -32.26 -21.62
N PHE F 33 -5.12 -31.60 -20.96
CA PHE F 33 -5.93 -32.27 -19.95
C PHE F 33 -6.89 -33.26 -20.58
N LEU F 34 -7.79 -32.78 -21.44
CA LEU F 34 -8.80 -33.63 -22.07
C LEU F 34 -8.44 -34.03 -23.50
N GLY F 35 -7.46 -33.39 -24.11
CA GLY F 35 -7.06 -33.73 -25.45
C GLY F 35 -7.54 -32.73 -26.47
N LYS F 36 -6.77 -32.60 -27.55
CA LYS F 36 -7.11 -31.63 -28.60
C LYS F 36 -8.48 -31.92 -29.20
N GLU F 37 -8.91 -33.17 -29.20
CA GLU F 37 -10.21 -33.51 -29.76
C GLU F 37 -11.35 -33.12 -28.83
N THR F 38 -11.23 -33.50 -27.56
CA THR F 38 -12.29 -33.17 -26.60
C THR F 38 -12.33 -31.67 -26.30
N GLY F 39 -11.18 -31.00 -26.39
CA GLY F 39 -11.16 -29.58 -26.08
C GLY F 39 -12.01 -28.76 -27.04
N GLN F 40 -11.89 -29.03 -28.34
CA GLN F 40 -12.69 -28.31 -29.32
C GLN F 40 -14.18 -28.56 -29.11
N GLN F 41 -14.54 -29.80 -28.76
CA GLN F 41 -15.95 -30.09 -28.48
C GLN F 41 -16.48 -29.20 -27.37
N ILE F 42 -15.80 -29.19 -26.22
CA ILE F 42 -16.19 -28.29 -25.15
C ILE F 42 -16.18 -26.84 -25.65
N GLY F 43 -15.21 -26.51 -26.50
CA GLY F 43 -15.16 -25.16 -27.04
C GLY F 43 -16.42 -24.79 -27.79
N ASP F 44 -17.01 -25.74 -28.52
CA ASP F 44 -18.21 -25.44 -29.29
C ASP F 44 -19.43 -25.27 -28.39
N GLU F 45 -19.55 -26.08 -27.34
CA GLU F 45 -20.70 -25.99 -26.46
C GLU F 45 -20.74 -24.64 -25.75
N VAL F 46 -19.64 -24.26 -25.10
CA VAL F 46 -19.59 -22.96 -24.44
C VAL F 46 -19.80 -21.83 -25.45
N ARG F 47 -19.27 -22.01 -26.67
CA ARG F 47 -19.44 -20.99 -27.69
C ARG F 47 -20.92 -20.78 -28.01
N ALA F 48 -21.63 -21.87 -28.28
CA ALA F 48 -23.06 -21.77 -28.56
C ALA F 48 -23.86 -21.36 -27.32
N LEU F 49 -23.31 -21.57 -26.12
CA LEU F 49 -24.04 -21.21 -24.91
C LEU F 49 -24.28 -19.70 -24.85
N HIS F 50 -23.22 -18.91 -25.01
CA HIS F 50 -23.33 -17.45 -25.00
C HIS F 50 -23.74 -16.93 -26.38
N ASP F 51 -24.91 -17.38 -26.82
CA ASP F 51 -25.47 -16.95 -28.10
C ASP F 51 -26.89 -17.47 -28.25
N GLY F 73 -18.83 -6.34 -16.63
CA GLY F 73 -18.09 -6.13 -17.86
C GLY F 73 -17.90 -7.40 -18.67
N ASP F 74 -18.25 -8.53 -18.08
CA ASP F 74 -18.13 -9.83 -18.73
C ASP F 74 -19.47 -10.56 -18.63
N LYS F 75 -19.54 -11.74 -19.24
CA LYS F 75 -20.74 -12.56 -19.26
C LYS F 75 -20.41 -13.92 -18.66
N ILE F 76 -21.21 -14.35 -17.69
CA ILE F 76 -20.99 -15.63 -17.01
C ILE F 76 -22.32 -16.37 -16.90
N THR F 77 -22.24 -17.69 -16.96
CA THR F 77 -23.40 -18.55 -16.77
C THR F 77 -22.97 -19.77 -15.96
N TRP F 78 -23.67 -20.03 -14.87
CA TRP F 78 -23.35 -21.17 -14.02
C TRP F 78 -24.00 -22.43 -14.57
N ILE F 79 -23.21 -23.50 -14.69
CA ILE F 79 -23.65 -24.74 -15.31
C ILE F 79 -23.39 -25.89 -14.34
N GLU F 80 -24.36 -26.80 -14.24
CA GLU F 80 -24.21 -27.99 -13.39
C GLU F 80 -23.55 -29.15 -14.12
N GLY F 81 -23.62 -29.19 -15.45
CA GLY F 81 -23.06 -30.27 -16.24
C GLY F 81 -24.09 -31.18 -16.88
N LYS F 82 -25.34 -31.13 -16.41
CA LYS F 82 -26.41 -31.95 -16.95
C LYS F 82 -27.34 -31.18 -17.88
N GLU F 83 -27.09 -29.89 -18.11
CA GLU F 83 -27.91 -29.13 -19.01
C GLU F 83 -27.77 -29.66 -20.44
N PRO F 84 -28.84 -29.64 -21.23
CA PRO F 84 -28.72 -30.06 -22.63
C PRO F 84 -27.78 -29.14 -23.40
N GLY F 85 -26.95 -29.75 -24.25
CA GLY F 85 -25.94 -29.01 -24.97
C GLY F 85 -24.68 -28.75 -24.18
N CYS F 86 -24.63 -29.12 -22.91
CA CYS F 86 -23.46 -28.96 -22.06
C CYS F 86 -22.89 -30.32 -21.66
N GLU F 87 -22.97 -31.28 -22.57
CA GLU F 87 -22.55 -32.65 -22.27
C GLU F 87 -21.06 -32.72 -21.95
N THR F 88 -20.22 -32.38 -22.92
CA THR F 88 -18.78 -32.46 -22.71
C THR F 88 -18.33 -31.53 -21.58
N ILE F 89 -19.07 -30.46 -21.32
CA ILE F 89 -18.78 -29.62 -20.16
C ILE F 89 -18.90 -30.44 -18.88
N GLY F 90 -19.94 -31.29 -18.81
CA GLY F 90 -20.05 -32.20 -17.68
C GLY F 90 -18.87 -33.16 -17.59
N LEU F 91 -18.38 -33.62 -18.75
CA LEU F 91 -17.18 -34.45 -18.75
C LEU F 91 -15.99 -33.69 -18.18
N LEU F 92 -15.89 -32.40 -18.48
CA LEU F 92 -14.83 -31.59 -17.91
C LEU F 92 -14.92 -31.57 -16.38
N MET F 93 -16.13 -31.31 -15.87
CA MET F 93 -16.31 -31.31 -14.41
C MET F 93 -16.03 -32.69 -13.83
N SER F 94 -16.48 -33.74 -14.51
CA SER F 94 -16.21 -35.10 -14.05
C SER F 94 -14.71 -35.35 -13.94
N SER F 95 -13.95 -34.95 -14.97
CA SER F 95 -12.51 -35.13 -14.93
C SER F 95 -11.88 -34.32 -13.81
N MET F 96 -12.38 -33.09 -13.59
CA MET F 96 -11.90 -32.28 -12.48
C MET F 96 -12.19 -32.98 -11.14
N ASP F 97 -13.44 -33.41 -10.96
CA ASP F 97 -13.81 -34.09 -9.73
C ASP F 97 -12.99 -35.37 -9.53
N ASP F 98 -12.87 -36.17 -10.59
CA ASP F 98 -12.10 -37.41 -10.50
C ASP F 98 -10.65 -37.16 -10.13
N LEU F 99 -10.12 -35.96 -10.41
CA LEU F 99 -8.71 -35.70 -10.21
C LEU F 99 -8.41 -35.31 -8.76
N ILE F 100 -9.23 -34.43 -8.18
CA ILE F 100 -9.00 -34.01 -6.80
C ILE F 100 -9.42 -35.06 -5.79
N ARG F 101 -10.33 -35.97 -6.17
CA ARG F 101 -10.70 -37.05 -5.26
C ARG F 101 -9.47 -37.84 -4.82
N HIS F 102 -8.61 -38.18 -5.78
CA HIS F 102 -7.37 -38.88 -5.47
C HIS F 102 -6.42 -38.04 -4.63
N CYS F 103 -6.66 -36.73 -4.52
CA CYS F 103 -5.89 -35.87 -3.64
C CYS F 103 -6.50 -35.74 -2.25
N ASN F 104 -7.69 -36.31 -2.03
CA ASN F 104 -8.37 -36.15 -0.76
C ASN F 104 -7.48 -36.58 0.39
N GLY F 105 -7.40 -35.75 1.42
CA GLY F 105 -6.53 -36.00 2.56
C GLY F 105 -5.08 -35.65 2.33
N LYS F 106 -4.73 -35.08 1.17
CA LYS F 106 -3.35 -34.77 0.84
C LYS F 106 -3.13 -33.30 0.48
N LEU F 107 -4.18 -32.51 0.34
CA LEU F 107 -4.05 -31.09 0.00
C LEU F 107 -4.06 -30.31 1.32
N GLY F 108 -2.88 -30.15 1.91
CA GLY F 108 -2.80 -29.50 3.20
C GLY F 108 -3.62 -30.26 4.22
N SER F 109 -4.48 -29.54 4.94
CA SER F 109 -5.38 -30.14 5.92
C SER F 109 -6.84 -30.03 5.48
N TYR F 110 -7.08 -29.88 4.17
CA TYR F 110 -8.42 -29.67 3.66
C TYR F 110 -9.18 -30.99 3.51
N LYS F 111 -10.50 -30.90 3.64
CA LYS F 111 -11.41 -32.01 3.38
C LYS F 111 -12.39 -31.54 2.31
N ILE F 112 -12.08 -31.83 1.05
CA ILE F 112 -12.94 -31.41 -0.05
C ILE F 112 -14.17 -32.31 -0.09
N ASN F 113 -15.35 -31.70 0.01
CA ASN F 113 -16.61 -32.45 0.03
C ASN F 113 -17.61 -31.95 -1.01
N GLY F 114 -17.25 -30.98 -1.85
CA GLY F 114 -18.17 -30.47 -2.84
C GLY F 114 -17.51 -29.41 -3.69
N ARG F 115 -18.33 -28.67 -4.42
CA ARG F 115 -17.84 -27.61 -5.29
C ARG F 115 -19.02 -26.76 -5.74
N THR F 116 -18.69 -25.61 -6.31
CA THR F 116 -19.68 -24.74 -6.92
C THR F 116 -20.04 -25.25 -8.31
N LYS F 117 -21.03 -24.61 -8.92
CA LYS F 117 -21.30 -24.84 -10.33
C LYS F 117 -20.13 -24.35 -11.17
N ALA F 118 -20.17 -24.65 -12.46
CA ALA F 118 -19.11 -24.26 -13.39
C ALA F 118 -19.39 -22.84 -13.88
N MET F 119 -18.50 -21.91 -13.54
CA MET F 119 -18.61 -20.53 -14.02
C MET F 119 -18.08 -20.49 -15.44
N VAL F 120 -18.99 -20.56 -16.41
CA VAL F 120 -18.63 -20.46 -17.82
C VAL F 120 -18.61 -18.98 -18.18
N ALA F 121 -17.41 -18.43 -18.34
CA ALA F 121 -17.22 -17.00 -18.49
C ALA F 121 -16.82 -16.64 -19.92
N CYS F 122 -17.33 -15.52 -20.39
CA CYS F 122 -16.95 -14.94 -21.67
C CYS F 122 -16.26 -13.61 -21.40
N TYR F 123 -14.98 -13.52 -21.74
CA TYR F 123 -14.20 -12.32 -21.46
C TYR F 123 -14.02 -11.51 -22.73
N PRO F 124 -14.32 -10.22 -22.73
CA PRO F 124 -14.21 -9.43 -23.97
C PRO F 124 -12.77 -9.09 -24.30
N GLY F 125 -12.43 -9.19 -25.58
CA GLY F 125 -11.11 -8.84 -26.04
C GLY F 125 -11.02 -7.38 -26.43
N ASN F 126 -11.37 -6.49 -25.49
CA ASN F 126 -11.43 -5.05 -25.74
C ASN F 126 -10.32 -4.31 -25.00
N GLY F 127 -9.19 -4.98 -24.74
CA GLY F 127 -8.10 -4.34 -24.04
C GLY F 127 -8.35 -4.10 -22.57
N THR F 128 -9.17 -4.93 -21.93
CA THR F 128 -9.50 -4.79 -20.53
C THR F 128 -8.92 -5.96 -19.74
N GLY F 129 -8.31 -5.64 -18.60
CA GLY F 129 -7.83 -6.63 -17.67
C GLY F 129 -8.72 -6.73 -16.44
N TYR F 130 -8.22 -7.46 -15.45
CA TYR F 130 -8.93 -7.69 -14.20
C TYR F 130 -8.01 -7.37 -13.03
N VAL F 131 -8.46 -6.47 -12.17
CA VAL F 131 -7.60 -5.97 -11.09
C VAL F 131 -7.23 -7.12 -10.16
N ARG F 132 -6.06 -6.99 -9.54
CA ARG F 132 -5.57 -8.02 -8.63
C ARG F 132 -6.58 -8.27 -7.51
N HIS F 133 -6.76 -9.54 -7.16
CA HIS F 133 -7.76 -9.90 -6.18
C HIS F 133 -7.44 -11.29 -5.62
N VAL F 134 -8.07 -11.59 -4.48
CA VAL F 134 -8.06 -12.91 -3.88
C VAL F 134 -9.45 -13.51 -4.06
N ASP F 135 -9.51 -14.74 -4.57
CA ASP F 135 -10.80 -15.38 -4.81
C ASP F 135 -11.61 -15.47 -3.52
N ASN F 136 -11.03 -16.08 -2.48
CA ASN F 136 -11.69 -16.27 -1.19
C ASN F 136 -10.89 -15.58 -0.09
N PRO F 137 -11.13 -14.29 0.15
CA PRO F 137 -10.42 -13.59 1.22
C PRO F 137 -11.12 -13.58 2.57
N ASN F 138 -12.38 -14.02 2.59
N ASN F 138 -12.39 -14.02 2.64
CA ASN F 138 -13.27 -13.97 3.75
CA ASN F 138 -13.14 -13.95 3.88
C ASN F 138 -13.40 -15.31 4.46
C ASN F 138 -13.52 -15.34 4.39
N GLY F 139 -12.88 -16.39 3.90
CA GLY F 139 -13.14 -17.72 4.40
C GLY F 139 -14.56 -18.18 4.12
N ASP F 140 -14.95 -18.19 2.84
CA ASP F 140 -16.30 -18.54 2.44
C ASP F 140 -16.43 -20.03 2.07
N GLY F 141 -15.40 -20.83 2.32
CA GLY F 141 -15.44 -22.27 2.11
C GLY F 141 -14.54 -22.75 0.98
N ARG F 142 -14.31 -21.90 -0.02
CA ARG F 142 -13.54 -22.30 -1.19
C ARG F 142 -12.05 -22.34 -0.86
N CYS F 143 -11.41 -23.48 -1.15
CA CYS F 143 -10.00 -23.67 -0.85
C CYS F 143 -9.12 -23.89 -2.09
N VAL F 144 -9.68 -24.41 -3.18
CA VAL F 144 -8.93 -24.69 -4.39
C VAL F 144 -9.67 -24.09 -5.58
N THR F 145 -8.96 -23.32 -6.40
CA THR F 145 -9.49 -22.74 -7.62
C THR F 145 -9.05 -23.59 -8.80
N CYS F 146 -9.99 -23.94 -9.67
CA CYS F 146 -9.73 -24.75 -10.85
CA CYS F 146 -9.72 -24.74 -10.85
C CYS F 146 -10.26 -24.02 -12.07
N ILE F 147 -9.37 -23.67 -13.00
CA ILE F 147 -9.72 -22.96 -14.22
C ILE F 147 -9.30 -23.80 -15.41
N TYR F 148 -10.15 -23.85 -16.43
CA TYR F 148 -9.89 -24.58 -17.66
C TYR F 148 -10.03 -23.63 -18.84
N TYR F 149 -8.99 -23.56 -19.67
CA TYR F 149 -8.96 -22.68 -20.83
C TYR F 149 -9.25 -23.49 -22.09
N LEU F 150 -10.09 -22.93 -22.96
CA LEU F 150 -10.66 -23.68 -24.08
C LEU F 150 -10.71 -22.82 -25.33
N ASN F 151 -9.65 -22.08 -25.60
CA ASN F 151 -9.53 -21.23 -26.79
C ASN F 151 -8.43 -21.81 -27.68
N LYS F 152 -8.83 -22.50 -28.74
CA LYS F 152 -7.88 -23.21 -29.57
C LYS F 152 -6.93 -22.25 -30.28
N ASP F 153 -5.65 -22.65 -30.33
CA ASP F 153 -4.61 -21.88 -31.02
C ASP F 153 -4.41 -20.50 -30.43
N TRP F 154 -4.80 -20.29 -29.16
CA TRP F 154 -4.63 -19.01 -28.52
C TRP F 154 -3.15 -18.74 -28.26
N ASP F 155 -2.62 -17.68 -28.85
CA ASP F 155 -1.24 -17.27 -28.65
C ASP F 155 -1.23 -16.05 -27.73
N ALA F 156 -0.79 -16.25 -26.48
CA ALA F 156 -0.82 -15.17 -25.50
C ALA F 156 0.10 -14.03 -25.91
N LYS F 157 1.20 -14.32 -26.58
CA LYS F 157 2.12 -13.27 -27.01
C LYS F 157 1.45 -12.29 -27.97
N VAL F 158 0.45 -12.77 -28.72
CA VAL F 158 -0.23 -11.95 -29.70
C VAL F 158 -1.55 -11.41 -29.18
N SER F 159 -2.28 -12.22 -28.40
CA SER F 159 -3.63 -11.88 -27.96
C SER F 159 -3.71 -11.46 -26.50
N GLY F 160 -2.68 -11.71 -25.71
CA GLY F 160 -2.72 -11.31 -24.31
C GLY F 160 -3.56 -12.27 -23.47
N GLY F 161 -4.06 -11.75 -22.35
CA GLY F 161 -4.89 -12.54 -21.46
C GLY F 161 -4.12 -13.36 -20.45
N ILE F 162 -2.85 -13.03 -20.21
CA ILE F 162 -2.02 -13.84 -19.32
C ILE F 162 -2.43 -13.61 -17.88
N LEU F 163 -2.51 -14.68 -17.11
CA LEU F 163 -2.80 -14.62 -15.68
C LEU F 163 -1.49 -14.45 -14.92
N ARG F 164 -1.46 -13.52 -13.97
CA ARG F 164 -0.30 -13.26 -13.14
C ARG F 164 -0.67 -13.51 -11.68
N ILE F 165 -0.02 -14.49 -11.05
CA ILE F 165 -0.28 -14.87 -9.67
C ILE F 165 0.90 -14.47 -8.81
N PHE F 166 0.61 -13.89 -7.65
CA PHE F 166 1.65 -13.44 -6.72
C PHE F 166 1.64 -14.29 -5.46
N PRO F 167 2.23 -15.48 -5.46
CA PRO F 167 2.20 -16.32 -4.26
C PRO F 167 2.78 -15.59 -3.06
N GLU F 168 2.03 -15.62 -1.95
CA GLU F 168 2.40 -14.85 -0.77
C GLU F 168 3.78 -15.28 -0.24
N GLY F 169 4.58 -14.29 0.12
CA GLY F 169 5.86 -14.52 0.74
C GLY F 169 6.96 -15.00 -0.17
N LYS F 170 6.68 -15.22 -1.44
CA LYS F 170 7.69 -15.75 -2.36
C LYS F 170 8.39 -14.61 -3.09
N ALA F 171 9.64 -14.85 -3.45
CA ALA F 171 10.43 -13.84 -4.15
C ALA F 171 10.04 -13.70 -5.61
N GLN F 172 9.26 -14.64 -6.15
CA GLN F 172 8.88 -14.63 -7.55
C GLN F 172 7.36 -14.59 -7.69
N PHE F 173 6.92 -14.15 -8.85
CA PHE F 173 5.54 -14.32 -9.29
C PHE F 173 5.55 -15.03 -10.64
N ALA F 174 4.39 -15.56 -11.02
CA ALA F 174 4.30 -16.44 -12.18
C ALA F 174 3.25 -15.91 -13.16
N ASP F 175 3.61 -15.89 -14.44
CA ASP F 175 2.66 -15.63 -15.52
C ASP F 175 2.23 -16.96 -16.11
N ILE F 176 0.93 -17.22 -16.10
CA ILE F 176 0.35 -18.46 -16.61
C ILE F 176 -0.43 -18.12 -17.89
N GLU F 177 0.04 -18.65 -19.02
CA GLU F 177 -0.65 -18.39 -20.28
C GLU F 177 -1.92 -19.23 -20.37
N PRO F 178 -3.03 -18.66 -20.85
CA PRO F 178 -4.28 -19.43 -21.00
C PRO F 178 -4.24 -20.35 -22.22
N LYS F 179 -3.31 -21.29 -22.21
CA LYS F 179 -3.16 -22.21 -23.33
C LYS F 179 -4.39 -23.08 -23.49
N PHE F 180 -4.64 -23.52 -24.72
CA PHE F 180 -5.79 -24.36 -25.01
C PHE F 180 -5.66 -25.71 -24.30
N ASP F 181 -6.78 -26.17 -23.74
CA ASP F 181 -6.85 -27.47 -23.08
C ASP F 181 -5.86 -27.55 -21.91
N ARG F 182 -5.76 -26.45 -21.17
CA ARG F 182 -4.90 -26.37 -19.99
C ARG F 182 -5.78 -26.29 -18.74
N LEU F 183 -5.32 -26.94 -17.66
CA LEU F 183 -6.00 -26.94 -16.38
C LEU F 183 -5.09 -26.33 -15.34
N LEU F 184 -5.64 -25.43 -14.52
CA LEU F 184 -4.87 -24.66 -13.56
C LEU F 184 -5.46 -24.84 -12.17
N PHE F 185 -4.61 -25.24 -11.21
CA PHE F 185 -4.97 -25.33 -9.81
C PHE F 185 -4.23 -24.27 -9.01
N PHE F 186 -4.88 -23.72 -8.00
CA PHE F 186 -4.17 -22.92 -7.01
C PHE F 186 -5.09 -22.64 -5.83
N TRP F 187 -4.48 -22.41 -4.68
CA TRP F 187 -5.25 -22.12 -3.47
C TRP F 187 -6.08 -20.86 -3.67
N SER F 188 -7.33 -20.90 -3.25
CA SER F 188 -8.25 -19.78 -3.43
C SER F 188 -8.08 -18.70 -2.37
N ASP F 189 -7.40 -18.99 -1.27
CA ASP F 189 -7.30 -18.05 -0.16
C ASP F 189 -6.24 -16.99 -0.45
N ARG F 190 -5.86 -16.23 0.58
CA ARG F 190 -4.99 -15.08 0.43
C ARG F 190 -3.58 -15.43 -0.03
N ARG F 191 -3.23 -16.71 -0.16
CA ARG F 191 -1.89 -17.06 -0.60
C ARG F 191 -1.67 -16.77 -2.07
N ASN F 192 -2.73 -16.61 -2.86
CA ASN F 192 -2.62 -16.47 -4.32
C ASN F 192 -3.45 -15.28 -4.80
N PRO F 193 -3.03 -14.05 -4.49
CA PRO F 193 -3.57 -12.90 -5.23
C PRO F 193 -3.13 -12.96 -6.68
N HIS F 194 -4.04 -12.62 -7.57
CA HIS F 194 -3.77 -12.74 -9.00
C HIS F 194 -4.52 -11.67 -9.78
N GLU F 195 -3.92 -11.27 -10.90
CA GLU F 195 -4.51 -10.33 -11.84
C GLU F 195 -4.44 -10.95 -13.23
N VAL F 196 -5.28 -10.44 -14.13
CA VAL F 196 -5.34 -10.93 -15.50
C VAL F 196 -5.04 -9.76 -16.44
N GLN F 197 -4.08 -9.97 -17.34
CA GLN F 197 -3.69 -8.93 -18.27
C GLN F 197 -4.75 -8.74 -19.35
N PRO F 198 -4.76 -7.59 -20.01
CA PRO F 198 -5.77 -7.35 -21.05
C PRO F 198 -5.58 -8.27 -22.24
N ALA F 199 -6.69 -8.58 -22.90
CA ALA F 199 -6.70 -9.36 -24.12
C ALA F 199 -7.27 -8.52 -25.26
N TYR F 200 -7.02 -8.96 -26.49
CA TYR F 200 -7.46 -8.24 -27.68
C TYR F 200 -8.25 -9.15 -28.61
N ALA F 201 -8.78 -10.25 -28.09
CA ALA F 201 -9.68 -11.12 -28.85
C ALA F 201 -10.53 -11.89 -27.84
N THR F 202 -11.81 -12.07 -28.17
CA THR F 202 -12.73 -12.72 -27.25
C THR F 202 -12.21 -14.11 -26.89
N ARG F 203 -12.34 -14.47 -25.61
CA ARG F 203 -11.89 -15.77 -25.12
C ARG F 203 -12.80 -16.21 -23.99
N TYR F 204 -12.73 -17.50 -23.68
CA TYR F 204 -13.57 -18.12 -22.65
C TYR F 204 -12.71 -18.95 -21.70
N ALA F 205 -13.25 -19.20 -20.52
CA ALA F 205 -12.60 -20.04 -19.53
C ALA F 205 -13.64 -20.46 -18.50
N ILE F 206 -13.55 -21.72 -18.07
CA ILE F 206 -14.46 -22.30 -17.10
C ILE F 206 -13.73 -22.43 -15.77
N THR F 207 -14.36 -21.98 -14.70
CA THR F 207 -13.77 -22.00 -13.37
C THR F 207 -14.71 -22.71 -12.40
N VAL F 208 -14.16 -23.62 -11.61
CA VAL F 208 -14.91 -24.29 -10.54
C VAL F 208 -14.08 -24.18 -9.26
N TRP F 209 -14.77 -23.96 -8.14
CA TRP F 209 -14.14 -23.86 -6.84
C TRP F 209 -14.58 -25.02 -5.96
N TYR F 210 -13.62 -25.61 -5.24
CA TYR F 210 -13.89 -26.73 -4.37
C TYR F 210 -13.90 -26.26 -2.92
N PHE F 211 -14.89 -26.76 -2.17
CA PHE F 211 -15.09 -26.34 -0.79
C PHE F 211 -14.24 -27.16 0.17
N ASP F 212 -13.96 -26.57 1.32
CA ASP F 212 -13.43 -27.29 2.46
C ASP F 212 -14.57 -27.59 3.43
N ALA F 213 -14.67 -28.84 3.87
CA ALA F 213 -15.80 -29.28 4.68
C ALA F 213 -16.02 -28.36 5.87
N ASP F 214 -15.00 -28.21 6.71
CA ASP F 214 -15.15 -27.40 7.93
C ASP F 214 -15.42 -25.94 7.59
N GLU F 215 -14.61 -25.36 6.69
CA GLU F 215 -14.76 -23.95 6.39
C GLU F 215 -16.12 -23.65 5.78
N ARG F 216 -16.58 -24.49 4.86
CA ARG F 216 -17.88 -24.25 4.23
C ARG F 216 -19.02 -24.42 5.22
N ALA F 217 -18.89 -25.36 6.17
CA ALA F 217 -19.93 -25.55 7.17
C ALA F 217 -20.04 -24.32 8.08
N ARG F 218 -18.91 -23.84 8.60
CA ARG F 218 -18.93 -22.65 9.44
C ARG F 218 -19.56 -21.47 8.71
N ALA F 219 -19.45 -21.43 7.38
CA ALA F 219 -19.98 -20.31 6.61
C ALA F 219 -21.49 -20.41 6.39
N LYS F 220 -22.05 -21.61 6.45
CA LYS F 220 -23.49 -21.78 6.21
C LYS F 220 -24.32 -21.46 7.44
N VAL F 221 -23.75 -21.53 8.64
CA VAL F 221 -24.55 -21.41 9.86
C VAL F 221 -25.16 -20.02 9.98
N LYS F 222 -24.49 -19.00 9.45
CA LYS F 222 -24.97 -17.64 9.61
C LYS F 222 -26.25 -17.36 8.83
N TYR F 223 -26.66 -18.26 7.94
CA TYR F 223 -27.87 -18.08 7.15
C TYR F 223 -29.04 -18.82 7.80
N LEU F 224 -30.20 -18.18 7.80
CA LEU F 224 -31.39 -18.80 8.39
C LEU F 224 -31.69 -20.14 7.73
N THR F 225 -32.21 -21.07 8.52
CA THR F 225 -32.50 -22.41 8.05
C THR F 225 -33.50 -22.38 6.90
N12 QEE G . -0.23 12.64 -17.50
C15 QEE G . 0.41 11.26 -19.04
C20 QEE G . 2.42 10.43 -20.18
C21 QEE G . 0.63 12.50 -18.49
C24 QEE G . 0.25 16.02 -16.00
C02 QEE G . -1.04 17.16 -14.17
C04 QEE G . -0.40 19.38 -13.53
C05 QEE G . -1.59 19.97 -14.28
C06 QEE G . 0.79 20.32 -13.71
C07 QEE G . -0.71 19.26 -12.04
C08 QEE G . -0.79 15.97 -15.08
C09 QEE G . -1.58 14.84 -14.98
C11 QEE G . -0.39 13.82 -16.65
C14 QEE G . -0.63 10.66 -18.34
C19 QEE G . 2.72 9.89 -21.42
C23 QEE G . 0.45 14.92 -16.81
N10 QEE G . -1.36 13.80 -15.76
N13 QEE G . -1.02 11.53 -17.40
N16 QEE G . 1.13 10.69 -20.16
N17 QEE G . 0.59 10.34 -21.35
N18 QEE G . 1.59 9.84 -22.12
O01 QEE G . -2.05 17.24 -13.55
O03 QEE G . -0.05 18.15 -14.08
O22 QEE G . 1.58 13.43 -18.92
H201 QEE G . 3.02 10.59 -19.49
H241 QEE G . 0.79 16.77 -16.07
H051 QEE G . -2.41 19.70 -13.82
H053 QEE G . -1.61 19.63 -15.18
H052 QEE G . -1.53 20.94 -14.29
H061 QEE G . 1.58 19.93 -13.31
H063 QEE G . 0.60 21.17 -13.29
H062 QEE G . 0.96 20.46 -14.66
H072 QEE G . -1.61 18.93 -11.93
H073 QEE G . -0.62 20.12 -11.61
H071 QEE G . -0.09 18.63 -11.64
H091 QEE G . -2.26 14.80 -14.36
H141 QEE G . -0.98 9.82 -18.49
H191 QEE G . 3.57 9.62 -21.71
H231 QEE G . 1.12 14.91 -17.45
H221 QEE G . 2.34 13.20 -18.61
MN MN H . -2.49 11.98 -15.78
N12 QEE I . 13.21 -2.26 16.81
C15 QEE I . 12.04 -1.30 18.36
C20 QEE I . 11.71 0.89 19.42
C21 QEE I . 13.27 -1.34 17.75
C24 QEE I . 16.54 -2.49 15.17
C02 QEE I . 17.32 -3.99 13.31
C04 QEE I . 19.61 -3.89 12.60
C05 QEE I . 19.90 -5.22 13.31
C06 QEE I . 20.83 -2.98 12.76
C07 QEE I . 19.37 -4.13 11.12
C08 QEE I . 16.24 -3.49 14.26
C09 QEE I . 14.97 -4.04 14.23
C11 QEE I . 14.28 -2.66 15.92
C14 QEE I . 11.23 -2.23 17.73
C19 QEE I . 11.29 1.35 20.66
C23 QEE I . 15.53 -2.07 16.02
N10 QEE I . 14.04 -3.62 15.05
N13 QEE I . 11.96 -2.82 16.79
N16 QEE I . 11.67 -0.43 19.45
N17 QEE I . 11.23 -0.82 20.67
N18 QEE I . 10.99 0.30 21.41
O01 QEE I . 17.14 -4.99 12.69
O03 QEE I . 18.50 -3.25 13.18
O22 QEE I . 14.36 -0.54 18.11
H201 QEE I . 11.98 1.41 18.70
H241 QEE I . 17.39 -2.11 15.20
H051 QEE I . 19.52 -5.94 12.81
H053 QEE I . 19.52 -5.19 14.20
H052 QEE I . 20.87 -5.33 13.38
H061 QEE I . 20.64 -2.12 12.38
H063 QEE I . 21.59 -3.37 12.31
H062 QEE I . 21.03 -2.88 13.71
H072 QEE I . 18.80 -4.91 11.00
H073 QEE I . 20.21 -4.27 10.66
H071 QEE I . 18.92 -3.35 10.73
H091 QEE I . 14.78 -4.71 13.61
H141 QEE I . 10.34 -2.42 17.94
H191 QEE I . 11.21 2.24 20.92
H231 QEE I . 15.69 -1.40 16.65
H221 QEE I . 14.23 0.25 17.83
MN MN J . 11.96 -4.32 15.22
N12 QEE K . 17.88 -9.24 -7.62
C15 QEE K . 17.32 -9.55 -9.68
C20 QEE K . 16.39 -11.24 -11.19
C21 QEE K . 17.89 -10.13 -8.58
C24 QEE K . 19.24 -10.77 -4.51
C02 QEE K . 19.91 -9.66 -2.35
C04 QEE K . 20.95 -11.01 -0.67
C05 QEE K . 22.25 -10.25 -0.88
C06 QEE K . 21.28 -12.49 -0.44
C07 QEE K . 20.21 -10.47 0.56
C08 QEE K . 19.37 -9.60 -3.77
C09 QEE K . 19.00 -8.39 -4.31
C11 QEE K . 18.39 -9.41 -6.28
C14 QEE K . 16.96 -8.25 -9.34
C19 QEE K . 16.47 -11.52 -12.55
C23 QEE K . 18.74 -10.67 -5.80
N10 QEE K . 18.54 -8.32 -5.54
N13 QEE K . 17.31 -8.06 -8.07
N16 QEE K . 17.12 -10.18 -10.97
N17 QEE K . 17.67 -9.76 -12.14
N18 QEE K . 17.25 -10.61 -13.12
O01 QEE K . 20.13 -8.66 -1.76
O03 QEE K . 20.12 -10.92 -1.79
O22 QEE K . 18.39 -11.43 -8.52
H201 QEE K . 15.91 -11.72 -10.56
H241 QEE K . 19.49 -11.59 -4.16
H051 QEE K . 22.16 -9.35 -0.53
H053 QEE K . 22.45 -10.20 -1.82
H052 QEE K . 22.98 -10.70 -0.42
H061 QEE K . 20.45 -12.99 -0.39
H063 QEE K . 21.77 -12.58 0.39
H062 QEE K . 21.81 -12.81 -1.18
H072 QEE K . 20.19 -9.50 0.52
H073 QEE K . 20.66 -10.75 1.36
H071 QEE K . 19.30 -10.81 0.56
H091 QEE K . 19.08 -7.61 -3.81
H141 QEE K . 16.55 -7.63 -9.89
H191 QEE K . 16.04 -12.22 -12.99
H231 QEE K . 18.64 -11.42 -6.34
H221 QEE K . 17.76 -11.96 -8.28
C1 GOL L . 15.17 -9.62 -1.80
O1 GOL L . 16.49 -10.07 -1.68
C2 GOL L . 14.47 -10.53 -2.84
O2 GOL L . 13.12 -10.21 -2.99
C3 GOL L . 15.27 -10.32 -4.15
O3 GOL L . 14.64 -11.07 -5.15
H11 GOL L . 14.68 -9.66 -0.96
H12 GOL L . 15.12 -8.69 -2.09
H2 GOL L . 14.50 -11.46 -2.56
HO2 GOL L . 12.91 -10.34 -3.79
H31 GOL L . 15.29 -9.36 -4.36
H32 GOL L . 16.19 -10.57 -4.01
HO3 GOL L . 15.08 -10.95 -5.87
MN MN M . 17.50 -6.62 -6.55
N12 QEE N . -4.81 19.80 7.03
C15 QEE N . -5.13 19.42 9.14
C20 QEE N . -6.87 18.89 10.79
C21 QEE N . -5.63 20.06 8.03
C24 QEE N . -6.18 21.39 3.95
C02 QEE N . -5.14 21.59 1.66
C04 QEE N . -6.31 22.81 -0.05
C05 QEE N . -5.34 23.97 0.10
C06 QEE N . -7.72 23.38 -0.29
C07 QEE N . -5.93 21.95 -1.25
C08 QEE N . -5.10 21.15 3.11
C09 QEE N . -3.99 20.47 3.60
C11 QEE N . -4.95 20.28 5.68
C14 QEE N . -3.96 18.77 8.77
C19 QEE N . -7.07 19.11 12.16
C23 QEE N . -6.10 20.95 5.26
N10 QEE N . -3.96 20.07 4.84
N13 QEE N . -3.77 19.02 7.47
N16 QEE N . -5.72 19.43 10.47
N17 QEE N . -5.15 19.97 11.58
N18 QEE N . -6.01 19.76 12.62
O01 QEE N . -4.13 21.58 1.02
O03 QEE N . -6.35 22.02 1.11
O22 QEE N . -6.80 20.82 7.99
H201 QEE N . -7.46 18.45 10.22
H241 QEE N . -6.93 21.84 3.64
H051 QEE N . -4.47 23.70 -0.22
H053 QEE N . -5.28 24.22 1.04
H052 QEE N . -5.66 24.73 -0.42
H061 QEE N . -8.36 22.66 -0.31
H063 QEE N . -7.73 23.86 -1.13
H062 QEE N . -7.94 23.99 0.43
H072 QEE N . -4.97 21.78 -1.24
H073 QEE N . -6.17 22.41 -2.07
H071 QEE N . -6.40 21.10 -1.21
H091 QEE N . -3.28 20.30 3.03
H141 QEE N . -3.42 18.26 9.32
H191 QEE N . -7.80 18.83 12.65
H231 QEE N . -6.80 21.10 5.85
H221 QEE N . -7.47 20.30 7.95
MN MN O . -2.37 18.84 5.82
N12 QEE P . -16.06 -7.41 12.75
C15 QEE P . -15.57 -6.40 14.60
C20 QEE P . -14.37 -6.77 16.70
C21 QEE P . -15.90 -7.60 14.04
C24 QEE P . -16.94 -10.66 11.15
C02 QEE P . -17.58 -11.19 8.78
C04 QEE P . -18.16 -13.43 8.18
C05 QEE P . -19.64 -13.05 8.09
C06 QEE P . -18.07 -14.84 8.76
C07 QEE P . -17.53 -13.44 6.79
C08 QEE P . -17.17 -10.20 9.86
C09 QEE P . -17.02 -8.86 9.57
C11 QEE P . -16.44 -8.40 11.76
C14 QEE P . -15.53 -5.46 13.57
C19 QEE P . -14.42 -6.25 18.00
C23 QEE P . -16.57 -9.73 12.12
N10 QEE P . -16.67 -8.00 10.52
N13 QEE P . -15.85 -6.10 12.44
N16 QEE P . -15.29 -6.15 15.99
N17 QEE P . -15.93 -5.26 16.79
N18 QEE P . -15.37 -5.33 18.03
O01 QEE P . -17.98 -10.78 7.74
O03 QEE P . -17.47 -12.56 9.03
O22 QEE P . -16.04 -8.81 14.75
H201 QEE P . -13.79 -7.42 16.40
H241 QEE P . -17.03 -11.56 11.36
H051 QEE P . -19.79 -12.53 7.29
H053 QEE P . -19.89 -12.53 8.87
H052 QEE P . -20.18 -13.86 8.06
H061 QEE P . -17.13 -15.08 8.89
H063 QEE P . -18.48 -15.47 8.15
H062 QEE P . -18.52 -14.87 9.61
H072 QEE P . -17.84 -12.67 6.29
H073 QEE P . -17.79 -14.25 6.32
H071 QEE P . -16.56 -13.41 6.87
H091 QEE P . -17.17 -8.55 8.70
H141 QEE P . -15.32 -4.55 13.66
H191 QEE P . -13.87 -6.51 18.70
H231 QEE P . -16.41 -10.01 12.99
H221 QEE P . -15.30 -9.22 14.75
MN MN Q . -16.27 -5.91 10.36
N12 QEE R . -11.48 -14.52 -11.91
C15 QEE R . -10.46 -14.39 -13.81
C20 QEE R . -10.59 -13.25 -15.98
C21 QEE R . -11.69 -14.39 -13.19
C24 QEE R . -14.78 -14.51 -10.15
C02 QEE R . -15.29 -14.80 -7.69
C04 QEE R . -17.59 -14.92 -7.03
C05 QEE R . -17.46 -16.44 -6.95
C06 QEE R . -18.97 -14.59 -7.59
C07 QEE R . -17.47 -14.31 -5.63
C08 QEE R . -14.31 -14.72 -8.86
C09 QEE R . -12.96 -14.84 -8.63
C11 QEE R . -12.50 -14.58 -10.87
C14 QEE R . -9.49 -14.53 -12.82
C19 QEE R . -10.19 -13.51 -17.28
C23 QEE R . -13.84 -14.44 -11.17
N10 QEE R . -12.10 -14.77 -9.62
N13 QEE R . -10.13 -14.61 -11.65
N16 QEE R . -10.22 -14.27 -15.23
N17 QEE R . -9.59 -15.18 -16.01
N18 QEE R . -9.58 -14.69 -17.29
O01 QEE R . -14.92 -15.22 -6.64
O03 QEE R . -16.62 -14.38 -7.88
O22 QEE R . -12.92 -14.28 -13.85
H201 QEE R . -11.04 -12.49 -15.69
H241 QEE R . -15.69 -14.41 -10.32
H051 QEE R . -16.86 -16.68 -6.22
H053 QEE R . -17.10 -16.78 -7.78
H052 QEE R . -18.33 -16.84 -6.79
H061 QEE R . -19.04 -13.63 -7.71
H063 QEE R . -19.65 -14.89 -6.97
H062 QEE R . -19.08 -15.04 -8.45
H072 QEE R . -16.74 -14.74 -5.15
H073 QEE R . -18.30 -14.44 -5.14
H071 QEE R . -17.29 -13.36 -5.71
H091 QEE R . -12.65 -14.98 -7.75
H141 QEE R . -8.57 -14.56 -12.94
H191 QEE R . -10.32 -12.95 -18.02
H231 QEE R . -14.11 -14.30 -12.06
H221 QEE R . -13.11 -13.45 -13.95
MN MN S . -9.85 -14.95 -9.51
#